data_1X64
#
_entry.id   1X64
#
loop_
_entity.id
_entity.type
_entity.pdbx_description
1 polymer 'Alpha-actinin-2 associated LIM protein'
2 non-polymer 'ZINC ION'
#
_entity_poly.entity_id   1
_entity_poly.type   'polypeptide(L)'
_entity_poly.pdbx_seq_one_letter_code
;GSSGSSGVRAPVTKVHGGAGSAQRMPLCDKCGSGIVGAVVKARDKYRHPECFVCADCNLNLKQKGYFFVEGELYCETHAR
ARTSGPSSG
;
_entity_poly.pdbx_strand_id   A
#
# COMPACT_ATOMS: atom_id res chain seq x y z
N GLY A 1 8.06 -49.39 -2.06
CA GLY A 1 7.43 -48.71 -0.95
C GLY A 1 8.42 -47.93 -0.11
N SER A 2 8.04 -46.71 0.28
CA SER A 2 8.90 -45.86 1.09
C SER A 2 8.53 -45.96 2.56
N SER A 3 7.25 -45.80 2.86
CA SER A 3 6.76 -45.87 4.23
C SER A 3 7.56 -44.93 5.14
N GLY A 4 7.87 -43.74 4.62
CA GLY A 4 8.63 -42.77 5.40
C GLY A 4 7.75 -41.69 5.98
N SER A 5 8.37 -40.77 6.72
CA SER A 5 7.63 -39.67 7.34
C SER A 5 8.49 -38.42 7.42
N SER A 6 7.84 -37.26 7.30
CA SER A 6 8.54 -35.98 7.35
C SER A 6 7.81 -34.99 8.25
N GLY A 7 8.43 -33.83 8.47
CA GLY A 7 7.83 -32.82 9.31
C GLY A 7 8.70 -31.59 9.47
N VAL A 8 8.14 -30.44 9.13
CA VAL A 8 8.88 -29.17 9.22
C VAL A 8 7.94 -28.01 9.50
N ARG A 9 8.42 -27.06 10.31
CA ARG A 9 7.62 -25.89 10.66
C ARG A 9 8.50 -24.67 10.87
N ALA A 10 8.38 -23.69 9.99
CA ALA A 10 9.18 -22.47 10.09
C ALA A 10 8.28 -21.24 10.22
N PRO A 11 8.17 -20.73 11.45
CA PRO A 11 7.35 -19.55 11.75
C PRO A 11 7.93 -18.27 11.16
N VAL A 12 7.19 -17.18 11.28
CA VAL A 12 7.64 -15.89 10.76
C VAL A 12 7.34 -14.77 11.75
N THR A 13 8.13 -13.71 11.68
CA THR A 13 7.94 -12.56 12.57
C THR A 13 8.14 -11.24 11.82
N LYS A 14 7.39 -10.22 12.24
CA LYS A 14 7.48 -8.91 11.61
C LYS A 14 7.94 -7.86 12.61
N VAL A 15 8.58 -6.81 12.11
CA VAL A 15 9.06 -5.72 12.96
C VAL A 15 8.98 -4.38 12.24
N HIS A 16 8.51 -3.36 12.95
CA HIS A 16 8.38 -2.02 12.39
C HIS A 16 8.78 -0.96 13.41
N GLY A 17 9.66 -0.06 13.00
CA GLY A 17 10.11 1.01 13.89
C GLY A 17 11.17 1.89 13.26
N GLY A 18 11.05 3.19 13.48
CA GLY A 18 12.01 4.13 12.91
C GLY A 18 12.10 5.41 13.70
N ALA A 19 13.32 5.86 13.97
CA ALA A 19 13.54 7.09 14.72
C ALA A 19 14.47 8.04 13.98
N GLY A 20 14.18 9.33 14.05
CA GLY A 20 15.02 10.31 13.38
C GLY A 20 14.29 11.62 13.16
N SER A 21 13.89 11.88 11.92
CA SER A 21 13.19 13.11 11.58
C SER A 21 12.21 12.89 10.44
N ALA A 22 11.04 13.52 10.53
CA ALA A 22 10.02 13.38 9.50
C ALA A 22 8.92 14.43 9.68
N GLN A 23 8.04 14.54 8.69
CA GLN A 23 6.94 15.50 8.75
C GLN A 23 5.72 14.90 9.41
N ARG A 24 5.92 13.79 10.12
CA ARG A 24 4.83 13.10 10.81
C ARG A 24 3.71 12.73 9.83
N MET A 25 4.10 12.15 8.70
CA MET A 25 3.14 11.74 7.68
C MET A 25 3.52 10.39 7.09
N PRO A 26 2.50 9.56 6.78
CA PRO A 26 2.70 8.24 6.20
C PRO A 26 3.21 8.31 4.76
N LEU A 27 4.07 7.37 4.39
CA LEU A 27 4.62 7.33 3.05
C LEU A 27 3.92 6.27 2.19
N CYS A 28 3.25 6.72 1.14
CA CYS A 28 2.53 5.82 0.25
C CYS A 28 3.43 4.68 -0.22
N ASP A 29 3.11 3.46 0.18
CA ASP A 29 3.89 2.29 -0.20
C ASP A 29 3.67 1.94 -1.66
N LYS A 30 2.86 2.75 -2.34
CA LYS A 30 2.56 2.53 -3.75
C LYS A 30 3.44 3.41 -4.63
N CYS A 31 3.40 4.71 -4.39
CA CYS A 31 4.20 5.66 -5.16
C CYS A 31 5.27 6.31 -4.29
N GLY A 32 5.50 5.72 -3.11
CA GLY A 32 6.51 6.25 -2.20
C GLY A 32 6.56 7.77 -2.22
N SER A 33 5.40 8.40 -2.11
CA SER A 33 5.33 9.86 -2.13
C SER A 33 4.57 10.37 -0.90
N GLY A 34 5.25 11.19 -0.10
CA GLY A 34 4.62 11.74 1.09
C GLY A 34 3.13 11.96 0.92
N ILE A 35 2.36 11.62 1.95
CA ILE A 35 0.91 11.77 1.91
C ILE A 35 0.47 12.94 2.78
N VAL A 36 -0.30 13.85 2.19
CA VAL A 36 -0.80 15.02 2.92
C VAL A 36 -2.13 15.50 2.34
N GLY A 37 -3.17 15.45 3.16
CA GLY A 37 -4.49 15.87 2.71
C GLY A 37 -5.51 14.76 2.77
N ALA A 38 -5.22 13.64 2.12
CA ALA A 38 -6.12 12.50 2.11
C ALA A 38 -5.36 11.19 1.95
N VAL A 39 -5.59 10.26 2.86
CA VAL A 39 -4.92 8.96 2.82
C VAL A 39 -5.92 7.82 3.05
N VAL A 40 -5.48 6.61 2.75
CA VAL A 40 -6.34 5.43 2.92
C VAL A 40 -5.56 4.29 3.56
N LYS A 41 -5.78 4.08 4.86
CA LYS A 41 -5.11 3.02 5.60
C LYS A 41 -6.08 1.88 5.91
N ALA A 42 -5.72 0.67 5.50
CA ALA A 42 -6.56 -0.50 5.74
C ALA A 42 -6.33 -1.04 7.15
N ARG A 43 -5.26 -1.82 7.31
CA ARG A 43 -4.93 -2.41 8.60
C ARG A 43 -3.86 -1.60 9.31
N ASP A 44 -2.61 -1.78 8.89
CA ASP A 44 -1.50 -1.05 9.49
C ASP A 44 -0.78 -0.19 8.44
N LYS A 45 -0.90 -0.59 7.19
CA LYS A 45 -0.26 0.14 6.10
C LYS A 45 -1.13 1.30 5.64
N TYR A 46 -0.55 2.20 4.85
CA TYR A 46 -1.27 3.36 4.34
C TYR A 46 -1.10 3.49 2.83
N ARG A 47 -2.16 3.94 2.17
CA ARG A 47 -2.14 4.12 0.72
C ARG A 47 -3.00 5.31 0.30
N HIS A 48 -2.54 6.03 -0.71
CA HIS A 48 -3.27 7.19 -1.21
C HIS A 48 -4.71 6.82 -1.57
N PRO A 49 -5.56 7.84 -1.69
CA PRO A 49 -6.98 7.64 -2.03
C PRO A 49 -7.17 7.18 -3.48
N GLU A 50 -6.09 7.25 -4.26
CA GLU A 50 -6.14 6.84 -5.66
C GLU A 50 -5.21 5.66 -5.91
N CYS A 51 -4.16 5.57 -5.10
CA CYS A 51 -3.19 4.50 -5.24
C CYS A 51 -3.77 3.16 -4.78
N PHE A 52 -4.63 3.22 -3.77
CA PHE A 52 -5.25 2.02 -3.23
C PHE A 52 -5.93 1.21 -4.33
N VAL A 53 -5.28 0.14 -4.76
CA VAL A 53 -5.82 -0.71 -5.81
C VAL A 53 -5.22 -2.11 -5.75
N CYS A 54 -5.76 -3.02 -6.55
CA CYS A 54 -5.28 -4.39 -6.58
C CYS A 54 -3.86 -4.47 -7.15
N ALA A 55 -3.22 -5.62 -7.00
CA ALA A 55 -1.87 -5.81 -7.49
C ALA A 55 -1.86 -6.66 -8.76
N ASP A 56 -3.04 -7.12 -9.16
CA ASP A 56 -3.17 -7.94 -10.37
C ASP A 56 -4.00 -7.22 -11.42
N CYS A 57 -5.05 -6.53 -10.99
CA CYS A 57 -5.93 -5.80 -11.89
C CYS A 57 -5.91 -4.32 -11.58
N ASN A 58 -5.34 -3.96 -10.43
CA ASN A 58 -5.26 -2.57 -10.01
C ASN A 58 -6.65 -1.96 -9.85
N LEU A 59 -7.53 -2.70 -9.16
CA LEU A 59 -8.89 -2.25 -8.93
C LEU A 59 -8.99 -1.49 -7.62
N ASN A 60 -9.61 -0.31 -7.66
CA ASN A 60 -9.78 0.52 -6.47
C ASN A 60 -10.46 -0.27 -5.36
N LEU A 61 -9.69 -0.66 -4.35
CA LEU A 61 -10.22 -1.42 -3.22
C LEU A 61 -10.83 -0.49 -2.18
N LYS A 62 -10.48 0.79 -2.26
CA LYS A 62 -10.99 1.79 -1.32
C LYS A 62 -12.44 1.49 -0.95
N GLN A 63 -13.32 1.57 -1.93
CA GLN A 63 -14.74 1.31 -1.70
C GLN A 63 -15.01 -0.18 -1.60
N LYS A 64 -14.35 -0.96 -2.46
CA LYS A 64 -14.52 -2.41 -2.46
C LYS A 64 -13.87 -3.03 -1.23
N GLY A 65 -13.97 -4.35 -1.11
CA GLY A 65 -13.39 -5.05 0.01
C GLY A 65 -11.93 -5.39 -0.20
N TYR A 66 -11.05 -4.62 0.42
CA TYR A 66 -9.61 -4.85 0.29
C TYR A 66 -9.19 -6.16 0.93
N PHE A 67 -8.03 -6.66 0.54
CA PHE A 67 -7.52 -7.91 1.08
C PHE A 67 -6.02 -7.83 1.34
N PHE A 68 -5.52 -8.71 2.20
CA PHE A 68 -4.10 -8.73 2.53
C PHE A 68 -3.53 -10.12 2.35
N VAL A 69 -2.81 -10.33 1.24
CA VAL A 69 -2.20 -11.63 0.95
C VAL A 69 -0.69 -11.51 0.82
N GLU A 70 0.03 -11.96 1.84
CA GLU A 70 1.49 -11.91 1.83
C GLU A 70 1.97 -10.46 1.82
N GLY A 71 1.25 -9.60 2.53
CA GLY A 71 1.63 -8.20 2.59
C GLY A 71 1.03 -7.39 1.46
N GLU A 72 0.89 -8.02 0.29
CA GLU A 72 0.33 -7.35 -0.87
C GLU A 72 -1.19 -7.31 -0.79
N LEU A 73 -1.80 -6.34 -1.47
CA LEU A 73 -3.25 -6.19 -1.48
C LEU A 73 -3.86 -6.88 -2.70
N TYR A 74 -5.17 -7.08 -2.66
CA TYR A 74 -5.88 -7.73 -3.76
C TYR A 74 -7.39 -7.50 -3.64
N CYS A 75 -8.08 -7.61 -4.77
CA CYS A 75 -9.52 -7.43 -4.80
C CYS A 75 -10.25 -8.69 -4.33
N GLU A 76 -11.53 -8.55 -4.00
CA GLU A 76 -12.33 -9.68 -3.54
C GLU A 76 -12.17 -10.87 -4.47
N THR A 77 -12.11 -10.61 -5.78
CA THR A 77 -11.96 -11.66 -6.77
C THR A 77 -10.62 -12.37 -6.63
N HIS A 78 -9.54 -11.66 -6.96
CA HIS A 78 -8.20 -12.22 -6.87
C HIS A 78 -7.91 -12.70 -5.45
N ALA A 79 -8.05 -11.79 -4.49
CA ALA A 79 -7.81 -12.12 -3.09
C ALA A 79 -8.45 -13.45 -2.71
N ARG A 80 -9.75 -13.56 -2.95
CA ARG A 80 -10.48 -14.78 -2.63
C ARG A 80 -9.72 -16.01 -3.12
N ALA A 81 -9.15 -15.92 -4.31
CA ALA A 81 -8.39 -17.01 -4.89
C ALA A 81 -7.14 -17.33 -4.05
N ARG A 82 -6.49 -16.29 -3.56
CA ARG A 82 -5.29 -16.45 -2.75
C ARG A 82 -5.64 -16.98 -1.36
N THR A 83 -6.47 -16.22 -0.65
CA THR A 83 -6.88 -16.61 0.70
C THR A 83 -8.02 -17.62 0.65
N SER A 84 -8.21 -18.25 -0.51
CA SER A 84 -9.26 -19.24 -0.68
C SER A 84 -9.21 -20.30 0.41
N GLY A 85 -10.26 -20.34 1.24
CA GLY A 85 -10.31 -21.31 2.31
C GLY A 85 -9.33 -21.00 3.42
N PRO A 86 -9.54 -19.85 4.09
CA PRO A 86 -8.67 -19.41 5.19
C PRO A 86 -8.83 -20.28 6.44
N SER A 87 -7.90 -20.15 7.37
CA SER A 87 -7.92 -20.92 8.61
C SER A 87 -8.74 -20.20 9.67
N SER A 88 -9.18 -20.96 10.67
CA SER A 88 -9.97 -20.39 11.76
C SER A 88 -9.11 -19.51 12.65
N GLY A 89 -9.38 -18.20 12.60
CA GLY A 89 -8.63 -17.26 13.42
C GLY A 89 -9.52 -16.38 14.27
N GLY A 1 -18.82 -5.45 8.16
CA GLY A 1 -19.07 -6.78 7.68
C GLY A 1 -18.34 -7.84 8.48
N SER A 2 -18.58 -7.86 9.79
CA SER A 2 -17.94 -8.82 10.67
C SER A 2 -18.83 -10.04 10.87
N SER A 3 -18.37 -11.19 10.40
CA SER A 3 -19.13 -12.44 10.51
C SER A 3 -18.21 -13.64 10.45
N GLY A 4 -18.76 -14.82 10.75
CA GLY A 4 -17.97 -16.04 10.71
C GLY A 4 -17.29 -16.32 12.04
N SER A 5 -18.02 -16.92 12.97
CA SER A 5 -17.48 -17.24 14.28
C SER A 5 -17.20 -18.74 14.40
N SER A 6 -15.93 -19.10 14.39
CA SER A 6 -15.52 -20.49 14.51
C SER A 6 -14.15 -20.62 15.16
N GLY A 7 -13.80 -21.85 15.54
CA GLY A 7 -12.51 -22.08 16.17
C GLY A 7 -11.44 -22.50 15.18
N VAL A 8 -10.58 -21.56 14.80
CA VAL A 8 -9.52 -21.85 13.85
C VAL A 8 -8.21 -21.21 14.29
N ARG A 9 -7.25 -22.05 14.67
CA ARG A 9 -5.95 -21.57 15.13
C ARG A 9 -4.89 -21.76 14.05
N ALA A 10 -3.87 -20.89 14.07
CA ALA A 10 -2.80 -20.97 13.09
C ALA A 10 -1.44 -20.69 13.73
N PRO A 11 -0.41 -21.40 13.28
CA PRO A 11 0.95 -21.25 13.80
C PRO A 11 1.57 -19.91 13.39
N VAL A 12 2.74 -19.62 13.95
CA VAL A 12 3.44 -18.38 13.65
C VAL A 12 4.84 -18.65 13.08
N THR A 13 5.17 -17.99 11.98
CA THR A 13 6.46 -18.16 11.34
C THR A 13 7.37 -16.98 11.62
N LYS A 14 8.68 -17.18 11.45
CA LYS A 14 9.65 -16.12 11.68
C LYS A 14 9.43 -14.96 10.72
N VAL A 15 9.46 -13.75 11.26
CA VAL A 15 9.27 -12.55 10.45
C VAL A 15 10.14 -11.40 10.96
N HIS A 16 10.49 -10.50 10.05
CA HIS A 16 11.33 -9.35 10.40
C HIS A 16 11.05 -8.17 9.48
N GLY A 17 11.06 -6.97 10.03
CA GLY A 17 10.81 -5.78 9.24
C GLY A 17 10.33 -4.60 10.09
N GLY A 18 9.59 -3.69 9.47
CA GLY A 18 9.08 -2.54 10.20
C GLY A 18 9.61 -1.23 9.65
N ALA A 19 9.66 -1.14 8.32
CA ALA A 19 10.15 0.07 7.66
C ALA A 19 9.08 1.15 7.63
N GLY A 20 9.49 2.40 7.79
CA GLY A 20 8.56 3.51 7.77
C GLY A 20 7.99 3.81 9.14
N SER A 21 6.68 4.00 9.22
CA SER A 21 6.02 4.30 10.48
C SER A 21 6.48 5.65 11.02
N ALA A 22 6.60 6.64 10.13
CA ALA A 22 7.03 7.97 10.53
C ALA A 22 5.90 8.73 11.21
N GLN A 23 6.25 9.82 11.89
CA GLN A 23 5.28 10.63 12.60
C GLN A 23 4.76 11.76 11.71
N ARG A 24 5.69 12.54 11.15
CA ARG A 24 5.33 13.66 10.28
C ARG A 24 4.13 13.30 9.42
N MET A 25 4.27 12.25 8.61
CA MET A 25 3.20 11.81 7.72
C MET A 25 3.49 10.43 7.15
N PRO A 26 2.43 9.70 6.82
CA PRO A 26 2.54 8.33 6.26
C PRO A 26 3.12 8.34 4.84
N LEU A 27 3.86 7.29 4.52
CA LEU A 27 4.46 7.17 3.19
C LEU A 27 3.74 6.12 2.36
N CYS A 28 3.13 6.57 1.26
CA CYS A 28 2.41 5.66 0.37
C CYS A 28 3.28 4.47 -0.03
N ASP A 29 2.88 3.28 0.42
CA ASP A 29 3.62 2.07 0.11
C ASP A 29 3.47 1.69 -1.36
N LYS A 30 2.72 2.50 -2.09
CA LYS A 30 2.49 2.26 -3.51
C LYS A 30 3.43 3.10 -4.37
N CYS A 31 3.39 4.41 -4.18
CA CYS A 31 4.23 5.33 -4.93
C CYS A 31 5.29 5.96 -4.03
N GLY A 32 5.47 5.38 -2.85
CA GLY A 32 6.44 5.89 -1.91
C GLY A 32 6.52 7.41 -1.91
N SER A 33 5.35 8.05 -1.87
CA SER A 33 5.28 9.50 -1.87
C SER A 33 4.48 10.02 -0.67
N GLY A 34 5.06 10.98 0.04
CA GLY A 34 4.39 11.54 1.20
C GLY A 34 2.91 11.76 0.97
N ILE A 35 2.11 11.53 2.02
CA ILE A 35 0.67 11.70 1.92
C ILE A 35 0.20 12.84 2.81
N VAL A 36 -0.45 13.83 2.21
CA VAL A 36 -0.96 14.98 2.96
C VAL A 36 -2.32 15.42 2.41
N GLY A 37 -3.34 15.33 3.26
CA GLY A 37 -4.67 15.74 2.85
C GLY A 37 -5.66 14.59 2.90
N ALA A 38 -5.32 13.49 2.23
CA ALA A 38 -6.18 12.31 2.18
C ALA A 38 -5.37 11.03 2.09
N VAL A 39 -5.64 10.09 2.98
CA VAL A 39 -4.93 8.81 2.99
C VAL A 39 -5.89 7.65 3.19
N VAL A 40 -5.49 6.47 2.72
CA VAL A 40 -6.31 5.28 2.85
C VAL A 40 -5.53 4.13 3.49
N LYS A 41 -5.76 3.90 4.78
CA LYS A 41 -5.07 2.84 5.50
C LYS A 41 -6.03 1.68 5.79
N ALA A 42 -5.62 0.48 5.39
CA ALA A 42 -6.43 -0.71 5.62
C ALA A 42 -6.23 -1.26 7.03
N ARG A 43 -5.15 -2.02 7.21
CA ARG A 43 -4.84 -2.61 8.51
C ARG A 43 -3.79 -1.79 9.24
N ASP A 44 -2.53 -1.96 8.84
CA ASP A 44 -1.43 -1.23 9.46
C ASP A 44 -0.73 -0.35 8.43
N LYS A 45 -0.80 -0.73 7.16
CA LYS A 45 -0.17 0.03 6.09
C LYS A 45 -1.09 1.16 5.62
N TYR A 46 -0.52 2.09 4.85
CA TYR A 46 -1.29 3.21 4.34
C TYR A 46 -1.12 3.34 2.82
N ARG A 47 -2.18 3.81 2.16
CA ARG A 47 -2.16 3.98 0.71
C ARG A 47 -2.99 5.19 0.29
N HIS A 48 -2.52 5.89 -0.73
CA HIS A 48 -3.22 7.07 -1.22
C HIS A 48 -4.66 6.72 -1.59
N PRO A 49 -5.50 7.76 -1.72
CA PRO A 49 -6.92 7.59 -2.07
C PRO A 49 -7.11 7.13 -3.51
N GLU A 50 -6.04 7.19 -4.29
CA GLU A 50 -6.10 6.77 -5.68
C GLU A 50 -5.18 5.58 -5.94
N CYS A 51 -4.13 5.47 -5.13
CA CYS A 51 -3.18 4.38 -5.26
C CYS A 51 -3.79 3.05 -4.81
N PHE A 52 -4.66 3.12 -3.82
CA PHE A 52 -5.33 1.93 -3.30
C PHE A 52 -6.00 1.14 -4.42
N VAL A 53 -5.35 0.06 -4.85
CA VAL A 53 -5.88 -0.78 -5.91
C VAL A 53 -5.26 -2.17 -5.87
N CYS A 54 -5.81 -3.08 -6.67
CA CYS A 54 -5.32 -4.45 -6.74
C CYS A 54 -3.91 -4.49 -7.34
N ALA A 55 -3.26 -5.64 -7.23
CA ALA A 55 -1.92 -5.81 -7.76
C ALA A 55 -1.93 -6.65 -9.04
N ASP A 56 -3.12 -7.11 -9.41
CA ASP A 56 -3.28 -7.91 -10.62
C ASP A 56 -4.15 -7.21 -11.64
N CYS A 57 -5.20 -6.54 -11.16
CA CYS A 57 -6.12 -5.82 -12.03
C CYS A 57 -6.12 -4.33 -11.71
N ASN A 58 -5.48 -3.98 -10.60
CA ASN A 58 -5.40 -2.58 -10.18
C ASN A 58 -6.79 -2.01 -9.95
N LEU A 59 -7.64 -2.76 -9.26
CA LEU A 59 -9.00 -2.33 -8.97
C LEU A 59 -9.07 -1.60 -7.63
N ASN A 60 -9.75 -0.46 -7.60
CA ASN A 60 -9.90 0.32 -6.38
C ASN A 60 -10.43 -0.55 -5.24
N LEU A 61 -9.55 -0.84 -4.28
CA LEU A 61 -9.93 -1.66 -3.13
C LEU A 61 -10.42 -0.79 -1.98
N LYS A 62 -10.72 0.47 -2.28
CA LYS A 62 -11.21 1.41 -1.27
C LYS A 62 -12.58 0.99 -0.75
N GLN A 63 -13.58 1.02 -1.62
CA GLN A 63 -14.93 0.64 -1.25
C GLN A 63 -15.07 -0.87 -1.18
N LYS A 64 -14.43 -1.57 -2.11
CA LYS A 64 -14.48 -3.03 -2.15
C LYS A 64 -13.64 -3.63 -1.02
N GLY A 65 -14.10 -4.75 -0.49
CA GLY A 65 -13.39 -5.42 0.59
C GLY A 65 -11.95 -5.72 0.22
N TYR A 66 -11.03 -4.91 0.72
CA TYR A 66 -9.61 -5.10 0.44
C TYR A 66 -9.11 -6.43 1.01
N PHE A 67 -7.91 -6.83 0.59
CA PHE A 67 -7.32 -8.07 1.07
C PHE A 67 -5.81 -7.93 1.24
N PHE A 68 -5.25 -8.78 2.10
CA PHE A 68 -3.81 -8.74 2.36
C PHE A 68 -3.18 -10.11 2.14
N VAL A 69 -2.50 -10.27 1.01
CA VAL A 69 -1.86 -11.53 0.68
C VAL A 69 -0.35 -11.36 0.52
N GLU A 70 0.40 -11.80 1.52
CA GLU A 70 1.85 -11.69 1.49
C GLU A 70 2.29 -10.23 1.45
N GLY A 71 1.58 -9.39 2.19
CA GLY A 71 1.90 -7.97 2.23
C GLY A 71 1.24 -7.21 1.11
N GLU A 72 1.07 -7.85 -0.04
CA GLU A 72 0.45 -7.21 -1.20
C GLU A 72 -1.08 -7.21 -1.06
N LEU A 73 -1.72 -6.28 -1.75
CA LEU A 73 -3.17 -6.17 -1.71
C LEU A 73 -3.81 -6.86 -2.92
N TYR A 74 -5.11 -7.11 -2.83
CA TYR A 74 -5.83 -7.76 -3.92
C TYR A 74 -7.34 -7.61 -3.74
N CYS A 75 -8.06 -7.66 -4.86
CA CYS A 75 -9.52 -7.52 -4.83
C CYS A 75 -10.17 -8.81 -4.33
N GLU A 76 -11.46 -8.71 -3.99
CA GLU A 76 -12.20 -9.86 -3.50
C GLU A 76 -12.03 -11.06 -4.43
N THR A 77 -12.03 -10.79 -5.73
CA THR A 77 -11.88 -11.84 -6.73
C THR A 77 -10.51 -12.50 -6.63
N HIS A 78 -9.47 -11.77 -7.00
CA HIS A 78 -8.11 -12.28 -6.95
C HIS A 78 -7.75 -12.74 -5.55
N ALA A 79 -7.90 -11.84 -4.58
CA ALA A 79 -7.60 -12.17 -3.18
C ALA A 79 -8.16 -13.53 -2.80
N ARG A 80 -9.46 -13.70 -3.00
CA ARG A 80 -10.12 -14.96 -2.67
C ARG A 80 -9.33 -16.14 -3.22
N ALA A 81 -8.84 -16.01 -4.45
CA ALA A 81 -8.07 -17.07 -5.08
C ALA A 81 -6.76 -17.32 -4.33
N ARG A 82 -6.23 -16.27 -3.72
CA ARG A 82 -4.98 -16.38 -2.97
C ARG A 82 -5.23 -16.92 -1.57
N THR A 83 -5.98 -16.17 -0.78
CA THR A 83 -6.30 -16.58 0.59
C THR A 83 -7.16 -17.83 0.61
N SER A 84 -8.06 -17.94 -0.36
CA SER A 84 -8.94 -19.10 -0.45
C SER A 84 -9.75 -19.28 0.83
N GLY A 85 -10.23 -18.17 1.37
CA GLY A 85 -11.01 -18.23 2.60
C GLY A 85 -10.33 -17.52 3.75
N PRO A 86 -10.55 -16.20 3.86
CA PRO A 86 -9.96 -15.38 4.92
C PRO A 86 -10.55 -15.69 6.29
N SER A 87 -11.41 -16.70 6.34
CA SER A 87 -12.05 -17.10 7.60
C SER A 87 -11.10 -16.89 8.78
N SER A 88 -9.85 -17.30 8.59
CA SER A 88 -8.84 -17.16 9.65
C SER A 88 -8.56 -15.70 9.94
N GLY A 89 -8.38 -14.91 8.88
CA GLY A 89 -8.10 -13.49 9.04
C GLY A 89 -9.00 -12.63 8.19
N GLY A 1 -10.82 57.61 20.80
CA GLY A 1 -10.93 56.34 21.51
C GLY A 1 -10.99 55.15 20.58
N SER A 2 -9.94 54.97 19.78
CA SER A 2 -9.88 53.87 18.84
C SER A 2 -9.58 52.55 19.55
N SER A 3 -10.29 51.50 19.17
CA SER A 3 -10.10 50.19 19.79
C SER A 3 -9.07 49.37 19.00
N GLY A 4 -9.30 49.23 17.70
CA GLY A 4 -8.38 48.48 16.86
C GLY A 4 -8.73 47.01 16.81
N SER A 5 -8.16 46.29 15.85
CA SER A 5 -8.42 44.86 15.69
C SER A 5 -7.13 44.07 15.81
N SER A 6 -7.21 42.90 16.45
CA SER A 6 -6.04 42.05 16.63
C SER A 6 -6.46 40.57 16.64
N GLY A 7 -5.62 39.73 16.04
CA GLY A 7 -5.90 38.31 15.99
C GLY A 7 -4.74 37.46 16.46
N VAL A 8 -5.00 36.19 16.71
CA VAL A 8 -3.96 35.26 17.16
C VAL A 8 -3.90 34.02 16.29
N ARG A 9 -2.90 33.18 16.52
CA ARG A 9 -2.74 31.96 15.75
C ARG A 9 -2.34 30.79 16.66
N ALA A 10 -2.86 29.61 16.36
CA ALA A 10 -2.56 28.42 17.15
C ALA A 10 -2.56 27.17 16.27
N PRO A 11 -1.36 26.65 15.97
CA PRO A 11 -1.20 25.46 15.15
C PRO A 11 -1.69 24.19 15.85
N VAL A 12 -1.71 23.08 15.12
CA VAL A 12 -2.15 21.81 15.68
C VAL A 12 -1.15 20.70 15.38
N THR A 13 -0.61 20.10 16.43
CA THR A 13 0.36 19.03 16.28
C THR A 13 -0.14 17.73 16.91
N LYS A 14 0.56 16.63 16.64
CA LYS A 14 0.18 15.34 17.17
C LYS A 14 1.41 14.56 17.64
N VAL A 15 1.20 13.61 18.55
CA VAL A 15 2.30 12.80 19.07
C VAL A 15 1.95 11.32 19.03
N HIS A 16 2.72 10.55 18.29
CA HIS A 16 2.50 9.12 18.17
C HIS A 16 3.80 8.38 17.84
N GLY A 17 4.34 7.67 18.82
CA GLY A 17 5.57 6.94 18.62
C GLY A 17 5.45 5.47 18.99
N GLY A 18 6.45 4.68 18.61
CA GLY A 18 6.42 3.26 18.92
C GLY A 18 7.82 2.69 19.11
N ALA A 19 8.68 3.44 19.76
CA ALA A 19 10.05 3.00 20.01
C ALA A 19 10.80 2.77 18.69
N GLY A 20 10.60 3.68 17.74
CA GLY A 20 11.25 3.55 16.45
C GLY A 20 11.19 4.84 15.65
N SER A 21 11.13 4.71 14.33
CA SER A 21 11.08 5.86 13.44
C SER A 21 9.93 6.79 13.83
N ALA A 22 10.08 8.07 13.53
CA ALA A 22 9.06 9.06 13.84
C ALA A 22 8.77 9.96 12.64
N GLN A 23 7.60 9.80 12.04
CA GLN A 23 7.21 10.60 10.89
C GLN A 23 5.86 11.27 11.13
N ARG A 24 5.77 12.54 10.72
CA ARG A 24 4.53 13.30 10.88
C ARG A 24 3.60 13.08 9.70
N MET A 25 4.02 12.23 8.77
CA MET A 25 3.22 11.94 7.59
C MET A 25 3.54 10.54 7.05
N PRO A 26 2.48 9.77 6.76
CA PRO A 26 2.61 8.40 6.24
C PRO A 26 3.14 8.39 4.80
N LEU A 27 3.98 7.40 4.50
CA LEU A 27 4.56 7.28 3.17
C LEU A 27 3.82 6.23 2.35
N CYS A 28 3.16 6.66 1.29
CA CYS A 28 2.40 5.76 0.43
C CYS A 28 3.27 4.59 -0.02
N ASP A 29 2.91 3.39 0.40
CA ASP A 29 3.65 2.18 0.05
C ASP A 29 3.46 1.84 -1.43
N LYS A 30 2.66 2.66 -2.11
CA LYS A 30 2.39 2.44 -3.53
C LYS A 30 3.29 3.32 -4.40
N CYS A 31 3.24 4.62 -4.17
CA CYS A 31 4.05 5.57 -4.92
C CYS A 31 5.13 6.19 -4.04
N GLY A 32 5.36 5.58 -2.88
CA GLY A 32 6.37 6.09 -1.96
C GLY A 32 6.43 7.61 -1.95
N SER A 33 5.27 8.24 -1.94
CA SER A 33 5.21 9.70 -1.95
C SER A 33 4.39 10.21 -0.76
N GLY A 34 5.00 11.10 0.02
CA GLY A 34 4.32 11.66 1.18
C GLY A 34 2.83 11.79 0.97
N ILE A 35 2.06 11.63 2.04
CA ILE A 35 0.61 11.74 1.97
C ILE A 35 0.10 12.85 2.87
N VAL A 36 -0.47 13.89 2.26
CA VAL A 36 -1.00 15.03 2.99
C VAL A 36 -2.36 15.44 2.46
N GLY A 37 -3.41 15.21 3.25
CA GLY A 37 -4.75 15.57 2.84
C GLY A 37 -5.71 14.41 2.91
N ALA A 38 -5.45 13.37 2.12
CA ALA A 38 -6.29 12.19 2.10
C ALA A 38 -5.45 10.91 2.00
N VAL A 39 -5.71 9.97 2.91
CA VAL A 39 -4.98 8.71 2.92
C VAL A 39 -5.92 7.54 3.18
N VAL A 40 -5.45 6.33 2.89
CA VAL A 40 -6.25 5.13 3.10
C VAL A 40 -5.42 4.02 3.75
N LYS A 41 -5.62 3.83 5.05
CA LYS A 41 -4.89 2.81 5.79
C LYS A 41 -5.82 1.65 6.15
N ALA A 42 -5.47 0.46 5.69
CA ALA A 42 -6.27 -0.73 5.96
C ALA A 42 -5.96 -1.28 7.35
N ARG A 43 -4.86 -2.00 7.47
CA ARG A 43 -4.46 -2.58 8.75
C ARG A 43 -3.41 -1.70 9.44
N ASP A 44 -2.15 -1.86 9.02
CA ASP A 44 -1.06 -1.08 9.60
C ASP A 44 -0.40 -0.20 8.54
N LYS A 45 -0.59 -0.56 7.28
CA LYS A 45 -0.01 0.19 6.17
C LYS A 45 -0.96 1.30 5.72
N TYR A 46 -0.44 2.22 4.91
CA TYR A 46 -1.23 3.33 4.41
C TYR A 46 -1.10 3.46 2.90
N ARG A 47 -2.18 3.90 2.25
CA ARG A 47 -2.18 4.07 0.80
C ARG A 47 -3.07 5.23 0.39
N HIS A 48 -2.65 5.96 -0.64
CA HIS A 48 -3.41 7.10 -1.13
C HIS A 48 -4.83 6.68 -1.49
N PRO A 49 -5.73 7.69 -1.61
CA PRO A 49 -7.13 7.44 -1.95
C PRO A 49 -7.31 6.98 -3.39
N GLU A 50 -6.25 7.10 -4.18
CA GLU A 50 -6.29 6.69 -5.58
C GLU A 50 -5.30 5.56 -5.84
N CYS A 51 -4.30 5.43 -4.98
CA CYS A 51 -3.30 4.39 -5.12
C CYS A 51 -3.84 3.04 -4.67
N PHE A 52 -4.66 3.06 -3.63
CA PHE A 52 -5.25 1.82 -3.10
C PHE A 52 -5.95 1.04 -4.21
N VAL A 53 -5.29 -0.01 -4.68
CA VAL A 53 -5.84 -0.85 -5.74
C VAL A 53 -5.24 -2.24 -5.71
N CYS A 54 -5.73 -3.12 -6.58
CA CYS A 54 -5.24 -4.48 -6.66
C CYS A 54 -3.84 -4.54 -7.27
N ALA A 55 -3.20 -5.69 -7.19
CA ALA A 55 -1.86 -5.87 -7.74
C ALA A 55 -1.90 -6.70 -9.01
N ASP A 56 -3.06 -7.26 -9.32
CA ASP A 56 -3.22 -8.08 -10.52
C ASP A 56 -4.06 -7.34 -11.55
N CYS A 57 -5.10 -6.66 -11.10
CA CYS A 57 -5.99 -5.91 -11.98
C CYS A 57 -5.93 -4.41 -11.68
N ASN A 58 -5.36 -4.07 -10.53
CA ASN A 58 -5.25 -2.68 -10.12
C ASN A 58 -6.63 -2.05 -9.95
N LEU A 59 -7.56 -2.81 -9.39
CA LEU A 59 -8.92 -2.32 -9.19
C LEU A 59 -9.03 -1.58 -7.86
N ASN A 60 -9.94 -0.60 -7.81
CA ASN A 60 -10.15 0.17 -6.59
C ASN A 60 -10.61 -0.72 -5.44
N LEU A 61 -9.79 -0.79 -4.40
CA LEU A 61 -10.12 -1.61 -3.23
C LEU A 61 -10.74 -0.75 -2.12
N LYS A 62 -10.38 0.53 -2.11
CA LYS A 62 -10.90 1.45 -1.11
C LYS A 62 -12.34 1.12 -0.74
N GLN A 63 -13.24 1.27 -1.72
CA GLN A 63 -14.65 0.99 -1.50
C GLN A 63 -14.91 -0.52 -1.52
N LYS A 64 -14.25 -1.21 -2.45
CA LYS A 64 -14.42 -2.66 -2.59
C LYS A 64 -13.76 -3.39 -1.41
N GLY A 65 -13.87 -4.71 -1.42
CA GLY A 65 -13.28 -5.50 -0.35
C GLY A 65 -11.79 -5.71 -0.54
N TYR A 66 -11.00 -5.02 0.28
CA TYR A 66 -9.55 -5.13 0.20
C TYR A 66 -9.06 -6.43 0.85
N PHE A 67 -7.90 -6.90 0.41
CA PHE A 67 -7.32 -8.12 0.95
C PHE A 67 -5.81 -7.98 1.14
N PHE A 68 -5.23 -8.88 1.91
CA PHE A 68 -3.79 -8.85 2.18
C PHE A 68 -3.18 -10.24 1.99
N VAL A 69 -2.50 -10.43 0.87
CA VAL A 69 -1.86 -11.71 0.57
C VAL A 69 -0.36 -11.54 0.37
N GLU A 70 0.42 -12.00 1.35
CA GLU A 70 1.86 -11.91 1.30
C GLU A 70 2.31 -10.45 1.30
N GLY A 71 1.63 -9.63 2.09
CA GLY A 71 1.97 -8.22 2.17
C GLY A 71 1.31 -7.40 1.07
N GLU A 72 1.15 -8.01 -0.10
CA GLU A 72 0.53 -7.32 -1.23
C GLU A 72 -0.99 -7.32 -1.11
N LEU A 73 -1.62 -6.32 -1.70
CA LEU A 73 -3.07 -6.19 -1.65
C LEU A 73 -3.72 -6.87 -2.86
N TYR A 74 -5.01 -7.13 -2.78
CA TYR A 74 -5.74 -7.78 -3.85
C TYR A 74 -7.25 -7.56 -3.70
N CYS A 75 -7.98 -7.70 -4.80
CA CYS A 75 -9.42 -7.52 -4.80
C CYS A 75 -10.12 -8.79 -4.31
N GLU A 76 -11.38 -8.65 -3.92
CA GLU A 76 -12.16 -9.78 -3.43
C GLU A 76 -12.05 -10.97 -4.39
N THR A 77 -12.03 -10.67 -5.68
CA THR A 77 -11.94 -11.72 -6.69
C THR A 77 -10.60 -12.44 -6.61
N HIS A 78 -9.53 -11.74 -6.99
CA HIS A 78 -8.18 -12.32 -6.95
C HIS A 78 -7.84 -12.82 -5.55
N ALA A 79 -7.94 -11.93 -4.57
CA ALA A 79 -7.63 -12.28 -3.19
C ALA A 79 -8.26 -13.61 -2.81
N ARG A 80 -9.57 -13.72 -2.99
CA ARG A 80 -10.29 -14.94 -2.67
C ARG A 80 -9.56 -16.16 -3.23
N ALA A 81 -9.06 -16.04 -4.46
CA ALA A 81 -8.34 -17.13 -5.09
C ALA A 81 -7.04 -17.44 -4.36
N ARG A 82 -6.44 -16.41 -3.76
CA ARG A 82 -5.20 -16.58 -3.02
C ARG A 82 -5.46 -17.15 -1.64
N THR A 83 -6.15 -16.39 -0.80
CA THR A 83 -6.47 -16.82 0.55
C THR A 83 -7.44 -17.99 0.55
N SER A 84 -8.45 -17.90 -0.33
CA SER A 84 -9.45 -18.96 -0.42
C SER A 84 -10.05 -19.28 0.94
N GLY A 85 -10.29 -18.24 1.73
CA GLY A 85 -10.85 -18.43 3.06
C GLY A 85 -10.23 -17.52 4.09
N PRO A 86 -10.55 -16.21 3.99
CA PRO A 86 -10.03 -15.20 4.92
C PRO A 86 -10.61 -15.34 6.32
N SER A 87 -11.44 -16.36 6.51
CA SER A 87 -12.07 -16.61 7.81
C SER A 87 -11.23 -17.56 8.65
N SER A 88 -10.76 -17.08 9.79
CA SER A 88 -9.94 -17.88 10.69
C SER A 88 -10.78 -18.98 11.35
N GLY A 89 -10.29 -20.21 11.27
CA GLY A 89 -11.00 -21.34 11.86
C GLY A 89 -10.79 -21.44 13.35
N GLY A 1 -19.44 -0.40 -11.93
CA GLY A 1 -19.70 -1.66 -12.59
C GLY A 1 -18.79 -1.91 -13.77
N SER A 2 -17.51 -2.10 -13.49
CA SER A 2 -16.52 -2.35 -14.54
C SER A 2 -16.67 -3.76 -15.11
N SER A 3 -17.02 -3.83 -16.39
CA SER A 3 -17.20 -5.12 -17.06
C SER A 3 -15.88 -5.61 -17.66
N GLY A 4 -15.79 -6.92 -17.87
CA GLY A 4 -14.58 -7.50 -18.43
C GLY A 4 -13.79 -8.30 -17.41
N SER A 5 -13.59 -9.58 -17.69
CA SER A 5 -12.84 -10.45 -16.80
C SER A 5 -12.22 -11.61 -17.55
N SER A 6 -10.92 -11.80 -17.37
CA SER A 6 -10.19 -12.88 -18.04
C SER A 6 -9.27 -13.60 -17.07
N GLY A 7 -8.62 -14.65 -17.57
CA GLY A 7 -7.71 -15.42 -16.73
C GLY A 7 -6.25 -15.16 -17.07
N VAL A 8 -5.50 -14.65 -16.10
CA VAL A 8 -4.09 -14.35 -16.31
C VAL A 8 -3.23 -14.99 -15.22
N ARG A 9 -1.92 -14.96 -15.42
CA ARG A 9 -0.99 -15.55 -14.46
C ARG A 9 0.36 -14.84 -14.50
N ALA A 10 0.75 -14.23 -13.39
CA ALA A 10 2.02 -13.52 -13.30
C ALA A 10 2.99 -14.23 -12.36
N PRO A 11 4.28 -14.18 -12.69
CA PRO A 11 5.33 -14.81 -11.89
C PRO A 11 5.54 -14.10 -10.55
N VAL A 12 5.96 -14.86 -9.55
CA VAL A 12 6.20 -14.31 -8.22
C VAL A 12 7.43 -14.94 -7.57
N THR A 13 8.13 -14.16 -6.76
CA THR A 13 9.33 -14.64 -6.08
C THR A 13 9.36 -14.18 -4.63
N LYS A 14 9.82 -15.06 -3.74
CA LYS A 14 9.90 -14.74 -2.32
C LYS A 14 10.97 -13.68 -2.06
N VAL A 15 10.73 -12.82 -1.08
CA VAL A 15 11.68 -11.77 -0.73
C VAL A 15 11.49 -11.33 0.72
N HIS A 16 12.62 -11.15 1.42
CA HIS A 16 12.58 -10.73 2.81
C HIS A 16 12.52 -9.21 2.93
N GLY A 17 11.35 -8.69 3.30
CA GLY A 17 11.19 -7.26 3.44
C GLY A 17 10.40 -6.88 4.67
N GLY A 18 10.59 -5.65 5.14
CA GLY A 18 9.87 -5.19 6.33
C GLY A 18 10.65 -4.14 7.09
N ALA A 19 10.38 -2.87 6.79
CA ALA A 19 11.06 -1.77 7.45
C ALA A 19 10.10 -0.63 7.76
N GLY A 20 10.53 0.30 8.60
CA GLY A 20 9.69 1.43 8.96
C GLY A 20 10.47 2.55 9.61
N SER A 21 10.33 3.76 9.08
CA SER A 21 11.03 4.91 9.61
C SER A 21 10.04 5.94 10.18
N ALA A 22 10.48 6.68 11.19
CA ALA A 22 9.64 7.69 11.82
C ALA A 22 9.47 8.90 10.91
N GLN A 23 8.24 9.39 10.82
CA GLN A 23 7.94 10.56 9.98
C GLN A 23 6.70 11.28 10.48
N ARG A 24 6.54 12.53 10.06
CA ARG A 24 5.40 13.33 10.47
C ARG A 24 4.16 12.96 9.66
N MET A 25 4.30 11.97 8.78
CA MET A 25 3.19 11.52 7.96
C MET A 25 3.51 10.20 7.28
N PRO A 26 2.47 9.42 6.97
CA PRO A 26 2.63 8.11 6.32
C PRO A 26 3.09 8.24 4.87
N LEU A 27 3.96 7.33 4.45
CA LEU A 27 4.48 7.33 3.09
C LEU A 27 3.79 6.27 2.24
N CYS A 28 3.12 6.71 1.18
CA CYS A 28 2.42 5.79 0.28
C CYS A 28 3.35 4.68 -0.20
N ASP A 29 3.02 3.45 0.16
CA ASP A 29 3.83 2.29 -0.23
C ASP A 29 3.62 1.96 -1.71
N LYS A 30 2.80 2.77 -2.38
CA LYS A 30 2.50 2.55 -3.80
C LYS A 30 3.37 3.46 -4.67
N CYS A 31 3.31 4.76 -4.40
CA CYS A 31 4.10 5.73 -5.16
C CYS A 31 5.16 6.37 -4.28
N GLY A 32 5.39 5.79 -3.10
CA GLY A 32 6.39 6.32 -2.20
C GLY A 32 6.39 7.83 -2.16
N SER A 33 5.21 8.42 -2.08
CA SER A 33 5.08 9.87 -2.04
C SER A 33 4.34 10.33 -0.78
N GLY A 34 4.94 11.27 -0.05
CA GLY A 34 4.32 11.76 1.16
C GLY A 34 2.83 11.91 1.03
N ILE A 35 2.10 11.56 2.10
CA ILE A 35 0.65 11.67 2.09
C ILE A 35 0.17 12.78 3.03
N VAL A 36 -0.45 13.81 2.45
CA VAL A 36 -0.95 14.93 3.24
C VAL A 36 -2.27 15.44 2.68
N GLY A 37 -3.34 15.27 3.45
CA GLY A 37 -4.65 15.71 3.02
C GLY A 37 -5.67 14.59 3.01
N ALA A 38 -5.31 13.47 2.41
CA ALA A 38 -6.20 12.31 2.33
C ALA A 38 -5.42 11.03 2.11
N VAL A 39 -5.64 10.04 2.97
CA VAL A 39 -4.96 8.76 2.86
C VAL A 39 -5.93 7.60 3.10
N VAL A 40 -5.49 6.40 2.75
CA VAL A 40 -6.31 5.20 2.92
C VAL A 40 -5.51 4.07 3.56
N LYS A 41 -5.73 3.87 4.86
CA LYS A 41 -5.02 2.82 5.59
C LYS A 41 -5.95 1.64 5.87
N ALA A 42 -5.54 0.46 5.44
CA ALA A 42 -6.33 -0.75 5.65
C ALA A 42 -6.11 -1.32 7.05
N ARG A 43 -5.03 -2.08 7.20
CA ARG A 43 -4.70 -2.70 8.49
C ARG A 43 -3.62 -1.89 9.21
N ASP A 44 -2.37 -2.06 8.77
CA ASP A 44 -1.26 -1.35 9.38
C ASP A 44 -0.57 -0.44 8.35
N LYS A 45 -0.70 -0.79 7.08
CA LYS A 45 -0.10 0.00 6.00
C LYS A 45 -1.04 1.10 5.55
N TYR A 46 -0.49 2.07 4.82
CA TYR A 46 -1.29 3.18 4.32
C TYR A 46 -1.16 3.32 2.80
N ARG A 47 -2.21 3.82 2.17
CA ARG A 47 -2.22 3.99 0.72
C ARG A 47 -3.08 5.18 0.32
N HIS A 48 -2.61 5.93 -0.68
CA HIS A 48 -3.35 7.10 -1.15
C HIS A 48 -4.78 6.73 -1.52
N PRO A 49 -5.64 7.75 -1.62
CA PRO A 49 -7.06 7.56 -1.96
C PRO A 49 -7.25 7.12 -3.42
N GLU A 50 -6.17 7.20 -4.20
CA GLU A 50 -6.23 6.81 -5.60
C GLU A 50 -5.29 5.64 -5.87
N CYS A 51 -4.24 5.53 -5.07
CA CYS A 51 -3.26 4.46 -5.22
C CYS A 51 -3.84 3.12 -4.77
N PHE A 52 -4.68 3.17 -3.74
CA PHE A 52 -5.31 1.97 -3.21
C PHE A 52 -5.98 1.17 -4.31
N VAL A 53 -5.33 0.10 -4.75
CA VAL A 53 -5.88 -0.75 -5.81
C VAL A 53 -5.24 -2.13 -5.79
N CYS A 54 -5.76 -3.03 -6.61
CA CYS A 54 -5.25 -4.40 -6.69
C CYS A 54 -3.85 -4.41 -7.28
N ALA A 55 -3.16 -5.54 -7.14
CA ALA A 55 -1.81 -5.69 -7.66
C ALA A 55 -1.81 -6.54 -8.93
N ASP A 56 -2.98 -6.98 -9.34
CA ASP A 56 -3.11 -7.80 -10.55
C ASP A 56 -3.96 -7.10 -11.59
N CYS A 57 -5.03 -6.45 -11.14
CA CYS A 57 -5.92 -5.74 -12.05
C CYS A 57 -5.94 -4.24 -11.74
N ASN A 58 -5.40 -3.88 -10.57
CA ASN A 58 -5.35 -2.49 -10.16
C ASN A 58 -6.76 -1.93 -9.95
N LEU A 59 -7.61 -2.71 -9.29
CA LEU A 59 -8.99 -2.29 -9.03
C LEU A 59 -9.08 -1.54 -7.70
N ASN A 60 -9.83 -0.44 -7.71
CA ASN A 60 -10.00 0.37 -6.51
C ASN A 60 -10.63 -0.45 -5.38
N LEU A 61 -9.82 -0.83 -4.40
CA LEU A 61 -10.30 -1.60 -3.27
C LEU A 61 -10.90 -0.70 -2.19
N LYS A 62 -10.59 0.59 -2.28
CA LYS A 62 -11.10 1.57 -1.32
C LYS A 62 -12.53 1.23 -0.91
N GLN A 63 -13.45 1.32 -1.86
CA GLN A 63 -14.85 1.03 -1.59
C GLN A 63 -15.08 -0.48 -1.48
N LYS A 64 -14.41 -1.24 -2.33
CA LYS A 64 -14.55 -2.69 -2.32
C LYS A 64 -13.84 -3.30 -1.11
N GLY A 65 -13.93 -4.62 -0.98
CA GLY A 65 -13.30 -5.29 0.14
C GLY A 65 -11.84 -5.60 -0.12
N TYR A 66 -10.96 -4.80 0.47
CA TYR A 66 -9.52 -4.99 0.29
C TYR A 66 -9.07 -6.31 0.91
N PHE A 67 -7.87 -6.75 0.54
CA PHE A 67 -7.32 -8.00 1.05
C PHE A 67 -5.84 -7.84 1.39
N PHE A 68 -5.24 -8.90 1.92
CA PHE A 68 -3.83 -8.88 2.28
C PHE A 68 -3.20 -10.26 2.11
N VAL A 69 -2.45 -10.44 1.03
CA VAL A 69 -1.80 -11.71 0.75
C VAL A 69 -0.33 -11.52 0.42
N GLU A 70 0.54 -12.16 1.19
CA GLU A 70 1.99 -12.06 0.97
C GLU A 70 2.44 -10.60 1.03
N GLY A 71 1.87 -9.86 1.97
CA GLY A 71 2.23 -8.45 2.12
C GLY A 71 1.79 -7.61 0.93
N GLU A 72 0.86 -8.15 0.14
CA GLU A 72 0.36 -7.44 -1.02
C GLU A 72 -1.16 -7.36 -0.99
N LEU A 73 -1.71 -6.32 -1.63
CA LEU A 73 -3.15 -6.13 -1.67
C LEU A 73 -3.75 -6.77 -2.91
N TYR A 74 -5.04 -7.10 -2.84
CA TYR A 74 -5.73 -7.74 -3.96
C TYR A 74 -7.24 -7.58 -3.82
N CYS A 75 -7.94 -7.63 -4.94
CA CYS A 75 -9.40 -7.50 -4.95
C CYS A 75 -10.07 -8.78 -4.45
N GLU A 76 -11.35 -8.68 -4.13
CA GLU A 76 -12.10 -9.83 -3.65
C GLU A 76 -11.92 -11.03 -4.56
N THR A 77 -11.86 -10.78 -5.86
CA THR A 77 -11.69 -11.83 -6.84
C THR A 77 -10.31 -12.48 -6.73
N HIS A 78 -9.28 -11.73 -7.13
CA HIS A 78 -7.91 -12.23 -7.07
C HIS A 78 -7.55 -12.66 -5.65
N ALA A 79 -7.71 -11.75 -4.70
CA ALA A 79 -7.40 -12.04 -3.30
C ALA A 79 -7.97 -13.38 -2.88
N ARG A 80 -9.27 -13.56 -3.09
CA ARG A 80 -9.93 -14.81 -2.74
C ARG A 80 -9.13 -16.01 -3.19
N ALA A 81 -8.58 -15.92 -4.40
CA ALA A 81 -7.78 -17.00 -4.97
C ALA A 81 -6.49 -17.19 -4.18
N ARG A 82 -5.96 -16.10 -3.64
CA ARG A 82 -4.72 -16.15 -2.87
C ARG A 82 -5.00 -16.54 -1.42
N THR A 83 -6.27 -16.45 -1.03
CA THR A 83 -6.68 -16.78 0.34
C THR A 83 -8.09 -17.36 0.36
N SER A 84 -8.17 -18.69 0.48
CA SER A 84 -9.47 -19.35 0.52
C SER A 84 -9.74 -19.94 1.90
N GLY A 85 -10.62 -19.29 2.65
CA GLY A 85 -10.95 -19.76 3.99
C GLY A 85 -11.53 -18.66 4.85
N PRO A 86 -10.75 -17.59 5.06
CA PRO A 86 -11.16 -16.45 5.88
C PRO A 86 -12.27 -15.63 5.22
N SER A 87 -13.23 -15.20 6.03
CA SER A 87 -14.35 -14.40 5.52
C SER A 87 -13.86 -13.15 4.80
N SER A 88 -14.78 -12.43 4.19
CA SER A 88 -14.44 -11.21 3.46
C SER A 88 -14.49 -10.00 4.37
N GLY A 89 -15.65 -9.79 5.01
CA GLY A 89 -15.80 -8.66 5.91
C GLY A 89 -15.94 -7.35 5.16
N GLY A 1 28.38 -31.97 -18.01
CA GLY A 1 29.18 -30.76 -17.90
C GLY A 1 28.85 -29.95 -16.66
N SER A 2 29.74 -29.04 -16.29
CA SER A 2 29.54 -28.21 -15.11
C SER A 2 30.40 -26.94 -15.19
N SER A 3 29.95 -25.88 -14.54
CA SER A 3 30.67 -24.62 -14.53
C SER A 3 30.15 -23.71 -13.42
N GLY A 4 31.00 -22.77 -13.00
CA GLY A 4 30.62 -21.84 -11.94
C GLY A 4 31.61 -20.70 -11.79
N SER A 5 31.12 -19.56 -11.32
CA SER A 5 31.96 -18.39 -11.13
C SER A 5 31.34 -17.42 -10.12
N SER A 6 32.16 -16.52 -9.58
CA SER A 6 31.69 -15.55 -8.61
C SER A 6 32.59 -14.32 -8.60
N GLY A 7 32.06 -13.22 -8.07
CA GLY A 7 32.84 -11.98 -8.01
C GLY A 7 32.69 -11.27 -6.67
N VAL A 8 33.44 -10.20 -6.49
CA VAL A 8 33.39 -9.43 -5.26
C VAL A 8 33.57 -7.94 -5.53
N ARG A 9 32.59 -7.14 -5.12
CA ARG A 9 32.64 -5.70 -5.31
C ARG A 9 31.80 -4.98 -4.26
N ALA A 10 32.43 -4.02 -3.58
CA ALA A 10 31.75 -3.24 -2.54
C ALA A 10 31.98 -1.75 -2.73
N PRO A 11 30.97 -1.05 -3.27
CA PRO A 11 31.05 0.40 -3.50
C PRO A 11 31.05 1.19 -2.21
N VAL A 12 31.59 2.40 -2.26
CA VAL A 12 31.65 3.27 -1.09
C VAL A 12 31.72 4.74 -1.49
N THR A 13 30.77 5.53 -0.99
CA THR A 13 30.73 6.95 -1.31
C THR A 13 29.94 7.71 -0.26
N LYS A 14 30.22 9.01 -0.13
CA LYS A 14 29.54 9.86 0.84
C LYS A 14 28.03 9.82 0.62
N VAL A 15 27.28 10.28 1.62
CA VAL A 15 25.83 10.31 1.53
C VAL A 15 25.30 11.73 1.42
N HIS A 16 24.19 11.90 0.71
CA HIS A 16 23.58 13.21 0.54
C HIS A 16 22.75 13.61 1.76
N GLY A 17 23.01 14.80 2.28
CA GLY A 17 22.29 15.27 3.45
C GLY A 17 21.21 16.28 3.09
N GLY A 18 20.79 17.06 4.08
CA GLY A 18 19.77 18.06 3.84
C GLY A 18 19.10 18.52 5.12
N ALA A 19 19.29 19.80 5.46
CA ALA A 19 18.71 20.36 6.67
C ALA A 19 17.25 20.74 6.45
N GLY A 20 16.39 20.36 7.39
CA GLY A 20 14.98 20.67 7.27
C GLY A 20 14.10 19.44 7.33
N SER A 21 13.15 19.42 8.26
CA SER A 21 12.25 18.30 8.42
C SER A 21 10.79 18.73 8.27
N ALA A 22 9.93 17.78 7.98
CA ALA A 22 8.51 18.05 7.81
C ALA A 22 7.66 17.30 8.84
N GLN A 23 6.40 17.71 8.97
CA GLN A 23 5.50 17.06 9.92
C GLN A 23 5.47 15.55 9.71
N ARG A 24 5.09 14.82 10.75
CA ARG A 24 5.02 13.36 10.69
C ARG A 24 3.82 12.91 9.87
N MET A 25 4.08 12.31 8.71
CA MET A 25 3.02 11.83 7.85
C MET A 25 3.37 10.47 7.24
N PRO A 26 2.35 9.67 6.95
CA PRO A 26 2.54 8.33 6.36
C PRO A 26 3.02 8.40 4.92
N LEU A 27 3.90 7.47 4.55
CA LEU A 27 4.45 7.42 3.20
C LEU A 27 3.75 6.35 2.37
N CYS A 28 3.18 6.77 1.25
CA CYS A 28 2.48 5.85 0.37
C CYS A 28 3.36 4.65 0.01
N ASP A 29 2.93 3.47 0.42
CA ASP A 29 3.68 2.24 0.14
C ASP A 29 3.52 1.83 -1.32
N LYS A 30 2.78 2.63 -2.08
CA LYS A 30 2.55 2.34 -3.49
C LYS A 30 3.50 3.14 -4.37
N CYS A 31 3.47 4.46 -4.24
CA CYS A 31 4.33 5.34 -5.01
C CYS A 31 5.40 5.97 -4.14
N GLY A 32 5.55 5.44 -2.92
CA GLY A 32 6.54 5.97 -2.01
C GLY A 32 6.64 7.48 -2.05
N SER A 33 5.49 8.14 -2.01
CA SER A 33 5.45 9.60 -2.05
C SER A 33 4.69 10.16 -0.85
N GLY A 34 5.35 11.02 -0.08
CA GLY A 34 4.71 11.61 1.08
C GLY A 34 3.23 11.83 0.88
N ILE A 35 2.46 11.60 1.94
CA ILE A 35 1.02 11.78 1.89
C ILE A 35 0.56 12.94 2.77
N VAL A 36 -0.14 13.90 2.16
CA VAL A 36 -0.63 15.06 2.89
C VAL A 36 -1.96 15.53 2.33
N GLY A 37 -3.02 15.43 3.15
CA GLY A 37 -4.34 15.85 2.72
C GLY A 37 -5.34 14.72 2.77
N ALA A 38 -5.15 13.71 1.94
CA ALA A 38 -6.06 12.57 1.89
C ALA A 38 -5.28 11.26 1.80
N VAL A 39 -5.54 10.36 2.75
CA VAL A 39 -4.86 9.06 2.77
C VAL A 39 -5.87 7.93 2.97
N VAL A 40 -5.44 6.71 2.64
CA VAL A 40 -6.30 5.54 2.78
C VAL A 40 -5.55 4.38 3.43
N LYS A 41 -5.80 4.17 4.72
CA LYS A 41 -5.14 3.09 5.45
C LYS A 41 -6.12 1.97 5.77
N ALA A 42 -5.78 0.75 5.34
CA ALA A 42 -6.64 -0.41 5.58
C ALA A 42 -6.47 -0.93 7.00
N ARG A 43 -5.41 -1.71 7.22
CA ARG A 43 -5.13 -2.28 8.53
C ARG A 43 -4.09 -1.45 9.27
N ASP A 44 -2.82 -1.62 8.90
CA ASP A 44 -1.73 -0.89 9.53
C ASP A 44 -0.98 -0.05 8.51
N LYS A 45 -1.07 -0.44 7.24
CA LYS A 45 -0.40 0.29 6.17
C LYS A 45 -1.27 1.43 5.66
N TYR A 46 -0.67 2.33 4.88
CA TYR A 46 -1.39 3.47 4.33
C TYR A 46 -1.19 3.57 2.82
N ARG A 47 -2.20 4.06 2.13
CA ARG A 47 -2.14 4.21 0.68
C ARG A 47 -2.95 5.42 0.22
N HIS A 48 -2.45 6.10 -0.82
CA HIS A 48 -3.12 7.27 -1.35
C HIS A 48 -4.56 6.95 -1.74
N PRO A 49 -5.37 8.00 -1.90
CA PRO A 49 -6.79 7.86 -2.27
C PRO A 49 -6.96 7.37 -3.72
N GLU A 50 -5.87 7.38 -4.48
CA GLU A 50 -5.90 6.95 -5.86
C GLU A 50 -5.00 5.74 -6.08
N CYS A 51 -3.99 5.60 -5.22
CA CYS A 51 -3.05 4.49 -5.32
C CYS A 51 -3.70 3.20 -4.85
N PHE A 52 -4.58 3.31 -3.85
CA PHE A 52 -5.27 2.15 -3.31
C PHE A 52 -5.93 1.33 -4.42
N VAL A 53 -5.31 0.21 -4.78
CA VAL A 53 -5.85 -0.65 -5.83
C VAL A 53 -5.26 -2.05 -5.74
N CYS A 54 -5.80 -2.97 -6.53
CA CYS A 54 -5.32 -4.34 -6.54
C CYS A 54 -3.91 -4.43 -7.09
N ALA A 55 -3.28 -5.60 -6.94
CA ALA A 55 -1.93 -5.82 -7.42
C ALA A 55 -1.92 -6.68 -8.67
N ASP A 56 -3.08 -7.24 -9.01
CA ASP A 56 -3.21 -8.09 -10.18
C ASP A 56 -3.99 -7.38 -11.29
N CYS A 57 -5.03 -6.66 -10.90
CA CYS A 57 -5.86 -5.93 -11.85
C CYS A 57 -5.82 -4.43 -11.59
N ASN A 58 -5.29 -4.06 -10.42
CA ASN A 58 -5.19 -2.65 -10.05
C ASN A 58 -6.57 -2.01 -9.92
N LEU A 59 -7.48 -2.72 -9.29
CA LEU A 59 -8.84 -2.24 -9.09
C LEU A 59 -8.97 -1.48 -7.77
N ASN A 60 -9.71 -0.38 -7.79
CA ASN A 60 -9.91 0.43 -6.60
C ASN A 60 -10.41 -0.43 -5.44
N LEU A 61 -9.59 -0.56 -4.40
CA LEU A 61 -9.96 -1.36 -3.24
C LEU A 61 -10.46 -0.46 -2.10
N LYS A 62 -10.71 0.80 -2.42
CA LYS A 62 -11.20 1.77 -1.45
C LYS A 62 -12.56 1.34 -0.90
N GLN A 63 -13.57 1.41 -1.76
CA GLN A 63 -14.93 1.03 -1.37
C GLN A 63 -15.09 -0.48 -1.34
N LYS A 64 -14.47 -1.16 -2.30
CA LYS A 64 -14.53 -2.61 -2.38
C LYS A 64 -13.74 -3.26 -1.25
N GLY A 65 -14.26 -4.35 -0.70
CA GLY A 65 -13.58 -5.04 0.37
C GLY A 65 -12.15 -5.38 0.04
N TYR A 66 -11.21 -4.67 0.65
CA TYR A 66 -9.79 -4.91 0.40
C TYR A 66 -9.34 -6.23 1.00
N PHE A 67 -8.11 -6.63 0.69
CA PHE A 67 -7.56 -7.88 1.19
C PHE A 67 -6.07 -7.75 1.48
N PHE A 68 -5.51 -8.76 2.12
CA PHE A 68 -4.09 -8.76 2.45
C PHE A 68 -3.49 -10.15 2.31
N VAL A 69 -2.77 -10.37 1.22
CA VAL A 69 -2.14 -11.66 0.95
C VAL A 69 -0.65 -11.51 0.71
N GLU A 70 0.16 -12.16 1.53
CA GLU A 70 1.61 -12.10 1.39
C GLU A 70 2.08 -10.65 1.37
N GLY A 71 1.59 -9.85 2.32
CA GLY A 71 1.97 -8.45 2.38
C GLY A 71 1.60 -7.68 1.14
N GLU A 72 0.49 -8.08 0.51
CA GLU A 72 0.03 -7.41 -0.70
C GLU A 72 -1.49 -7.28 -0.70
N LEU A 73 -1.99 -6.24 -1.37
CA LEU A 73 -3.42 -6.00 -1.45
C LEU A 73 -4.02 -6.69 -2.67
N TYR A 74 -5.31 -7.01 -2.59
CA TYR A 74 -6.00 -7.67 -3.68
C TYR A 74 -7.51 -7.45 -3.58
N CYS A 75 -8.19 -7.56 -4.72
CA CYS A 75 -9.64 -7.38 -4.77
C CYS A 75 -10.37 -8.64 -4.30
N GLU A 76 -11.62 -8.46 -3.86
CA GLU A 76 -12.42 -9.58 -3.39
C GLU A 76 -12.29 -10.78 -4.33
N THR A 77 -12.22 -10.50 -5.63
CA THR A 77 -12.10 -11.56 -6.63
C THR A 77 -10.77 -12.29 -6.49
N HIS A 78 -9.68 -11.61 -6.84
CA HIS A 78 -8.35 -12.20 -6.75
C HIS A 78 -8.06 -12.70 -5.33
N ALA A 79 -8.18 -11.79 -4.36
CA ALA A 79 -7.93 -12.14 -2.96
C ALA A 79 -8.59 -13.46 -2.60
N ARG A 80 -9.90 -13.54 -2.83
CA ARG A 80 -10.66 -14.75 -2.53
C ARG A 80 -9.97 -15.98 -3.12
N ALA A 81 -9.50 -15.85 -4.35
CA ALA A 81 -8.82 -16.95 -5.02
C ALA A 81 -7.55 -17.35 -4.29
N ARG A 82 -6.79 -16.35 -3.85
CA ARG A 82 -5.54 -16.60 -3.13
C ARG A 82 -5.81 -17.14 -1.74
N THR A 83 -6.51 -16.35 -0.92
CA THR A 83 -6.84 -16.76 0.44
C THR A 83 -8.06 -17.67 0.47
N SER A 84 -8.40 -18.22 -0.69
CA SER A 84 -9.55 -19.12 -0.80
C SER A 84 -9.72 -19.96 0.46
N GLY A 85 -8.61 -20.55 0.92
CA GLY A 85 -8.66 -21.37 2.11
C GLY A 85 -7.97 -20.72 3.29
N PRO A 86 -8.70 -19.84 4.00
CA PRO A 86 -8.17 -19.13 5.16
C PRO A 86 -7.94 -20.04 6.35
N SER A 87 -7.35 -19.50 7.42
CA SER A 87 -7.07 -20.28 8.61
C SER A 87 -8.27 -20.27 9.57
N SER A 88 -8.75 -21.45 9.91
CA SER A 88 -9.89 -21.58 10.81
C SER A 88 -9.68 -20.76 12.08
N GLY A 89 -8.63 -21.10 12.81
CA GLY A 89 -8.33 -20.39 14.04
C GLY A 89 -8.64 -18.91 13.95
N GLY A 1 43.33 26.84 -4.38
CA GLY A 1 43.25 27.79 -5.48
C GLY A 1 43.30 27.12 -6.83
N SER A 2 42.12 26.87 -7.41
CA SER A 2 42.04 26.22 -8.71
C SER A 2 41.16 27.02 -9.65
N SER A 3 41.17 26.64 -10.93
CA SER A 3 40.37 27.33 -11.93
C SER A 3 39.38 26.37 -12.59
N GLY A 4 38.45 26.93 -13.35
CA GLY A 4 37.45 26.11 -14.02
C GLY A 4 38.07 24.96 -14.79
N SER A 5 37.96 23.75 -14.24
CA SER A 5 38.51 22.56 -14.87
C SER A 5 37.78 22.25 -16.18
N SER A 6 36.45 22.23 -16.11
CA SER A 6 35.63 21.94 -17.28
C SER A 6 34.33 22.74 -17.24
N GLY A 7 34.26 23.77 -18.10
CA GLY A 7 33.08 24.60 -18.15
C GLY A 7 32.74 25.04 -19.56
N VAL A 8 31.65 24.51 -20.11
CA VAL A 8 31.23 24.85 -21.46
C VAL A 8 29.72 25.06 -21.52
N ARG A 9 29.24 25.47 -22.69
CA ARG A 9 27.81 25.71 -22.89
C ARG A 9 27.04 24.40 -22.90
N ALA A 10 25.88 24.40 -22.24
CA ALA A 10 25.04 23.21 -22.18
C ALA A 10 23.58 23.57 -21.92
N PRO A 11 22.67 22.91 -22.64
CA PRO A 11 21.23 23.15 -22.51
C PRO A 11 20.68 22.65 -21.18
N VAL A 12 19.66 23.32 -20.67
CA VAL A 12 19.03 22.94 -19.40
C VAL A 12 17.69 22.26 -19.63
N THR A 13 17.43 21.20 -18.86
CA THR A 13 16.17 20.47 -18.99
C THR A 13 15.36 20.55 -17.70
N LYS A 14 14.06 20.33 -17.82
CA LYS A 14 13.18 20.37 -16.66
C LYS A 14 13.39 19.16 -15.76
N VAL A 15 14.08 19.37 -14.65
CA VAL A 15 14.35 18.30 -13.69
C VAL A 15 13.79 18.62 -12.32
N HIS A 16 13.02 17.68 -11.76
CA HIS A 16 12.43 17.87 -10.45
C HIS A 16 12.12 16.53 -9.79
N GLY A 17 12.23 16.47 -8.47
CA GLY A 17 11.96 15.24 -7.75
C GLY A 17 11.16 15.47 -6.48
N GLY A 18 11.70 15.03 -5.35
CA GLY A 18 11.03 15.20 -4.09
C GLY A 18 11.43 16.47 -3.36
N ALA A 19 11.21 17.61 -4.02
CA ALA A 19 11.56 18.90 -3.43
C ALA A 19 10.36 19.53 -2.73
N GLY A 20 9.36 18.72 -2.44
CA GLY A 20 8.17 19.21 -1.77
C GLY A 20 8.36 19.37 -0.28
N SER A 21 7.27 19.52 0.45
CA SER A 21 7.33 19.70 1.90
C SER A 21 6.21 18.90 2.58
N ALA A 22 6.59 17.82 3.24
CA ALA A 22 5.63 16.97 3.94
C ALA A 22 6.29 16.22 5.10
N GLN A 23 5.90 16.59 6.32
CA GLN A 23 6.46 15.95 7.51
C GLN A 23 5.36 15.45 8.43
N ARG A 24 5.68 14.47 9.26
CA ARG A 24 4.70 13.90 10.20
C ARG A 24 3.54 13.27 9.45
N MET A 25 3.85 12.58 8.36
CA MET A 25 2.82 11.93 7.54
C MET A 25 3.31 10.58 7.04
N PRO A 26 2.37 9.65 6.79
CA PRO A 26 2.68 8.31 6.29
C PRO A 26 3.18 8.33 4.85
N LEU A 27 4.07 7.40 4.53
CA LEU A 27 4.62 7.31 3.18
C LEU A 27 3.90 6.24 2.37
N CYS A 28 3.29 6.65 1.26
CA CYS A 28 2.58 5.72 0.39
C CYS A 28 3.46 4.54 0.01
N ASP A 29 3.01 3.33 0.36
CA ASP A 29 3.76 2.12 0.05
C ASP A 29 3.57 1.72 -1.41
N LYS A 30 2.83 2.54 -2.15
CA LYS A 30 2.57 2.27 -3.57
C LYS A 30 3.52 3.07 -4.45
N CYS A 31 3.54 4.39 -4.25
CA CYS A 31 4.41 5.27 -5.03
C CYS A 31 5.48 5.90 -4.15
N GLY A 32 5.64 5.36 -2.95
CA GLY A 32 6.63 5.88 -2.03
C GLY A 32 6.72 7.39 -2.06
N SER A 33 5.56 8.05 -2.01
CA SER A 33 5.51 9.51 -2.05
C SER A 33 4.77 10.05 -0.83
N GLY A 34 5.39 11.02 -0.16
CA GLY A 34 4.77 11.61 1.02
C GLY A 34 3.28 11.80 0.86
N ILE A 35 2.53 11.57 1.93
CA ILE A 35 1.08 11.71 1.90
C ILE A 35 0.63 12.90 2.75
N VAL A 36 -0.18 13.77 2.16
CA VAL A 36 -0.68 14.94 2.87
C VAL A 36 -1.97 15.45 2.23
N GLY A 37 -3.03 15.54 3.04
CA GLY A 37 -4.31 16.01 2.53
C GLY A 37 -5.36 14.93 2.51
N ALA A 38 -5.01 13.78 1.95
CA ALA A 38 -5.95 12.65 1.86
C ALA A 38 -5.19 11.33 1.78
N VAL A 39 -5.53 10.40 2.68
CA VAL A 39 -4.88 9.09 2.70
C VAL A 39 -5.91 7.99 2.95
N VAL A 40 -5.54 6.76 2.60
CA VAL A 40 -6.42 5.61 2.80
C VAL A 40 -5.67 4.45 3.46
N LYS A 41 -5.88 4.28 4.75
CA LYS A 41 -5.24 3.20 5.49
C LYS A 41 -6.22 2.08 5.81
N ALA A 42 -5.87 0.86 5.42
CA ALA A 42 -6.73 -0.29 5.67
C ALA A 42 -6.57 -0.80 7.10
N ARG A 43 -5.51 -1.57 7.33
CA ARG A 43 -5.25 -2.12 8.67
C ARG A 43 -4.19 -1.31 9.39
N ASP A 44 -2.93 -1.52 9.03
CA ASP A 44 -1.82 -0.80 9.64
C ASP A 44 -1.06 0.02 8.61
N LYS A 45 -1.16 -0.39 7.34
CA LYS A 45 -0.48 0.30 6.26
C LYS A 45 -1.33 1.46 5.74
N TYR A 46 -0.71 2.33 4.95
CA TYR A 46 -1.42 3.48 4.40
C TYR A 46 -1.22 3.55 2.88
N ARG A 47 -2.22 4.06 2.18
CA ARG A 47 -2.16 4.18 0.73
C ARG A 47 -2.93 5.41 0.25
N HIS A 48 -2.41 6.06 -0.77
CA HIS A 48 -3.05 7.25 -1.32
C HIS A 48 -4.49 6.96 -1.73
N PRO A 49 -5.29 8.02 -1.91
CA PRO A 49 -6.70 7.90 -2.28
C PRO A 49 -6.87 7.42 -3.72
N GLU A 50 -5.77 7.39 -4.47
CA GLU A 50 -5.80 6.94 -5.86
C GLU A 50 -4.93 5.70 -6.05
N CYS A 51 -3.91 5.56 -5.21
CA CYS A 51 -3.01 4.42 -5.28
C CYS A 51 -3.70 3.15 -4.81
N PHE A 52 -4.60 3.30 -3.84
CA PHE A 52 -5.33 2.15 -3.30
C PHE A 52 -5.99 1.34 -4.41
N VAL A 53 -5.38 0.21 -4.76
CA VAL A 53 -5.89 -0.65 -5.80
C VAL A 53 -5.31 -2.05 -5.70
N CYS A 54 -5.81 -2.96 -6.54
CA CYS A 54 -5.34 -4.33 -6.55
C CYS A 54 -3.93 -4.43 -7.10
N ALA A 55 -3.31 -5.60 -6.95
CA ALA A 55 -1.96 -5.82 -7.44
C ALA A 55 -1.96 -6.66 -8.70
N ASP A 56 -3.12 -7.20 -9.05
CA ASP A 56 -3.26 -8.03 -10.24
C ASP A 56 -4.07 -7.31 -11.32
N CYS A 57 -5.11 -6.61 -10.89
CA CYS A 57 -5.96 -5.88 -11.82
C CYS A 57 -5.91 -4.38 -11.54
N ASN A 58 -5.34 -4.01 -10.39
CA ASN A 58 -5.23 -2.62 -10.00
C ASN A 58 -6.60 -1.97 -9.88
N LEU A 59 -7.54 -2.68 -9.26
CA LEU A 59 -8.89 -2.18 -9.08
C LEU A 59 -9.02 -1.43 -7.75
N ASN A 60 -9.73 -0.31 -7.78
CA ASN A 60 -9.94 0.49 -6.59
C ASN A 60 -10.51 -0.34 -5.45
N LEU A 61 -9.73 -0.52 -4.39
CA LEU A 61 -10.16 -1.30 -3.25
C LEU A 61 -10.67 -0.39 -2.13
N LYS A 62 -10.81 0.89 -2.44
CA LYS A 62 -11.29 1.86 -1.46
C LYS A 62 -12.63 1.44 -0.88
N GLN A 63 -13.66 1.42 -1.72
CA GLN A 63 -15.00 1.03 -1.29
C GLN A 63 -15.14 -0.49 -1.27
N LYS A 64 -14.55 -1.15 -2.27
CA LYS A 64 -14.61 -2.61 -2.36
C LYS A 64 -13.79 -3.25 -1.25
N GLY A 65 -14.29 -4.37 -0.71
CA GLY A 65 -13.58 -5.06 0.35
C GLY A 65 -12.14 -5.36 -0.01
N TYR A 66 -11.22 -4.74 0.70
CA TYR A 66 -9.79 -4.93 0.46
C TYR A 66 -9.30 -6.25 1.07
N PHE A 67 -8.09 -6.65 0.70
CA PHE A 67 -7.52 -7.88 1.20
C PHE A 67 -6.02 -7.74 1.44
N PHE A 68 -5.43 -8.70 2.14
CA PHE A 68 -4.00 -8.66 2.43
C PHE A 68 -3.38 -10.05 2.26
N VAL A 69 -2.70 -10.26 1.14
CA VAL A 69 -2.06 -11.54 0.86
C VAL A 69 -0.55 -11.37 0.65
N GLU A 70 0.23 -11.86 1.61
CA GLU A 70 1.67 -11.76 1.54
C GLU A 70 2.13 -10.30 1.54
N GLY A 71 1.54 -9.52 2.43
CA GLY A 71 1.89 -8.11 2.52
C GLY A 71 1.47 -7.33 1.29
N GLU A 72 0.57 -7.90 0.51
CA GLU A 72 0.08 -7.25 -0.71
C GLU A 72 -1.44 -7.13 -0.70
N LEU A 73 -1.96 -6.13 -1.40
CA LEU A 73 -3.40 -5.90 -1.46
C LEU A 73 -4.01 -6.63 -2.66
N TYR A 74 -5.29 -6.94 -2.57
CA TYR A 74 -5.98 -7.64 -3.65
C TYR A 74 -7.49 -7.44 -3.54
N CYS A 75 -8.18 -7.50 -4.68
CA CYS A 75 -9.62 -7.34 -4.71
C CYS A 75 -10.33 -8.60 -4.24
N GLU A 76 -11.53 -8.44 -3.70
CA GLU A 76 -12.32 -9.58 -3.22
C GLU A 76 -12.22 -10.76 -4.17
N THR A 77 -12.20 -10.46 -5.48
CA THR A 77 -12.10 -11.50 -6.50
C THR A 77 -10.78 -12.25 -6.39
N HIS A 78 -9.70 -11.57 -6.77
CA HIS A 78 -8.37 -12.18 -6.73
C HIS A 78 -8.05 -12.68 -5.31
N ALA A 79 -8.13 -11.78 -4.34
CA ALA A 79 -7.85 -12.14 -2.95
C ALA A 79 -8.50 -13.46 -2.58
N ARG A 80 -9.82 -13.53 -2.74
CA ARG A 80 -10.56 -14.75 -2.42
C ARG A 80 -9.86 -15.97 -2.99
N ALA A 81 -9.40 -15.86 -4.23
CA ALA A 81 -8.72 -16.96 -4.90
C ALA A 81 -7.39 -17.28 -4.21
N ARG A 82 -6.67 -16.24 -3.80
CA ARG A 82 -5.39 -16.41 -3.14
C ARG A 82 -5.58 -17.01 -1.74
N THR A 83 -6.30 -16.29 -0.89
CA THR A 83 -6.56 -16.75 0.48
C THR A 83 -7.71 -17.75 0.52
N SER A 84 -8.03 -18.31 -0.65
CA SER A 84 -9.11 -19.28 -0.74
C SER A 84 -8.94 -20.40 0.28
N GLY A 85 -10.05 -20.81 0.89
CA GLY A 85 -9.99 -21.88 1.88
C GLY A 85 -8.83 -21.71 2.85
N PRO A 86 -8.89 -20.62 3.64
CA PRO A 86 -7.85 -20.32 4.63
C PRO A 86 -7.85 -21.30 5.80
N SER A 87 -6.71 -21.42 6.47
CA SER A 87 -6.58 -22.33 7.61
C SER A 87 -6.20 -21.57 8.87
N SER A 88 -6.83 -21.92 9.99
CA SER A 88 -6.55 -21.27 11.26
C SER A 88 -5.24 -21.77 11.86
N GLY A 89 -4.32 -20.84 12.10
CA GLY A 89 -3.03 -21.21 12.67
C GLY A 89 -1.89 -20.99 11.69
N GLY A 1 38.18 36.79 -49.49
CA GLY A 1 36.92 37.50 -49.32
C GLY A 1 36.99 38.53 -48.21
N SER A 2 35.83 38.88 -47.66
CA SER A 2 35.75 39.88 -46.60
C SER A 2 34.52 39.66 -45.74
N SER A 3 34.72 39.61 -44.43
CA SER A 3 33.62 39.40 -43.50
C SER A 3 33.93 40.02 -42.14
N GLY A 4 32.89 40.44 -41.43
CA GLY A 4 33.07 41.04 -40.12
C GLY A 4 31.93 40.73 -39.17
N SER A 5 32.28 40.41 -37.93
CA SER A 5 31.28 40.08 -36.91
C SER A 5 31.78 40.44 -35.52
N SER A 6 30.91 41.08 -34.73
CA SER A 6 31.27 41.47 -33.37
C SER A 6 30.03 41.53 -32.49
N GLY A 7 30.23 41.32 -31.19
CA GLY A 7 29.12 41.36 -30.25
C GLY A 7 29.16 40.21 -29.26
N VAL A 8 29.49 40.53 -28.01
CA VAL A 8 29.56 39.52 -26.97
C VAL A 8 28.97 40.04 -25.66
N ARG A 9 28.34 39.15 -24.89
CA ARG A 9 27.74 39.51 -23.62
C ARG A 9 27.85 38.37 -22.62
N ALA A 10 27.69 38.70 -21.34
CA ALA A 10 27.76 37.69 -20.28
C ALA A 10 26.58 37.83 -19.31
N PRO A 11 25.77 36.76 -19.23
CA PRO A 11 24.60 36.74 -18.35
C PRO A 11 24.99 36.69 -16.87
N VAL A 12 23.98 36.65 -16.00
CA VAL A 12 24.21 36.59 -14.56
C VAL A 12 23.09 35.86 -13.85
N THR A 13 23.38 35.34 -12.67
CA THR A 13 22.39 34.62 -11.88
C THR A 13 22.63 34.80 -10.38
N LYS A 14 21.55 35.05 -9.64
CA LYS A 14 21.65 35.24 -8.21
C LYS A 14 20.34 34.86 -7.51
N VAL A 15 20.34 33.72 -6.84
CA VAL A 15 19.15 33.25 -6.13
C VAL A 15 19.53 32.51 -4.86
N HIS A 16 18.53 32.20 -4.04
CA HIS A 16 18.75 31.49 -2.79
C HIS A 16 17.69 30.40 -2.57
N GLY A 17 18.03 29.41 -1.77
CA GLY A 17 17.10 28.33 -1.50
C GLY A 17 16.75 28.21 -0.03
N GLY A 18 15.50 27.88 0.27
CA GLY A 18 15.08 27.74 1.64
C GLY A 18 13.93 26.76 1.80
N ALA A 19 14.26 25.50 2.10
CA ALA A 19 13.26 24.47 2.27
C ALA A 19 13.59 23.58 3.47
N GLY A 20 12.54 23.02 4.08
CA GLY A 20 12.75 22.16 5.24
C GLY A 20 11.67 22.35 6.29
N SER A 21 11.05 21.25 6.71
CA SER A 21 10.00 21.30 7.72
C SER A 21 9.75 19.92 8.31
N ALA A 22 9.14 19.89 9.49
CA ALA A 22 8.85 18.63 10.18
C ALA A 22 7.70 17.91 9.50
N GLN A 23 7.95 16.68 9.06
CA GLN A 23 6.93 15.88 8.40
C GLN A 23 6.85 14.48 9.01
N ARG A 24 5.69 14.16 9.60
CA ARG A 24 5.49 12.87 10.22
C ARG A 24 4.38 12.10 9.53
N MET A 25 4.04 12.52 8.31
CA MET A 25 2.98 11.87 7.54
C MET A 25 3.47 10.53 6.99
N PRO A 26 2.51 9.62 6.74
CA PRO A 26 2.81 8.29 6.19
C PRO A 26 3.28 8.34 4.75
N LEU A 27 4.12 7.39 4.37
CA LEU A 27 4.65 7.32 3.01
C LEU A 27 3.91 6.26 2.19
N CYS A 28 3.23 6.69 1.14
CA CYS A 28 2.50 5.78 0.28
C CYS A 28 3.38 4.63 -0.19
N ASP A 29 3.05 3.42 0.23
CA ASP A 29 3.82 2.23 -0.14
C ASP A 29 3.58 1.88 -1.60
N LYS A 30 2.77 2.68 -2.28
CA LYS A 30 2.47 2.45 -3.69
C LYS A 30 3.34 3.32 -4.58
N CYS A 31 3.28 4.63 -4.36
CA CYS A 31 4.07 5.58 -5.14
C CYS A 31 5.16 6.23 -4.27
N GLY A 32 5.42 5.64 -3.11
CA GLY A 32 6.43 6.17 -2.22
C GLY A 32 6.45 7.69 -2.21
N SER A 33 5.27 8.30 -2.16
CA SER A 33 5.16 9.75 -2.15
C SER A 33 4.47 10.24 -0.88
N GLY A 34 5.07 11.21 -0.22
CA GLY A 34 4.48 11.75 1.00
C GLY A 34 2.99 11.91 0.91
N ILE A 35 2.29 11.56 1.98
CA ILE A 35 0.84 11.66 2.02
C ILE A 35 0.38 12.78 2.94
N VAL A 36 -0.44 13.68 2.42
CA VAL A 36 -0.95 14.80 3.20
C VAL A 36 -2.27 15.31 2.63
N GLY A 37 -3.32 15.26 3.46
CA GLY A 37 -4.62 15.72 3.02
C GLY A 37 -5.65 14.61 2.99
N ALA A 38 -5.31 13.50 2.34
CA ALA A 38 -6.21 12.36 2.24
C ALA A 38 -5.43 11.06 2.05
N VAL A 39 -5.70 10.10 2.93
CA VAL A 39 -5.01 8.80 2.86
C VAL A 39 -5.99 7.66 3.11
N VAL A 40 -5.55 6.44 2.84
CA VAL A 40 -6.38 5.26 3.03
C VAL A 40 -5.59 4.13 3.68
N LYS A 41 -5.79 3.94 4.98
CA LYS A 41 -5.10 2.89 5.72
C LYS A 41 -6.03 1.73 6.02
N ALA A 42 -5.66 0.53 5.57
CA ALA A 42 -6.46 -0.66 5.79
C ALA A 42 -6.17 -1.26 7.16
N ARG A 43 -5.07 -2.00 7.27
CA ARG A 43 -4.69 -2.63 8.53
C ARG A 43 -3.66 -1.79 9.26
N ASP A 44 -2.39 -1.96 8.92
CA ASP A 44 -1.30 -1.22 9.54
C ASP A 44 -0.57 -0.35 8.52
N LYS A 45 -0.82 -0.62 7.24
CA LYS A 45 -0.18 0.13 6.18
C LYS A 45 -1.05 1.32 5.75
N TYR A 46 -0.51 2.16 4.87
CA TYR A 46 -1.24 3.33 4.39
C TYR A 46 -1.10 3.46 2.87
N ARG A 47 -2.17 3.92 2.22
CA ARG A 47 -2.17 4.09 0.78
C ARG A 47 -3.01 5.29 0.37
N HIS A 48 -2.59 5.98 -0.68
CA HIS A 48 -3.32 7.15 -1.16
C HIS A 48 -4.76 6.79 -1.52
N PRO A 49 -5.62 7.81 -1.63
CA PRO A 49 -7.04 7.63 -1.97
C PRO A 49 -7.23 7.18 -3.41
N GLU A 50 -6.16 7.23 -4.20
CA GLU A 50 -6.23 6.83 -5.60
C GLU A 50 -5.30 5.65 -5.87
N CYS A 51 -4.26 5.53 -5.05
CA CYS A 51 -3.29 4.45 -5.18
C CYS A 51 -3.90 3.11 -4.74
N PHE A 52 -4.79 3.17 -3.76
CA PHE A 52 -5.43 1.98 -3.23
C PHE A 52 -6.07 1.16 -4.36
N VAL A 53 -5.39 0.09 -4.77
CA VAL A 53 -5.89 -0.77 -5.83
C VAL A 53 -5.26 -2.16 -5.75
N CYS A 54 -5.73 -3.06 -6.61
CA CYS A 54 -5.23 -4.42 -6.64
C CYS A 54 -3.80 -4.47 -7.18
N ALA A 55 -3.14 -5.61 -7.02
CA ALA A 55 -1.78 -5.79 -7.49
C ALA A 55 -1.74 -6.63 -8.76
N ASP A 56 -2.91 -7.09 -9.20
CA ASP A 56 -3.02 -7.91 -10.40
C ASP A 56 -3.85 -7.21 -11.47
N CYS A 57 -4.92 -6.54 -11.03
CA CYS A 57 -5.80 -5.84 -11.94
C CYS A 57 -5.82 -4.34 -11.65
N ASN A 58 -5.24 -3.97 -10.51
CA ASN A 58 -5.19 -2.57 -10.10
C ASN A 58 -6.60 -2.00 -9.90
N LEU A 59 -7.44 -2.77 -9.23
CA LEU A 59 -8.82 -2.35 -8.97
C LEU A 59 -8.93 -1.64 -7.61
N ASN A 60 -9.56 -0.49 -7.61
CA ASN A 60 -9.73 0.29 -6.38
C ASN A 60 -10.34 -0.58 -5.28
N LEU A 61 -9.51 -0.92 -4.29
CA LEU A 61 -9.97 -1.74 -3.17
C LEU A 61 -10.50 -0.88 -2.03
N LYS A 62 -10.74 0.40 -2.33
CA LYS A 62 -11.26 1.34 -1.34
C LYS A 62 -12.65 0.91 -0.86
N GLN A 63 -13.60 0.89 -1.78
CA GLN A 63 -14.97 0.50 -1.45
C GLN A 63 -15.09 -1.02 -1.34
N LYS A 64 -14.42 -1.72 -2.25
CA LYS A 64 -14.46 -3.18 -2.25
C LYS A 64 -13.63 -3.76 -1.10
N GLY A 65 -14.10 -4.85 -0.53
CA GLY A 65 -13.38 -5.48 0.58
C GLY A 65 -11.95 -5.79 0.23
N TYR A 66 -11.02 -4.98 0.72
CA TYR A 66 -9.60 -5.17 0.44
C TYR A 66 -9.11 -6.51 1.02
N PHE A 67 -7.92 -6.92 0.62
CA PHE A 67 -7.34 -8.17 1.10
C PHE A 67 -5.84 -8.02 1.32
N PHE A 68 -5.28 -8.89 2.15
CA PHE A 68 -3.85 -8.86 2.45
C PHE A 68 -3.23 -10.24 2.27
N VAL A 69 -2.53 -10.42 1.16
CA VAL A 69 -1.88 -11.69 0.85
C VAL A 69 -0.40 -11.50 0.58
N GLU A 70 0.43 -12.12 1.41
CA GLU A 70 1.88 -12.02 1.25
C GLU A 70 2.33 -10.56 1.25
N GLY A 71 1.83 -9.79 2.22
CA GLY A 71 2.19 -8.39 2.29
C GLY A 71 1.77 -7.61 1.07
N GLU A 72 0.71 -8.06 0.41
CA GLU A 72 0.21 -7.40 -0.78
C GLU A 72 -1.32 -7.30 -0.77
N LEU A 73 -1.85 -6.34 -1.51
CA LEU A 73 -3.29 -6.14 -1.57
C LEU A 73 -3.88 -6.82 -2.81
N TYR A 74 -5.16 -7.18 -2.73
CA TYR A 74 -5.84 -7.83 -3.84
C TYR A 74 -7.35 -7.66 -3.73
N CYS A 75 -8.03 -7.67 -4.86
CA CYS A 75 -9.48 -7.52 -4.89
C CYS A 75 -10.17 -8.80 -4.41
N GLU A 76 -11.44 -8.67 -4.07
CA GLU A 76 -12.22 -9.82 -3.59
C GLU A 76 -12.06 -11.02 -4.52
N THR A 77 -11.92 -10.74 -5.81
CA THR A 77 -11.77 -11.78 -6.82
C THR A 77 -10.41 -12.47 -6.69
N HIS A 78 -9.36 -11.76 -7.06
CA HIS A 78 -8.00 -12.30 -6.97
C HIS A 78 -7.70 -12.80 -5.56
N ALA A 79 -7.84 -11.91 -4.59
CA ALA A 79 -7.58 -12.27 -3.19
C ALA A 79 -8.21 -13.61 -2.84
N ARG A 80 -9.52 -13.70 -3.01
CA ARG A 80 -10.25 -14.93 -2.70
C ARG A 80 -9.53 -16.15 -3.29
N ALA A 81 -9.03 -16.00 -4.51
CA ALA A 81 -8.32 -17.07 -5.18
C ALA A 81 -7.02 -17.40 -4.47
N ARG A 82 -6.42 -16.40 -3.84
CA ARG A 82 -5.17 -16.58 -3.11
C ARG A 82 -5.43 -17.18 -1.72
N THR A 83 -6.10 -16.40 -0.88
CA THR A 83 -6.41 -16.85 0.47
C THR A 83 -7.37 -18.04 0.46
N SER A 84 -8.36 -17.98 -0.43
CA SER A 84 -9.34 -19.06 -0.55
C SER A 84 -9.96 -19.37 0.81
N GLY A 85 -10.16 -18.34 1.62
CA GLY A 85 -10.75 -18.53 2.93
C GLY A 85 -10.34 -17.44 3.91
N PRO A 86 -10.82 -16.21 3.67
CA PRO A 86 -10.50 -15.06 4.52
C PRO A 86 -11.17 -15.16 5.90
N SER A 87 -11.68 -16.35 6.22
CA SER A 87 -12.34 -16.57 7.49
C SER A 87 -11.46 -16.12 8.65
N SER A 88 -10.18 -16.46 8.59
CA SER A 88 -9.23 -16.09 9.63
C SER A 88 -8.19 -15.12 9.09
N GLY A 89 -7.90 -14.07 9.86
CA GLY A 89 -6.92 -13.09 9.45
C GLY A 89 -7.24 -12.49 8.10
N GLY A 1 30.84 -42.26 10.27
CA GLY A 1 29.90 -41.23 10.70
C GLY A 1 30.35 -39.83 10.31
N SER A 2 29.72 -38.83 10.91
CA SER A 2 30.06 -37.44 10.62
C SER A 2 30.07 -36.61 11.90
N SER A 3 30.82 -35.51 11.88
CA SER A 3 30.92 -34.63 13.03
C SER A 3 31.06 -33.18 12.60
N GLY A 4 30.45 -32.27 13.36
CA GLY A 4 30.52 -30.86 13.04
C GLY A 4 29.82 -30.00 14.08
N SER A 5 30.55 -29.03 14.62
CA SER A 5 30.00 -28.14 15.63
C SER A 5 30.60 -26.74 15.51
N SER A 6 29.94 -25.76 16.12
CA SER A 6 30.40 -24.38 16.08
C SER A 6 29.79 -23.57 17.22
N GLY A 7 30.37 -22.39 17.47
CA GLY A 7 29.88 -21.54 18.53
C GLY A 7 30.76 -20.32 18.75
N VAL A 8 30.88 -19.49 17.71
CA VAL A 8 31.69 -18.29 17.80
C VAL A 8 30.89 -17.11 18.33
N ARG A 9 31.57 -16.18 19.00
CA ARG A 9 30.91 -15.00 19.56
C ARG A 9 30.32 -14.13 18.46
N ALA A 10 29.55 -13.12 18.86
CA ALA A 10 28.92 -12.22 17.91
C ALA A 10 28.61 -10.87 18.56
N PRO A 11 28.84 -9.79 17.81
CA PRO A 11 28.59 -8.42 18.29
C PRO A 11 27.11 -8.12 18.43
N VAL A 12 26.79 -6.97 19.02
CA VAL A 12 25.40 -6.56 19.21
C VAL A 12 25.22 -5.08 18.92
N THR A 13 24.03 -4.72 18.45
CA THR A 13 23.72 -3.33 18.13
C THR A 13 22.98 -2.65 19.28
N LYS A 14 23.06 -1.32 19.32
CA LYS A 14 22.40 -0.55 20.37
C LYS A 14 21.91 0.79 19.83
N VAL A 15 20.60 0.94 19.73
CA VAL A 15 20.00 2.18 19.22
C VAL A 15 19.20 2.87 20.31
N HIS A 16 19.66 4.05 20.72
CA HIS A 16 18.97 4.83 21.75
C HIS A 16 19.32 6.31 21.63
N GLY A 17 18.37 7.16 22.03
CA GLY A 17 18.60 8.60 21.96
C GLY A 17 17.88 9.24 20.80
N GLY A 18 16.62 9.63 21.02
CA GLY A 18 15.85 10.25 19.96
C GLY A 18 14.46 9.67 19.85
N ALA A 19 13.47 10.39 20.39
CA ALA A 19 12.08 9.93 20.34
C ALA A 19 11.33 10.58 19.19
N GLY A 20 10.22 9.98 18.79
CA GLY A 20 9.42 10.53 17.71
C GLY A 20 9.65 9.80 16.40
N SER A 21 8.83 10.10 15.40
CA SER A 21 8.95 9.45 14.10
C SER A 21 9.67 10.36 13.11
N ALA A 22 10.63 9.79 12.38
CA ALA A 22 11.40 10.54 11.41
C ALA A 22 10.50 11.43 10.56
N GLN A 23 9.42 10.84 10.04
CA GLN A 23 8.48 11.58 9.20
C GLN A 23 7.21 11.91 9.99
N ARG A 24 6.63 13.08 9.70
CA ARG A 24 5.42 13.52 10.38
C ARG A 24 4.18 13.09 9.60
N MET A 25 4.35 12.12 8.72
CA MET A 25 3.24 11.62 7.91
C MET A 25 3.59 10.29 7.26
N PRO A 26 2.57 9.47 6.99
CA PRO A 26 2.76 8.15 6.37
C PRO A 26 3.18 8.26 4.90
N LEU A 27 4.07 7.37 4.48
CA LEU A 27 4.55 7.36 3.11
C LEU A 27 3.85 6.28 2.29
N CYS A 28 3.20 6.70 1.21
CA CYS A 28 2.48 5.77 0.34
C CYS A 28 3.40 4.63 -0.09
N ASP A 29 3.06 3.41 0.32
CA ASP A 29 3.84 2.23 -0.02
C ASP A 29 3.62 1.83 -1.48
N LYS A 30 2.82 2.63 -2.18
CA LYS A 30 2.52 2.36 -3.59
C LYS A 30 3.40 3.20 -4.50
N CYS A 31 3.35 4.51 -4.31
CA CYS A 31 4.15 5.43 -5.12
C CYS A 31 5.24 6.10 -4.28
N GLY A 32 5.44 5.57 -3.07
CA GLY A 32 6.46 6.13 -2.18
C GLY A 32 6.49 7.65 -2.23
N SER A 33 5.32 8.27 -2.13
CA SER A 33 5.22 9.73 -2.16
C SER A 33 4.49 10.24 -0.93
N GLY A 34 5.15 11.12 -0.18
CA GLY A 34 4.56 11.69 1.01
C GLY A 34 3.05 11.84 0.88
N ILE A 35 2.34 11.57 1.97
CA ILE A 35 0.89 11.68 1.99
C ILE A 35 0.42 12.83 2.87
N VAL A 36 -0.41 13.70 2.33
CA VAL A 36 -0.93 14.84 3.07
C VAL A 36 -2.27 15.29 2.50
N GLY A 37 -3.29 15.30 3.36
CA GLY A 37 -4.61 15.72 2.92
C GLY A 37 -5.62 14.58 2.95
N ALA A 38 -5.30 13.50 2.25
CA ALA A 38 -6.18 12.34 2.19
C ALA A 38 -5.38 11.05 2.06
N VAL A 39 -5.63 10.10 2.96
CA VAL A 39 -4.94 8.82 2.95
C VAL A 39 -5.90 7.67 3.21
N VAL A 40 -5.48 6.47 2.85
CA VAL A 40 -6.31 5.28 3.06
C VAL A 40 -5.51 4.16 3.71
N LYS A 41 -5.71 3.97 5.01
CA LYS A 41 -5.01 2.93 5.76
C LYS A 41 -5.96 1.78 6.12
N ALA A 42 -5.62 0.58 5.66
CA ALA A 42 -6.43 -0.60 5.94
C ALA A 42 -6.18 -1.12 7.35
N ARG A 43 -5.08 -1.86 7.50
CA ARG A 43 -4.73 -2.43 8.80
C ARG A 43 -3.68 -1.57 9.50
N ASP A 44 -2.42 -1.74 9.12
CA ASP A 44 -1.33 -0.98 9.71
C ASP A 44 -0.64 -0.12 8.65
N LYS A 45 -0.78 -0.50 7.39
CA LYS A 45 -0.17 0.23 6.29
C LYS A 45 -1.08 1.35 5.80
N TYR A 46 -0.55 2.24 4.98
CA TYR A 46 -1.31 3.36 4.44
C TYR A 46 -1.15 3.45 2.93
N ARG A 47 -2.20 3.92 2.25
CA ARG A 47 -2.16 4.06 0.81
C ARG A 47 -3.02 5.24 0.36
N HIS A 48 -2.56 5.94 -0.67
CA HIS A 48 -3.27 7.10 -1.19
C HIS A 48 -4.70 6.73 -1.56
N PRO A 49 -5.56 7.75 -1.69
CA PRO A 49 -6.98 7.55 -2.04
C PRO A 49 -7.16 7.09 -3.48
N GLU A 50 -6.08 7.15 -4.25
CA GLU A 50 -6.12 6.74 -5.65
C GLU A 50 -5.19 5.55 -5.90
N CYS A 51 -4.17 5.42 -5.06
CA CYS A 51 -3.21 4.34 -5.19
C CYS A 51 -3.81 3.01 -4.72
N PHE A 52 -4.65 3.08 -3.68
CA PHE A 52 -5.30 1.89 -3.14
C PHE A 52 -6.00 1.11 -4.25
N VAL A 53 -5.36 0.02 -4.69
CA VAL A 53 -5.92 -0.81 -5.74
C VAL A 53 -5.34 -2.22 -5.69
N CYS A 54 -5.83 -3.09 -6.56
CA CYS A 54 -5.36 -4.48 -6.62
C CYS A 54 -3.97 -4.55 -7.24
N ALA A 55 -3.31 -5.69 -7.08
CA ALA A 55 -1.98 -5.89 -7.63
C ALA A 55 -2.03 -6.77 -8.88
N ASP A 56 -3.21 -7.28 -9.20
CA ASP A 56 -3.40 -8.13 -10.37
C ASP A 56 -4.18 -7.40 -11.45
N CYS A 57 -5.21 -6.68 -11.04
CA CYS A 57 -6.04 -5.94 -11.97
C CYS A 57 -5.98 -4.44 -11.69
N ASN A 58 -5.50 -4.08 -10.50
CA ASN A 58 -5.38 -2.69 -10.11
C ASN A 58 -6.76 -2.05 -9.93
N LEU A 59 -7.65 -2.77 -9.25
CA LEU A 59 -9.00 -2.29 -9.01
C LEU A 59 -9.07 -1.54 -7.68
N ASN A 60 -9.78 -0.41 -7.68
CA ASN A 60 -9.94 0.39 -6.47
C ASN A 60 -10.60 -0.41 -5.36
N LEU A 61 -9.80 -0.85 -4.39
CA LEU A 61 -10.31 -1.62 -3.27
C LEU A 61 -10.92 -0.71 -2.21
N LYS A 62 -10.55 0.56 -2.25
CA LYS A 62 -11.05 1.54 -1.29
C LYS A 62 -12.49 1.22 -0.89
N GLN A 63 -13.39 1.29 -1.86
CA GLN A 63 -14.80 1.01 -1.62
C GLN A 63 -15.06 -0.49 -1.57
N LYS A 64 -14.46 -1.22 -2.50
CA LYS A 64 -14.61 -2.66 -2.58
C LYS A 64 -13.94 -3.35 -1.40
N GLY A 65 -14.03 -4.67 -1.34
CA GLY A 65 -13.42 -5.42 -0.26
C GLY A 65 -11.94 -5.64 -0.48
N TYR A 66 -11.12 -5.03 0.38
CA TYR A 66 -9.67 -5.16 0.26
C TYR A 66 -9.20 -6.49 0.87
N PHE A 67 -8.02 -6.93 0.44
CA PHE A 67 -7.46 -8.18 0.94
C PHE A 67 -5.95 -8.04 1.17
N PHE A 68 -5.41 -8.89 2.04
CA PHE A 68 -3.99 -8.86 2.36
C PHE A 68 -3.36 -10.24 2.16
N VAL A 69 -2.65 -10.40 1.05
CA VAL A 69 -2.00 -11.67 0.74
C VAL A 69 -0.48 -11.50 0.63
N GLU A 70 0.23 -11.90 1.67
CA GLU A 70 1.68 -11.79 1.69
C GLU A 70 2.12 -10.34 1.69
N GLY A 71 1.36 -9.49 2.39
CA GLY A 71 1.68 -8.08 2.44
C GLY A 71 1.05 -7.29 1.32
N GLU A 72 0.94 -7.91 0.16
CA GLU A 72 0.34 -7.25 -1.00
C GLU A 72 -1.18 -7.24 -0.90
N LEU A 73 -1.80 -6.32 -1.62
CA LEU A 73 -3.26 -6.20 -1.61
C LEU A 73 -3.87 -6.83 -2.86
N TYR A 74 -5.17 -7.12 -2.79
CA TYR A 74 -5.87 -7.73 -3.91
C TYR A 74 -7.39 -7.57 -3.75
N CYS A 75 -8.10 -7.65 -4.87
CA CYS A 75 -9.55 -7.52 -4.86
C CYS A 75 -10.21 -8.79 -4.33
N GLU A 76 -11.52 -8.73 -4.12
CA GLU A 76 -12.27 -9.88 -3.61
C GLU A 76 -12.11 -11.08 -4.54
N THR A 77 -12.03 -10.82 -5.85
CA THR A 77 -11.87 -11.87 -6.83
C THR A 77 -10.50 -12.53 -6.73
N HIS A 78 -9.47 -11.78 -7.14
CA HIS A 78 -8.11 -12.29 -7.09
C HIS A 78 -7.75 -12.77 -5.68
N ALA A 79 -7.91 -11.89 -4.70
CA ALA A 79 -7.61 -12.21 -3.32
C ALA A 79 -8.18 -13.57 -2.94
N ARG A 80 -9.50 -13.71 -3.07
CA ARG A 80 -10.17 -14.96 -2.74
C ARG A 80 -9.42 -16.15 -3.33
N ALA A 81 -8.98 -16.01 -4.57
CA ALA A 81 -8.25 -17.07 -5.25
C ALA A 81 -6.95 -17.39 -4.52
N ARG A 82 -6.35 -16.38 -3.91
CA ARG A 82 -5.10 -16.55 -3.18
C ARG A 82 -5.35 -17.08 -1.78
N THR A 83 -6.06 -16.31 -0.97
CA THR A 83 -6.38 -16.71 0.40
C THR A 83 -7.31 -17.91 0.42
N SER A 84 -8.28 -17.92 -0.50
CA SER A 84 -9.25 -19.00 -0.59
C SER A 84 -9.90 -19.25 0.77
N GLY A 85 -10.19 -18.18 1.49
CA GLY A 85 -10.80 -18.30 2.80
C GLY A 85 -9.82 -18.06 3.93
N PRO A 86 -9.73 -16.80 4.38
CA PRO A 86 -8.82 -16.41 5.47
C PRO A 86 -9.27 -16.95 6.82
N SER A 87 -8.37 -17.62 7.51
CA SER A 87 -8.68 -18.19 8.82
C SER A 87 -8.78 -17.10 9.87
N SER A 88 -7.82 -16.19 9.88
CA SER A 88 -7.79 -15.09 10.85
C SER A 88 -9.17 -14.43 10.95
N GLY A 89 -9.70 -13.99 9.81
CA GLY A 89 -11.00 -13.36 9.79
C GLY A 89 -12.12 -14.32 10.12
N GLY A 1 16.10 -25.65 -48.59
CA GLY A 1 16.26 -25.48 -47.16
C GLY A 1 16.33 -24.03 -46.76
N SER A 2 16.33 -23.78 -45.45
CA SER A 2 16.38 -22.42 -44.93
C SER A 2 16.70 -22.42 -43.44
N SER A 3 17.27 -21.32 -42.95
CA SER A 3 17.61 -21.20 -41.54
C SER A 3 17.66 -19.73 -41.13
N GLY A 4 17.59 -19.50 -39.82
CA GLY A 4 17.63 -18.14 -39.31
C GLY A 4 16.65 -17.92 -38.16
N SER A 5 17.07 -17.14 -37.17
CA SER A 5 16.22 -16.86 -36.02
C SER A 5 16.77 -15.68 -35.22
N SER A 6 15.89 -15.02 -34.48
CA SER A 6 16.27 -13.86 -33.67
C SER A 6 15.51 -13.84 -32.35
N GLY A 7 15.98 -13.03 -31.41
CA GLY A 7 15.33 -12.92 -30.12
C GLY A 7 16.32 -12.81 -28.98
N VAL A 8 16.70 -11.57 -28.65
CA VAL A 8 17.65 -11.33 -27.57
C VAL A 8 17.28 -10.06 -26.80
N ARG A 9 16.73 -10.24 -25.60
CA ARG A 9 16.34 -9.12 -24.76
C ARG A 9 17.24 -9.02 -23.54
N ALA A 10 17.40 -7.80 -23.03
CA ALA A 10 18.23 -7.56 -21.86
C ALA A 10 17.45 -6.84 -20.76
N PRO A 11 17.20 -7.54 -19.65
CA PRO A 11 16.47 -6.99 -18.51
C PRO A 11 17.27 -5.92 -17.78
N VAL A 12 16.59 -4.83 -17.40
CA VAL A 12 17.23 -3.75 -16.68
C VAL A 12 16.22 -2.97 -15.84
N THR A 13 16.66 -2.54 -14.66
CA THR A 13 15.79 -1.79 -13.76
C THR A 13 16.57 -0.68 -13.05
N LYS A 14 15.99 0.51 -13.04
CA LYS A 14 16.63 1.66 -12.40
C LYS A 14 15.58 2.60 -11.81
N VAL A 15 15.77 2.99 -10.54
CA VAL A 15 14.84 3.88 -9.87
C VAL A 15 15.59 5.04 -9.21
N HIS A 16 14.99 6.23 -9.26
CA HIS A 16 15.60 7.41 -8.66
C HIS A 16 14.53 8.44 -8.28
N GLY A 17 14.49 8.80 -7.01
CA GLY A 17 13.52 9.77 -6.54
C GLY A 17 13.97 10.49 -5.28
N GLY A 18 13.01 10.98 -4.50
CA GLY A 18 13.35 11.69 -3.28
C GLY A 18 12.50 12.93 -3.09
N ALA A 19 12.44 13.42 -1.87
CA ALA A 19 11.66 14.63 -1.56
C ALA A 19 11.99 15.14 -0.16
N GLY A 20 11.38 16.26 0.20
CA GLY A 20 11.61 16.85 1.50
C GLY A 20 10.39 17.54 2.08
N SER A 21 9.70 16.86 2.98
CA SER A 21 8.49 17.39 3.60
C SER A 21 8.77 17.86 5.02
N ALA A 22 9.60 17.10 5.72
CA ALA A 22 9.96 17.44 7.10
C ALA A 22 8.75 17.27 8.03
N GLN A 23 7.99 16.21 7.81
CA GLN A 23 6.81 15.94 8.63
C GLN A 23 6.75 14.47 9.02
N ARG A 24 5.87 14.15 9.96
CA ARG A 24 5.71 12.77 10.43
C ARG A 24 4.56 12.09 9.69
N MET A 25 4.15 12.65 8.56
CA MET A 25 3.07 12.09 7.76
C MET A 25 3.47 10.74 7.18
N PRO A 26 2.47 9.90 6.92
CA PRO A 26 2.69 8.56 6.36
C PRO A 26 3.15 8.61 4.91
N LEU A 27 4.00 7.66 4.53
CA LEU A 27 4.52 7.59 3.17
C LEU A 27 3.83 6.49 2.37
N CYS A 28 3.22 6.87 1.25
CA CYS A 28 2.52 5.93 0.39
C CYS A 28 3.42 4.75 0.04
N ASP A 29 2.97 3.54 0.39
CA ASP A 29 3.74 2.33 0.11
C ASP A 29 3.56 1.89 -1.34
N LYS A 30 2.82 2.68 -2.10
CA LYS A 30 2.56 2.38 -3.50
C LYS A 30 3.51 3.17 -4.41
N CYS A 31 3.48 4.48 -4.27
CA CYS A 31 4.34 5.36 -5.08
C CYS A 31 5.39 6.03 -4.20
N GLY A 32 5.55 5.54 -2.98
CA GLY A 32 6.53 6.11 -2.07
C GLY A 32 6.59 7.63 -2.17
N SER A 33 5.42 8.27 -2.11
CA SER A 33 5.35 9.72 -2.20
C SER A 33 4.60 10.29 -0.99
N GLY A 34 5.26 11.21 -0.28
CA GLY A 34 4.64 11.83 0.87
C GLY A 34 3.14 11.97 0.72
N ILE A 35 2.42 11.80 1.83
CA ILE A 35 0.97 11.92 1.81
C ILE A 35 0.50 13.09 2.67
N VAL A 36 -0.22 14.02 2.06
CA VAL A 36 -0.73 15.18 2.77
C VAL A 36 -2.07 15.64 2.21
N GLY A 37 -3.12 15.55 3.02
CA GLY A 37 -4.44 15.95 2.57
C GLY A 37 -5.44 14.82 2.63
N ALA A 38 -5.14 13.72 1.94
CA ALA A 38 -6.02 12.56 1.91
C ALA A 38 -5.22 11.27 1.83
N VAL A 39 -5.51 10.34 2.75
CA VAL A 39 -4.82 9.06 2.78
C VAL A 39 -5.80 7.92 3.01
N VAL A 40 -5.35 6.70 2.73
CA VAL A 40 -6.19 5.52 2.90
C VAL A 40 -5.41 4.39 3.58
N LYS A 41 -5.66 4.21 4.87
CA LYS A 41 -5.00 3.17 5.64
C LYS A 41 -5.97 2.07 6.03
N ALA A 42 -5.66 0.84 5.63
CA ALA A 42 -6.51 -0.31 5.94
C ALA A 42 -6.26 -0.81 7.36
N ARG A 43 -5.18 -1.56 7.54
CA ARG A 43 -4.84 -2.11 8.84
C ARG A 43 -3.78 -1.25 9.53
N ASP A 44 -2.52 -1.47 9.16
CA ASP A 44 -1.42 -0.71 9.73
C ASP A 44 -0.69 0.09 8.65
N LYS A 45 -0.86 -0.32 7.41
CA LYS A 45 -0.22 0.36 6.27
C LYS A 45 -1.10 1.51 5.78
N TYR A 46 -0.50 2.39 4.97
CA TYR A 46 -1.23 3.52 4.42
C TYR A 46 -1.06 3.60 2.90
N ARG A 47 -2.09 4.09 2.22
CA ARG A 47 -2.05 4.21 0.76
C ARG A 47 -2.86 5.42 0.31
N HIS A 48 -2.37 6.08 -0.74
CA HIS A 48 -3.06 7.25 -1.29
C HIS A 48 -4.50 6.93 -1.63
N PRO A 49 -5.32 7.97 -1.80
CA PRO A 49 -6.74 7.83 -2.14
C PRO A 49 -6.95 7.32 -3.56
N GLU A 50 -5.87 7.31 -4.34
CA GLU A 50 -5.93 6.85 -5.73
C GLU A 50 -5.04 5.62 -5.93
N CYS A 51 -3.99 5.53 -5.12
CA CYS A 51 -3.05 4.42 -5.22
C CYS A 51 -3.70 3.12 -4.72
N PHE A 52 -4.56 3.24 -3.72
CA PHE A 52 -5.25 2.08 -3.16
C PHE A 52 -5.94 1.28 -4.25
N VAL A 53 -5.32 0.17 -4.64
CA VAL A 53 -5.87 -0.69 -5.67
C VAL A 53 -5.29 -2.09 -5.60
N CYS A 54 -5.81 -3.00 -6.42
CA CYS A 54 -5.34 -4.37 -6.46
C CYS A 54 -3.92 -4.45 -7.00
N ALA A 55 -3.29 -5.62 -6.86
CA ALA A 55 -1.93 -5.81 -7.33
C ALA A 55 -1.91 -6.67 -8.60
N ASP A 56 -3.05 -7.26 -8.93
CA ASP A 56 -3.17 -8.09 -10.11
C ASP A 56 -3.92 -7.36 -11.22
N CYS A 57 -4.98 -6.65 -10.85
CA CYS A 57 -5.79 -5.90 -11.80
C CYS A 57 -5.71 -4.40 -11.53
N ASN A 58 -5.24 -4.05 -10.34
CA ASN A 58 -5.11 -2.64 -9.95
C ASN A 58 -6.49 -1.98 -9.88
N LEU A 59 -7.45 -2.69 -9.31
CA LEU A 59 -8.81 -2.18 -9.18
C LEU A 59 -8.97 -1.40 -7.88
N ASN A 60 -9.84 -0.39 -7.89
CA ASN A 60 -10.08 0.42 -6.71
C ASN A 60 -10.61 -0.42 -5.56
N LEU A 61 -9.82 -0.53 -4.50
CA LEU A 61 -10.21 -1.31 -3.33
C LEU A 61 -10.81 -0.41 -2.25
N LYS A 62 -10.59 0.88 -2.37
CA LYS A 62 -11.11 1.85 -1.41
C LYS A 62 -12.48 1.42 -0.90
N GLN A 63 -13.45 1.33 -1.81
CA GLN A 63 -14.80 0.92 -1.44
C GLN A 63 -14.94 -0.60 -1.49
N LYS A 64 -14.38 -1.21 -2.52
CA LYS A 64 -14.44 -2.65 -2.69
C LYS A 64 -13.71 -3.37 -1.55
N GLY A 65 -14.28 -4.47 -1.08
CA GLY A 65 -13.68 -5.22 0.00
C GLY A 65 -12.20 -5.50 -0.25
N TYR A 66 -11.34 -4.83 0.52
CA TYR A 66 -9.90 -5.01 0.38
C TYR A 66 -9.45 -6.31 1.03
N PHE A 67 -8.25 -6.76 0.66
CA PHE A 67 -7.69 -7.99 1.21
C PHE A 67 -6.20 -7.83 1.50
N PHE A 68 -5.61 -8.87 2.09
CA PHE A 68 -4.20 -8.85 2.42
C PHE A 68 -3.58 -10.24 2.28
N VAL A 69 -2.87 -10.46 1.19
CA VAL A 69 -2.24 -11.75 0.93
C VAL A 69 -0.74 -11.58 0.70
N GLU A 70 0.07 -12.28 1.49
CA GLU A 70 1.52 -12.21 1.37
C GLU A 70 2.00 -10.76 1.40
N GLY A 71 1.50 -9.99 2.36
CA GLY A 71 1.88 -8.61 2.48
C GLY A 71 1.53 -7.80 1.25
N GLU A 72 0.41 -8.12 0.62
CA GLU A 72 -0.03 -7.42 -0.58
C GLU A 72 -1.55 -7.30 -0.60
N LEU A 73 -2.03 -6.21 -1.21
CA LEU A 73 -3.47 -5.97 -1.31
C LEU A 73 -4.05 -6.61 -2.57
N TYR A 74 -5.33 -6.97 -2.52
CA TYR A 74 -6.00 -7.58 -3.65
C TYR A 74 -7.50 -7.36 -3.58
N CYS A 75 -8.18 -7.57 -4.71
CA CYS A 75 -9.62 -7.40 -4.77
C CYS A 75 -10.35 -8.66 -4.31
N GLU A 76 -11.61 -8.50 -3.94
CA GLU A 76 -12.42 -9.63 -3.48
C GLU A 76 -12.28 -10.82 -4.43
N THR A 77 -12.25 -10.53 -5.72
CA THR A 77 -12.12 -11.58 -6.74
C THR A 77 -10.80 -12.33 -6.59
N HIS A 78 -9.70 -11.65 -6.92
CA HIS A 78 -8.38 -12.25 -6.82
C HIS A 78 -8.10 -12.75 -5.41
N ALA A 79 -8.22 -11.85 -4.44
CA ALA A 79 -7.99 -12.21 -3.05
C ALA A 79 -8.64 -13.54 -2.70
N ARG A 80 -9.95 -13.61 -2.91
CA ARG A 80 -10.70 -14.83 -2.61
C ARG A 80 -10.01 -16.05 -3.20
N ALA A 81 -9.51 -15.91 -4.43
CA ALA A 81 -8.82 -17.02 -5.10
C ALA A 81 -7.57 -17.41 -4.33
N ARG A 82 -6.83 -16.42 -3.84
CA ARG A 82 -5.60 -16.67 -3.10
C ARG A 82 -5.91 -17.25 -1.72
N THR A 83 -6.64 -16.50 -0.91
CA THR A 83 -7.00 -16.94 0.43
C THR A 83 -8.20 -17.88 0.39
N SER A 84 -8.49 -18.41 -0.80
CA SER A 84 -9.61 -19.33 -0.97
C SER A 84 -9.80 -20.20 0.27
N GLY A 85 -8.70 -20.77 0.75
CA GLY A 85 -8.76 -21.62 1.93
C GLY A 85 -8.14 -20.97 3.14
N PRO A 86 -8.93 -20.14 3.84
CA PRO A 86 -8.47 -19.43 5.04
C PRO A 86 -8.26 -20.37 6.22
N SER A 87 -7.35 -19.99 7.12
CA SER A 87 -7.05 -20.81 8.30
C SER A 87 -8.01 -20.48 9.43
N SER A 88 -8.55 -21.52 10.06
CA SER A 88 -9.49 -21.35 11.16
C SER A 88 -8.76 -21.44 12.50
N GLY A 89 -9.20 -20.63 13.46
CA GLY A 89 -8.58 -20.63 14.77
C GLY A 89 -9.52 -20.10 15.86
N GLY A 1 26.50 -25.08 16.20
CA GLY A 1 25.27 -24.46 16.69
C GLY A 1 24.69 -23.47 15.71
N SER A 2 23.95 -22.49 16.22
CA SER A 2 23.33 -21.47 15.38
C SER A 2 23.58 -20.07 15.93
N SER A 3 24.10 -19.19 15.08
CA SER A 3 24.40 -17.82 15.48
C SER A 3 24.41 -16.90 14.27
N GLY A 4 24.47 -15.60 14.53
CA GLY A 4 24.50 -14.62 13.46
C GLY A 4 25.63 -13.62 13.60
N SER A 5 25.71 -12.67 12.67
CA SER A 5 26.75 -11.66 12.70
C SER A 5 26.40 -10.49 11.78
N SER A 6 27.05 -9.35 12.00
CA SER A 6 26.81 -8.16 11.19
C SER A 6 28.08 -7.33 11.06
N GLY A 7 28.05 -6.36 10.16
CA GLY A 7 29.21 -5.51 9.95
C GLY A 7 29.29 -4.99 8.52
N VAL A 8 29.35 -3.67 8.37
CA VAL A 8 29.44 -3.06 7.05
C VAL A 8 30.33 -1.82 7.08
N ARG A 9 30.96 -1.52 5.95
CA ARG A 9 31.84 -0.36 5.85
C ARG A 9 31.71 0.29 4.48
N ALA A 10 31.11 1.48 4.45
CA ALA A 10 30.93 2.21 3.20
C ALA A 10 30.78 3.71 3.46
N PRO A 11 31.18 4.52 2.47
CA PRO A 11 31.11 5.98 2.57
C PRO A 11 29.67 6.50 2.55
N VAL A 12 29.53 7.81 2.57
CA VAL A 12 28.20 8.44 2.56
C VAL A 12 28.27 9.86 2.05
N THR A 13 27.23 10.30 1.35
CA THR A 13 27.17 11.65 0.81
C THR A 13 26.62 12.63 1.84
N LYS A 14 26.93 13.90 1.65
CA LYS A 14 26.45 14.95 2.56
C LYS A 14 24.94 14.87 2.74
N VAL A 15 24.51 14.45 3.92
CA VAL A 15 23.10 14.34 4.23
C VAL A 15 22.49 15.70 4.55
N HIS A 16 21.22 15.88 4.19
CA HIS A 16 20.52 17.13 4.44
C HIS A 16 20.25 17.33 5.93
N GLY A 17 19.69 18.47 6.29
CA GLY A 17 19.39 18.76 7.67
C GLY A 17 18.94 17.52 8.43
N GLY A 18 19.13 17.54 9.74
CA GLY A 18 18.73 16.41 10.56
C GLY A 18 17.22 16.30 10.70
N ALA A 19 16.69 16.76 11.81
CA ALA A 19 15.25 16.72 12.06
C ALA A 19 14.76 17.99 12.72
N GLY A 20 13.58 18.47 12.30
CA GLY A 20 13.03 19.68 12.87
C GLY A 20 11.70 20.05 12.25
N SER A 21 10.64 20.00 13.06
CA SER A 21 9.30 20.33 12.58
C SER A 21 8.91 19.45 11.40
N ALA A 22 9.23 18.16 11.51
CA ALA A 22 8.92 17.20 10.44
C ALA A 22 7.41 17.14 10.20
N GLN A 23 7.02 16.59 9.05
CA GLN A 23 5.62 16.46 8.70
C GLN A 23 4.96 15.35 9.50
N ARG A 24 5.69 14.27 9.73
CA ARG A 24 5.18 13.13 10.48
C ARG A 24 3.99 12.50 9.77
N MET A 25 4.12 12.32 8.46
CA MET A 25 3.05 11.73 7.66
C MET A 25 3.48 10.37 7.09
N PRO A 26 2.50 9.50 6.83
CA PRO A 26 2.75 8.17 6.28
C PRO A 26 3.23 8.21 4.84
N LEU A 27 4.08 7.27 4.47
CA LEU A 27 4.62 7.20 3.11
C LEU A 27 3.90 6.14 2.29
N CYS A 28 3.24 6.57 1.22
CA CYS A 28 2.50 5.66 0.35
C CYS A 28 3.40 4.50 -0.09
N ASP A 29 2.94 3.27 0.16
CA ASP A 29 3.69 2.09 -0.21
C ASP A 29 3.48 1.75 -1.69
N LYS A 30 2.71 2.59 -2.37
CA LYS A 30 2.43 2.39 -3.79
C LYS A 30 3.34 3.25 -4.66
N CYS A 31 3.32 4.55 -4.42
CA CYS A 31 4.14 5.49 -5.17
C CYS A 31 5.19 6.14 -4.28
N GLY A 32 5.41 5.55 -3.11
CA GLY A 32 6.38 6.08 -2.17
C GLY A 32 6.42 7.60 -2.19
N SER A 33 5.25 8.22 -2.12
CA SER A 33 5.16 9.68 -2.13
C SER A 33 4.45 10.19 -0.87
N GLY A 34 5.11 11.09 -0.15
CA GLY A 34 4.54 11.64 1.06
C GLY A 34 3.03 11.79 0.97
N ILE A 35 2.34 11.48 2.06
CA ILE A 35 0.89 11.56 2.11
C ILE A 35 0.43 12.69 3.03
N VAL A 36 -0.40 13.59 2.51
CA VAL A 36 -0.91 14.71 3.29
C VAL A 36 -2.21 15.23 2.71
N GLY A 37 -3.27 15.17 3.52
CA GLY A 37 -4.56 15.65 3.07
C GLY A 37 -5.60 14.54 3.00
N ALA A 38 -5.23 13.44 2.36
CA ALA A 38 -6.14 12.30 2.22
C ALA A 38 -5.35 10.99 2.07
N VAL A 39 -5.63 10.04 2.95
CA VAL A 39 -4.96 8.74 2.92
C VAL A 39 -5.94 7.61 3.19
N VAL A 40 -5.50 6.38 2.90
CA VAL A 40 -6.34 5.21 3.12
C VAL A 40 -5.54 4.08 3.75
N LYS A 41 -5.72 3.89 5.05
CA LYS A 41 -5.01 2.84 5.77
C LYS A 41 -5.97 1.70 6.15
N ALA A 42 -5.67 0.50 5.68
CA ALA A 42 -6.49 -0.67 5.97
C ALA A 42 -6.21 -1.20 7.37
N ARG A 43 -5.13 -1.95 7.50
CA ARG A 43 -4.75 -2.52 8.80
C ARG A 43 -3.69 -1.67 9.48
N ASP A 44 -2.44 -1.85 9.09
CA ASP A 44 -1.34 -1.10 9.67
C ASP A 44 -0.64 -0.25 8.60
N LYS A 45 -0.83 -0.62 7.34
CA LYS A 45 -0.23 0.11 6.23
C LYS A 45 -1.13 1.24 5.76
N TYR A 46 -0.58 2.14 4.96
CA TYR A 46 -1.33 3.28 4.44
C TYR A 46 -1.17 3.39 2.92
N ARG A 47 -2.22 3.85 2.25
CA ARG A 47 -2.20 4.01 0.81
C ARG A 47 -3.03 5.21 0.38
N HIS A 48 -2.57 5.90 -0.66
CA HIS A 48 -3.27 7.07 -1.18
C HIS A 48 -4.71 6.71 -1.56
N PRO A 49 -5.56 7.74 -1.68
CA PRO A 49 -6.97 7.57 -2.05
C PRO A 49 -7.14 7.12 -3.50
N GLU A 50 -6.05 7.18 -4.26
CA GLU A 50 -6.08 6.78 -5.67
C GLU A 50 -5.17 5.59 -5.92
N CYS A 51 -4.17 5.43 -5.06
CA CYS A 51 -3.22 4.33 -5.18
C CYS A 51 -3.85 3.03 -4.72
N PHE A 52 -4.70 3.10 -3.71
CA PHE A 52 -5.37 1.92 -3.17
C PHE A 52 -6.05 1.12 -4.28
N VAL A 53 -5.41 0.04 -4.70
CA VAL A 53 -5.95 -0.81 -5.76
C VAL A 53 -5.32 -2.20 -5.72
N CYS A 54 -5.82 -3.08 -6.58
CA CYS A 54 -5.31 -4.45 -6.64
C CYS A 54 -3.91 -4.47 -7.24
N ALA A 55 -3.25 -5.62 -7.16
CA ALA A 55 -1.90 -5.78 -7.69
C ALA A 55 -1.91 -6.60 -8.97
N ASP A 56 -3.05 -7.19 -9.28
CA ASP A 56 -3.19 -8.00 -10.49
C ASP A 56 -4.02 -7.28 -11.54
N CYS A 57 -5.07 -6.60 -11.09
CA CYS A 57 -5.94 -5.86 -11.99
C CYS A 57 -5.91 -4.37 -11.69
N ASN A 58 -5.39 -4.02 -10.51
CA ASN A 58 -5.30 -2.63 -10.09
C ASN A 58 -6.69 -2.01 -9.94
N LEU A 59 -7.59 -2.76 -9.32
CA LEU A 59 -8.96 -2.30 -9.11
C LEU A 59 -9.09 -1.59 -7.76
N ASN A 60 -9.86 -0.52 -7.73
CA ASN A 60 -10.07 0.25 -6.52
C ASN A 60 -10.53 -0.65 -5.38
N LEU A 61 -9.71 -0.77 -4.35
CA LEU A 61 -10.04 -1.60 -3.19
C LEU A 61 -10.52 -0.75 -2.03
N LYS A 62 -10.84 0.51 -2.32
CA LYS A 62 -11.32 1.44 -1.29
C LYS A 62 -12.72 1.04 -0.83
N GLN A 63 -13.70 1.23 -1.70
CA GLN A 63 -15.09 0.89 -1.39
C GLN A 63 -15.28 -0.61 -1.31
N LYS A 64 -14.66 -1.33 -2.26
CA LYS A 64 -14.77 -2.78 -2.30
C LYS A 64 -13.98 -3.43 -1.16
N GLY A 65 -14.17 -4.72 -0.98
CA GLY A 65 -13.48 -5.43 0.09
C GLY A 65 -12.02 -5.67 -0.24
N TYR A 66 -11.13 -4.99 0.49
CA TYR A 66 -9.70 -5.12 0.27
C TYR A 66 -9.17 -6.41 0.90
N PHE A 67 -8.01 -6.86 0.42
CA PHE A 67 -7.39 -8.09 0.93
C PHE A 67 -5.89 -7.90 1.13
N PHE A 68 -5.30 -8.75 1.96
CA PHE A 68 -3.87 -8.68 2.23
C PHE A 68 -3.22 -10.06 2.09
N VAL A 69 -2.55 -10.27 0.96
CA VAL A 69 -1.88 -11.54 0.70
C VAL A 69 -0.38 -11.35 0.54
N GLU A 70 0.38 -11.79 1.53
CA GLU A 70 1.84 -11.67 1.50
C GLU A 70 2.26 -10.20 1.46
N GLY A 71 1.55 -9.37 2.21
CA GLY A 71 1.86 -7.96 2.24
C GLY A 71 1.21 -7.19 1.11
N GLU A 72 1.06 -7.85 -0.04
CA GLU A 72 0.45 -7.22 -1.20
C GLU A 72 -1.07 -7.24 -1.09
N LEU A 73 -1.71 -6.24 -1.71
CA LEU A 73 -3.17 -6.15 -1.68
C LEU A 73 -3.78 -6.83 -2.90
N TYR A 74 -5.06 -7.17 -2.79
CA TYR A 74 -5.76 -7.83 -3.89
C TYR A 74 -7.27 -7.65 -3.75
N CYS A 75 -7.99 -7.82 -4.86
CA CYS A 75 -9.45 -7.68 -4.86
C CYS A 75 -10.12 -8.99 -4.46
N GLU A 76 -11.30 -8.88 -3.87
CA GLU A 76 -12.06 -10.06 -3.44
C GLU A 76 -11.89 -11.20 -4.43
N THR A 77 -11.94 -10.87 -5.72
CA THR A 77 -11.81 -11.87 -6.78
C THR A 77 -10.44 -12.55 -6.71
N HIS A 78 -9.40 -11.81 -7.04
CA HIS A 78 -8.04 -12.35 -7.02
C HIS A 78 -7.68 -12.86 -5.63
N ALA A 79 -7.81 -11.98 -4.63
CA ALA A 79 -7.50 -12.35 -3.26
C ALA A 79 -8.07 -13.73 -2.91
N ARG A 80 -9.38 -13.86 -3.05
CA ARG A 80 -10.04 -15.13 -2.74
C ARG A 80 -9.26 -16.30 -3.31
N ALA A 81 -8.74 -16.14 -4.53
CA ALA A 81 -7.96 -17.18 -5.17
C ALA A 81 -6.67 -17.47 -4.42
N ARG A 82 -6.11 -16.43 -3.80
CA ARG A 82 -4.88 -16.56 -3.04
C ARG A 82 -5.15 -17.11 -1.64
N THR A 83 -5.89 -16.35 -0.85
CA THR A 83 -6.23 -16.76 0.52
C THR A 83 -7.17 -17.95 0.50
N SER A 84 -8.23 -17.87 -0.29
CA SER A 84 -9.21 -18.94 -0.39
C SER A 84 -9.90 -19.17 0.95
N GLY A 85 -10.30 -18.07 1.60
CA GLY A 85 -10.97 -18.18 2.89
C GLY A 85 -10.33 -17.28 3.93
N PRO A 86 -10.76 -16.01 3.98
CA PRO A 86 -10.23 -15.03 4.94
C PRO A 86 -10.68 -15.34 6.37
N SER A 87 -11.29 -16.50 6.56
CA SER A 87 -11.77 -16.90 7.88
C SER A 87 -10.73 -17.76 8.59
N SER A 88 -10.37 -18.88 7.98
CA SER A 88 -9.40 -19.79 8.56
C SER A 88 -8.67 -20.58 7.47
N GLY A 89 -7.49 -21.08 7.80
CA GLY A 89 -6.72 -21.85 6.84
C GLY A 89 -5.52 -22.55 7.47
N GLY A 1 31.13 -22.15 -51.94
CA GLY A 1 30.64 -22.13 -50.58
C GLY A 1 30.26 -20.73 -50.13
N SER A 2 29.36 -20.65 -49.16
CA SER A 2 28.92 -19.35 -48.63
C SER A 2 28.35 -19.51 -47.22
N SER A 3 28.54 -18.48 -46.39
CA SER A 3 28.05 -18.50 -45.02
C SER A 3 28.13 -17.11 -44.40
N GLY A 4 27.66 -17.01 -43.16
CA GLY A 4 27.70 -15.73 -42.47
C GLY A 4 26.70 -15.67 -41.33
N SER A 5 27.04 -14.92 -40.28
CA SER A 5 26.18 -14.79 -39.11
C SER A 5 26.65 -13.66 -38.21
N SER A 6 25.72 -13.07 -37.47
CA SER A 6 26.05 -11.97 -36.56
C SER A 6 24.90 -11.70 -35.59
N GLY A 7 25.11 -10.76 -34.68
CA GLY A 7 24.08 -10.43 -33.70
C GLY A 7 24.65 -9.73 -32.49
N VAL A 8 24.08 -8.57 -32.16
CA VAL A 8 24.53 -7.81 -31.00
C VAL A 8 23.36 -7.10 -30.32
N ARG A 9 23.40 -7.04 -29.00
CA ARG A 9 22.35 -6.38 -28.23
C ARG A 9 22.91 -5.77 -26.94
N ALA A 10 22.24 -4.74 -26.44
CA ALA A 10 22.67 -4.07 -25.23
C ALA A 10 21.50 -3.36 -24.55
N PRO A 11 21.20 -3.78 -23.32
CA PRO A 11 20.10 -3.20 -22.53
C PRO A 11 20.39 -1.78 -22.08
N VAL A 12 19.41 -1.13 -21.47
CA VAL A 12 19.56 0.23 -20.98
C VAL A 12 18.76 0.47 -19.71
N THR A 13 19.46 0.60 -18.59
CA THR A 13 18.80 0.83 -17.31
C THR A 13 19.47 1.96 -16.54
N LYS A 14 18.67 2.75 -15.83
CA LYS A 14 19.20 3.87 -15.05
C LYS A 14 18.37 4.07 -13.77
N VAL A 15 19.06 4.32 -12.67
CA VAL A 15 18.39 4.54 -11.39
C VAL A 15 19.07 5.65 -10.60
N HIS A 16 18.29 6.34 -9.78
CA HIS A 16 18.82 7.44 -8.96
C HIS A 16 17.95 7.66 -7.73
N GLY A 17 18.60 7.85 -6.57
CA GLY A 17 17.87 8.06 -5.35
C GLY A 17 17.85 9.52 -4.92
N GLY A 18 16.92 9.88 -4.06
CA GLY A 18 16.81 11.25 -3.60
C GLY A 18 15.82 11.41 -2.46
N ALA A 19 16.27 12.06 -1.38
CA ALA A 19 15.42 12.27 -0.23
C ALA A 19 15.89 13.47 0.59
N GLY A 20 15.13 13.82 1.63
CA GLY A 20 15.49 14.95 2.46
C GLY A 20 14.81 14.91 3.82
N SER A 21 13.82 15.78 4.01
CA SER A 21 13.09 15.84 5.27
C SER A 21 11.79 15.04 5.18
N ALA A 22 11.46 14.32 6.25
CA ALA A 22 10.25 13.52 6.29
C ALA A 22 9.31 14.02 7.39
N GLN A 23 8.13 14.46 7.00
CA GLN A 23 7.14 14.96 7.95
C GLN A 23 6.53 13.81 8.76
N ARG A 24 5.63 14.16 9.67
CA ARG A 24 4.98 13.16 10.51
C ARG A 24 3.84 12.48 9.76
N MET A 25 3.82 12.65 8.45
CA MET A 25 2.77 12.05 7.62
C MET A 25 3.20 10.69 7.11
N PRO A 26 2.22 9.82 6.83
CA PRO A 26 2.47 8.46 6.33
C PRO A 26 3.00 8.46 4.90
N LEU A 27 3.84 7.46 4.60
CA LEU A 27 4.42 7.35 3.26
C LEU A 27 3.71 6.26 2.45
N CYS A 28 3.13 6.66 1.33
CA CYS A 28 2.41 5.73 0.46
C CYS A 28 3.29 4.52 0.13
N ASP A 29 2.77 3.33 0.38
CA ASP A 29 3.51 2.11 0.11
C ASP A 29 3.38 1.72 -1.36
N LYS A 30 2.66 2.53 -2.13
CA LYS A 30 2.46 2.27 -3.54
C LYS A 30 3.45 3.08 -4.38
N CYS A 31 3.44 4.40 -4.20
CA CYS A 31 4.33 5.27 -4.94
C CYS A 31 5.36 5.91 -4.02
N GLY A 32 5.51 5.35 -2.82
CA GLY A 32 6.46 5.87 -1.86
C GLY A 32 6.55 7.38 -1.91
N SER A 33 5.40 8.05 -1.91
CA SER A 33 5.35 9.51 -1.95
C SER A 33 4.58 10.06 -0.76
N GLY A 34 5.24 10.92 0.02
CA GLY A 34 4.61 11.51 1.18
C GLY A 34 3.13 11.76 0.96
N ILE A 35 2.33 11.52 2.00
CA ILE A 35 0.89 11.72 1.93
C ILE A 35 0.45 12.85 2.84
N VAL A 36 -0.26 13.82 2.28
CA VAL A 36 -0.74 14.97 3.03
C VAL A 36 -2.05 15.50 2.46
N GLY A 37 -3.12 15.43 3.26
CA GLY A 37 -4.41 15.91 2.81
C GLY A 37 -5.43 14.78 2.69
N ALA A 38 -4.99 13.64 2.17
CA ALA A 38 -5.87 12.49 2.01
C ALA A 38 -5.08 11.20 1.98
N VAL A 39 -5.42 10.27 2.87
CA VAL A 39 -4.75 8.99 2.93
C VAL A 39 -5.74 7.84 3.13
N VAL A 40 -5.34 6.64 2.75
CA VAL A 40 -6.20 5.47 2.89
C VAL A 40 -5.44 4.30 3.52
N LYS A 41 -5.69 4.09 4.81
CA LYS A 41 -5.05 3.01 5.54
C LYS A 41 -6.02 1.85 5.78
N ALA A 42 -5.61 0.66 5.37
CA ALA A 42 -6.44 -0.53 5.55
C ALA A 42 -6.30 -1.10 6.95
N ARG A 43 -5.24 -1.87 7.17
CA ARG A 43 -4.99 -2.47 8.48
C ARG A 43 -3.93 -1.69 9.23
N ASP A 44 -2.67 -1.89 8.85
CA ASP A 44 -1.56 -1.21 9.51
C ASP A 44 -0.81 -0.32 8.51
N LYS A 45 -0.91 -0.66 7.23
CA LYS A 45 -0.25 0.11 6.19
C LYS A 45 -1.15 1.23 5.68
N TYR A 46 -0.56 2.18 4.95
CA TYR A 46 -1.31 3.30 4.41
C TYR A 46 -1.14 3.39 2.90
N ARG A 47 -2.17 3.90 2.22
CA ARG A 47 -2.13 4.04 0.78
C ARG A 47 -2.91 5.27 0.33
N HIS A 48 -2.44 5.93 -0.72
CA HIS A 48 -3.09 7.12 -1.25
C HIS A 48 -4.54 6.82 -1.62
N PRO A 49 -5.34 7.88 -1.78
CA PRO A 49 -6.76 7.76 -2.14
C PRO A 49 -6.95 7.27 -3.57
N GLU A 50 -5.88 7.27 -4.34
CA GLU A 50 -5.94 6.84 -5.73
C GLU A 50 -5.05 5.62 -5.95
N CYS A 51 -3.99 5.49 -5.14
CA CYS A 51 -3.07 4.38 -5.25
C CYS A 51 -3.72 3.08 -4.79
N PHE A 52 -4.59 3.19 -3.79
CA PHE A 52 -5.29 2.02 -3.25
C PHE A 52 -5.98 1.24 -4.36
N VAL A 53 -5.36 0.12 -4.76
CA VAL A 53 -5.91 -0.72 -5.81
C VAL A 53 -5.32 -2.12 -5.76
N CYS A 54 -5.84 -3.01 -6.60
CA CYS A 54 -5.37 -4.38 -6.65
C CYS A 54 -3.96 -4.46 -7.23
N ALA A 55 -3.33 -5.62 -7.10
CA ALA A 55 -1.98 -5.82 -7.61
C ALA A 55 -2.00 -6.66 -8.88
N ASP A 56 -3.17 -7.18 -9.23
CA ASP A 56 -3.32 -8.00 -10.42
C ASP A 56 -4.14 -7.28 -11.49
N CYS A 57 -5.19 -6.59 -11.04
CA CYS A 57 -6.06 -5.85 -11.95
C CYS A 57 -6.03 -4.35 -11.65
N ASN A 58 -5.46 -4.00 -10.50
CA ASN A 58 -5.35 -2.60 -10.09
C ASN A 58 -6.73 -1.98 -9.95
N LEU A 59 -7.64 -2.71 -9.29
CA LEU A 59 -9.00 -2.23 -9.08
C LEU A 59 -9.10 -1.43 -7.78
N ASN A 60 -9.84 -0.33 -7.84
CA ASN A 60 -10.01 0.53 -6.66
C ASN A 60 -10.63 -0.25 -5.51
N LEU A 61 -9.80 -0.61 -4.53
CA LEU A 61 -10.27 -1.36 -3.37
C LEU A 61 -10.90 -0.43 -2.34
N LYS A 62 -10.57 0.85 -2.43
CA LYS A 62 -11.10 1.85 -1.51
C LYS A 62 -12.55 1.51 -1.12
N GLN A 63 -13.44 1.54 -2.10
CA GLN A 63 -14.84 1.24 -1.88
C GLN A 63 -15.06 -0.26 -1.73
N LYS A 64 -14.41 -1.03 -2.59
CA LYS A 64 -14.54 -2.49 -2.56
C LYS A 64 -13.87 -3.07 -1.32
N GLY A 65 -13.95 -4.38 -1.17
CA GLY A 65 -13.36 -5.05 -0.02
C GLY A 65 -11.89 -5.37 -0.23
N TYR A 66 -11.01 -4.61 0.40
CA TYR A 66 -9.58 -4.82 0.28
C TYR A 66 -9.16 -6.13 0.91
N PHE A 67 -7.99 -6.62 0.53
CA PHE A 67 -7.47 -7.88 1.06
C PHE A 67 -5.96 -7.81 1.29
N PHE A 68 -5.44 -8.68 2.14
CA PHE A 68 -4.02 -8.70 2.44
C PHE A 68 -3.45 -10.11 2.24
N VAL A 69 -2.77 -10.32 1.12
CA VAL A 69 -2.18 -11.62 0.82
C VAL A 69 -0.67 -11.50 0.66
N GLU A 70 0.07 -11.95 1.67
CA GLU A 70 1.52 -11.90 1.64
C GLU A 70 2.02 -10.45 1.60
N GLY A 71 1.35 -9.58 2.35
CA GLY A 71 1.74 -8.19 2.38
C GLY A 71 1.11 -7.38 1.26
N GLU A 72 0.94 -8.02 0.10
CA GLU A 72 0.34 -7.36 -1.06
C GLU A 72 -1.17 -7.30 -0.92
N LEU A 73 -1.80 -6.38 -1.66
CA LEU A 73 -3.25 -6.23 -1.63
C LEU A 73 -3.89 -6.88 -2.85
N TYR A 74 -5.20 -7.07 -2.77
CA TYR A 74 -5.95 -7.69 -3.88
C TYR A 74 -7.44 -7.46 -3.71
N CYS A 75 -8.17 -7.52 -4.83
CA CYS A 75 -9.62 -7.33 -4.81
C CYS A 75 -10.33 -8.58 -4.29
N GLU A 76 -11.61 -8.43 -3.96
CA GLU A 76 -12.39 -9.54 -3.45
C GLU A 76 -12.27 -10.76 -4.36
N THR A 77 -12.26 -10.51 -5.67
CA THR A 77 -12.15 -11.59 -6.65
C THR A 77 -10.81 -12.30 -6.53
N HIS A 78 -9.73 -11.61 -6.89
CA HIS A 78 -8.40 -12.17 -6.82
C HIS A 78 -8.07 -12.65 -5.41
N ALA A 79 -8.18 -11.74 -4.44
CA ALA A 79 -7.91 -12.06 -3.05
C ALA A 79 -8.54 -13.39 -2.67
N ARG A 80 -9.85 -13.49 -2.84
CA ARG A 80 -10.58 -14.71 -2.51
C ARG A 80 -9.84 -15.94 -3.02
N ALA A 81 -9.33 -15.85 -4.25
CA ALA A 81 -8.60 -16.96 -4.86
C ALA A 81 -7.33 -17.28 -4.07
N ARG A 82 -6.66 -16.23 -3.60
CA ARG A 82 -5.43 -16.40 -2.83
C ARG A 82 -5.73 -16.94 -1.44
N THR A 83 -6.49 -16.16 -0.66
CA THR A 83 -6.84 -16.55 0.69
C THR A 83 -8.03 -17.51 0.69
N SER A 84 -8.32 -18.10 -0.46
CA SER A 84 -9.43 -19.04 -0.59
C SER A 84 -9.61 -19.84 0.69
N GLY A 85 -8.51 -20.31 1.25
CA GLY A 85 -8.57 -21.09 2.46
C GLY A 85 -8.00 -20.35 3.66
N PRO A 86 -8.82 -19.48 4.28
CA PRO A 86 -8.40 -18.70 5.44
C PRO A 86 -8.21 -19.56 6.69
N SER A 87 -8.48 -20.85 6.56
CA SER A 87 -8.33 -21.78 7.68
C SER A 87 -9.15 -21.31 8.87
N SER A 88 -10.34 -20.79 8.61
CA SER A 88 -11.22 -20.31 9.66
C SER A 88 -11.73 -21.47 10.52
N GLY A 89 -12.36 -22.43 9.87
CA GLY A 89 -12.89 -23.59 10.59
C GLY A 89 -14.22 -24.07 10.03
N GLY A 1 -45.19 2.86 42.79
CA GLY A 1 -45.04 3.85 41.75
C GLY A 1 -46.22 3.87 40.79
N SER A 2 -46.46 5.01 40.16
CA SER A 2 -47.56 5.15 39.23
C SER A 2 -47.27 4.42 37.92
N SER A 3 -48.25 3.67 37.43
CA SER A 3 -48.10 2.92 36.19
C SER A 3 -48.19 3.84 34.98
N GLY A 4 -49.25 4.64 34.92
CA GLY A 4 -49.43 5.54 33.81
C GLY A 4 -48.31 6.56 33.70
N SER A 5 -47.46 6.40 32.68
CA SER A 5 -46.33 7.30 32.47
C SER A 5 -45.98 7.38 30.99
N SER A 6 -45.25 8.43 30.63
CA SER A 6 -44.84 8.63 29.25
C SER A 6 -43.33 8.85 29.14
N GLY A 7 -42.75 8.45 28.02
CA GLY A 7 -41.33 8.61 27.81
C GLY A 7 -41.00 9.77 26.89
N VAL A 8 -39.80 10.32 27.04
CA VAL A 8 -39.36 11.43 26.20
C VAL A 8 -37.93 11.22 25.70
N ARG A 9 -37.69 11.64 24.46
CA ARG A 9 -36.36 11.49 23.87
C ARG A 9 -35.48 12.69 24.20
N ALA A 10 -34.24 12.41 24.57
CA ALA A 10 -33.29 13.47 24.93
C ALA A 10 -32.02 13.36 24.08
N PRO A 11 -31.78 14.39 23.24
CA PRO A 11 -30.60 14.44 22.37
C PRO A 11 -29.31 14.64 23.15
N VAL A 12 -28.19 14.56 22.45
CA VAL A 12 -26.88 14.74 23.08
C VAL A 12 -26.05 15.79 22.34
N THR A 13 -25.39 16.65 23.10
CA THR A 13 -24.56 17.70 22.52
C THR A 13 -23.14 17.21 22.30
N LYS A 14 -22.60 17.51 21.12
CA LYS A 14 -21.24 17.10 20.78
C LYS A 14 -20.59 18.11 19.83
N VAL A 15 -19.28 17.98 19.64
CA VAL A 15 -18.55 18.88 18.76
C VAL A 15 -17.62 18.11 17.84
N HIS A 16 -17.52 18.56 16.59
CA HIS A 16 -16.66 17.91 15.61
C HIS A 16 -15.19 18.20 15.88
N GLY A 17 -14.36 17.16 15.88
CA GLY A 17 -12.94 17.33 16.13
C GLY A 17 -12.15 17.45 14.85
N GLY A 18 -11.57 16.34 14.40
CA GLY A 18 -10.78 16.34 13.18
C GLY A 18 -9.30 16.19 13.46
N ALA A 19 -8.49 17.04 12.84
CA ALA A 19 -7.04 16.99 13.02
C ALA A 19 -6.42 18.35 12.83
N GLY A 20 -5.43 18.67 13.67
CA GLY A 20 -4.76 19.96 13.58
C GLY A 20 -3.57 19.93 12.65
N SER A 21 -2.37 19.97 13.22
CA SER A 21 -1.14 19.95 12.44
C SER A 21 -0.26 18.77 12.83
N ALA A 22 -0.11 17.83 11.91
CA ALA A 22 0.71 16.65 12.15
C ALA A 22 2.17 16.91 11.82
N GLN A 23 3.06 16.63 12.77
CA GLN A 23 4.49 16.84 12.58
C GLN A 23 4.99 16.08 11.35
N ARG A 24 4.65 14.78 11.30
CA ARG A 24 5.07 13.94 10.19
C ARG A 24 3.87 13.33 9.48
N MET A 25 4.08 12.83 8.27
CA MET A 25 3.02 12.22 7.49
C MET A 25 3.45 10.87 6.94
N PRO A 26 2.48 9.98 6.71
CA PRO A 26 2.73 8.64 6.18
C PRO A 26 3.17 8.67 4.71
N LEU A 27 4.04 7.74 4.35
CA LEU A 27 4.53 7.66 2.98
C LEU A 27 3.82 6.56 2.19
N CYS A 28 3.16 6.96 1.11
CA CYS A 28 2.44 6.01 0.26
C CYS A 28 3.32 4.84 -0.13
N ASP A 29 2.86 3.63 0.15
CA ASP A 29 3.61 2.42 -0.17
C ASP A 29 3.42 2.04 -1.64
N LYS A 30 2.64 2.85 -2.36
CA LYS A 30 2.36 2.59 -3.77
C LYS A 30 3.28 3.43 -4.65
N CYS A 31 3.24 4.74 -4.46
CA CYS A 31 4.07 5.65 -5.25
C CYS A 31 5.15 6.29 -4.37
N GLY A 32 5.35 5.73 -3.18
CA GLY A 32 6.35 6.27 -2.28
C GLY A 32 6.41 7.78 -2.32
N SER A 33 5.26 8.43 -2.22
CA SER A 33 5.18 9.89 -2.25
C SER A 33 4.48 10.41 -0.99
N GLY A 34 5.17 11.27 -0.25
CA GLY A 34 4.60 11.84 0.95
C GLY A 34 3.10 12.09 0.82
N ILE A 35 2.36 11.75 1.88
CA ILE A 35 0.91 11.93 1.88
C ILE A 35 0.51 13.09 2.78
N VAL A 36 -0.33 13.97 2.26
CA VAL A 36 -0.80 15.12 3.01
C VAL A 36 -2.14 15.62 2.49
N GLY A 37 -3.18 15.46 3.31
CA GLY A 37 -4.51 15.89 2.91
C GLY A 37 -5.52 14.76 2.91
N ALA A 38 -5.13 13.63 2.33
CA ALA A 38 -6.01 12.48 2.27
C ALA A 38 -5.21 11.18 2.15
N VAL A 39 -5.48 10.24 3.05
CA VAL A 39 -4.78 8.96 3.05
C VAL A 39 -5.73 7.81 3.34
N VAL A 40 -5.36 6.62 2.90
CA VAL A 40 -6.19 5.43 3.12
C VAL A 40 -5.38 4.30 3.75
N LYS A 41 -5.54 4.11 5.06
CA LYS A 41 -4.84 3.07 5.78
C LYS A 41 -5.78 1.93 6.17
N ALA A 42 -5.48 0.73 5.69
CA ALA A 42 -6.30 -0.44 6.00
C ALA A 42 -5.99 -0.98 7.40
N ARG A 43 -4.92 -1.73 7.52
CA ARG A 43 -4.51 -2.30 8.79
C ARG A 43 -3.43 -1.46 9.46
N ASP A 44 -2.19 -1.66 9.03
CA ASP A 44 -1.07 -0.90 9.59
C ASP A 44 -0.39 -0.07 8.51
N LYS A 45 -0.61 -0.44 7.25
CA LYS A 45 -0.02 0.28 6.13
C LYS A 45 -0.93 1.42 5.68
N TYR A 46 -0.39 2.31 4.85
CA TYR A 46 -1.14 3.44 4.34
C TYR A 46 -1.01 3.57 2.83
N ARG A 47 -2.09 4.01 2.18
CA ARG A 47 -2.09 4.16 0.73
C ARG A 47 -2.96 5.34 0.32
N HIS A 48 -2.52 6.07 -0.70
CA HIS A 48 -3.26 7.23 -1.20
C HIS A 48 -4.70 6.85 -1.52
N PRO A 49 -5.58 7.86 -1.62
CA PRO A 49 -6.99 7.67 -1.93
C PRO A 49 -7.21 7.20 -3.36
N GLU A 50 -6.16 7.27 -4.17
CA GLU A 50 -6.24 6.85 -5.57
C GLU A 50 -5.31 5.68 -5.85
N CYS A 51 -4.25 5.58 -5.04
CA CYS A 51 -3.28 4.50 -5.20
C CYS A 51 -3.84 3.17 -4.72
N PHE A 52 -4.69 3.23 -3.69
CA PHE A 52 -5.30 2.03 -3.12
C PHE A 52 -5.97 1.20 -4.22
N VAL A 53 -5.31 0.14 -4.64
CA VAL A 53 -5.85 -0.73 -5.69
C VAL A 53 -5.26 -2.14 -5.59
N CYS A 54 -5.73 -3.03 -6.46
CA CYS A 54 -5.24 -4.41 -6.47
C CYS A 54 -3.81 -4.48 -6.98
N ALA A 55 -3.19 -5.65 -6.82
CA ALA A 55 -1.82 -5.85 -7.27
C ALA A 55 -1.77 -6.69 -8.54
N ASP A 56 -2.91 -7.26 -8.90
CA ASP A 56 -3.00 -8.09 -10.09
C ASP A 56 -3.75 -7.37 -11.21
N CYS A 57 -4.81 -6.67 -10.83
CA CYS A 57 -5.62 -5.93 -11.79
C CYS A 57 -5.58 -4.43 -11.50
N ASN A 58 -5.09 -4.08 -10.33
CA ASN A 58 -4.99 -2.68 -9.94
C ASN A 58 -6.37 -2.04 -9.88
N LEU A 59 -7.34 -2.74 -9.28
CA LEU A 59 -8.70 -2.25 -9.18
C LEU A 59 -8.89 -1.50 -7.86
N ASN A 60 -9.69 -0.44 -7.90
CA ASN A 60 -9.97 0.36 -6.71
C ASN A 60 -10.49 -0.52 -5.58
N LEU A 61 -9.73 -0.58 -4.49
CA LEU A 61 -10.11 -1.39 -3.33
C LEU A 61 -10.76 -0.52 -2.26
N LYS A 62 -10.42 0.77 -2.26
CA LYS A 62 -10.98 1.71 -1.29
C LYS A 62 -12.45 1.39 -1.01
N GLN A 63 -13.30 1.61 -2.01
CA GLN A 63 -14.73 1.35 -1.87
C GLN A 63 -15.00 -0.15 -1.88
N LYS A 64 -14.29 -0.88 -2.73
CA LYS A 64 -14.46 -2.33 -2.83
C LYS A 64 -13.87 -3.03 -1.61
N GLY A 65 -13.98 -4.35 -1.59
CA GLY A 65 -13.44 -5.13 -0.49
C GLY A 65 -11.97 -5.41 -0.63
N TYR A 66 -11.16 -4.76 0.21
CA TYR A 66 -9.72 -4.94 0.17
C TYR A 66 -9.30 -6.24 0.85
N PHE A 67 -8.10 -6.72 0.55
CA PHE A 67 -7.59 -7.95 1.13
C PHE A 67 -6.09 -7.85 1.38
N PHE A 68 -5.56 -8.81 2.14
CA PHE A 68 -4.13 -8.83 2.45
C PHE A 68 -3.56 -10.24 2.30
N VAL A 69 -2.88 -10.47 1.19
CA VAL A 69 -2.28 -11.77 0.92
C VAL A 69 -0.78 -11.65 0.66
N GLU A 70 0.02 -12.24 1.55
CA GLU A 70 1.47 -12.19 1.41
C GLU A 70 1.98 -10.76 1.49
N GLY A 71 1.43 -9.98 2.43
CA GLY A 71 1.84 -8.61 2.59
C GLY A 71 1.48 -7.75 1.38
N GLU A 72 0.52 -8.22 0.59
CA GLU A 72 0.09 -7.49 -0.60
C GLU A 72 -1.43 -7.35 -0.63
N LEU A 73 -1.90 -6.28 -1.26
CA LEU A 73 -3.33 -6.03 -1.37
C LEU A 73 -3.92 -6.70 -2.60
N TYR A 74 -5.21 -7.02 -2.56
CA TYR A 74 -5.89 -7.66 -3.68
C TYR A 74 -7.39 -7.43 -3.61
N CYS A 75 -8.06 -7.63 -4.74
CA CYS A 75 -9.51 -7.43 -4.81
C CYS A 75 -10.24 -8.70 -4.38
N GLU A 76 -11.51 -8.53 -4.01
CA GLU A 76 -12.33 -9.65 -3.57
C GLU A 76 -12.15 -10.85 -4.51
N THR A 77 -12.11 -10.58 -5.80
CA THR A 77 -11.94 -11.62 -6.80
C THR A 77 -10.62 -12.36 -6.63
N HIS A 78 -9.52 -11.67 -6.94
CA HIS A 78 -8.19 -12.25 -6.81
C HIS A 78 -7.95 -12.74 -5.40
N ALA A 79 -8.09 -11.84 -4.42
CA ALA A 79 -7.89 -12.20 -3.02
C ALA A 79 -8.56 -13.53 -2.69
N ARG A 80 -9.86 -13.62 -2.98
CA ARG A 80 -10.61 -14.84 -2.71
C ARG A 80 -9.84 -16.07 -3.18
N ALA A 81 -9.23 -15.96 -4.36
CA ALA A 81 -8.48 -17.07 -4.93
C ALA A 81 -7.27 -17.41 -4.06
N ARG A 82 -6.61 -16.38 -3.54
CA ARG A 82 -5.43 -16.58 -2.69
C ARG A 82 -5.84 -17.13 -1.33
N THR A 83 -6.69 -16.39 -0.63
CA THR A 83 -7.15 -16.82 0.70
C THR A 83 -8.28 -17.82 0.58
N SER A 84 -8.44 -18.41 -0.60
CA SER A 84 -9.49 -19.39 -0.84
C SER A 84 -9.46 -20.49 0.22
N GLY A 85 -10.44 -20.49 1.10
CA GLY A 85 -10.51 -21.49 2.14
C GLY A 85 -9.53 -21.21 3.27
N PRO A 86 -9.76 -20.11 4.00
CA PRO A 86 -8.91 -19.71 5.12
C PRO A 86 -9.04 -20.64 6.32
N SER A 87 -7.93 -21.23 6.74
CA SER A 87 -7.93 -22.15 7.87
C SER A 87 -8.70 -21.55 9.04
N SER A 88 -8.47 -20.26 9.31
CA SER A 88 -9.12 -19.58 10.41
C SER A 88 -10.56 -20.07 10.57
N GLY A 89 -11.31 -20.04 9.47
CA GLY A 89 -12.69 -20.49 9.51
C GLY A 89 -12.88 -21.75 10.32
N GLY A 1 -13.66 38.11 21.16
CA GLY A 1 -12.73 37.21 21.79
C GLY A 1 -12.85 35.79 21.28
N SER A 2 -11.83 34.98 21.52
CA SER A 2 -11.83 33.59 21.07
C SER A 2 -11.33 32.66 22.17
N SER A 3 -11.72 31.39 22.08
CA SER A 3 -11.33 30.40 23.08
C SER A 3 -11.33 29.00 22.48
N GLY A 4 -10.80 28.04 23.23
CA GLY A 4 -10.76 26.66 22.76
C GLY A 4 -9.75 26.47 21.64
N SER A 5 -8.78 25.59 21.87
CA SER A 5 -7.75 25.32 20.87
C SER A 5 -7.45 23.83 20.79
N SER A 6 -7.98 23.18 19.75
CA SER A 6 -7.77 21.75 19.55
C SER A 6 -6.63 21.48 18.59
N GLY A 7 -5.85 20.45 18.87
CA GLY A 7 -4.72 20.12 18.01
C GLY A 7 -5.04 19.00 17.05
N VAL A 8 -4.16 18.01 16.96
CA VAL A 8 -4.36 16.87 16.06
C VAL A 8 -3.62 15.65 16.57
N ARG A 9 -4.07 14.47 16.15
CA ARG A 9 -3.45 13.22 16.55
C ARG A 9 -2.90 12.46 15.34
N ALA A 10 -1.62 12.11 15.40
CA ALA A 10 -0.98 11.38 14.31
C ALA A 10 -0.54 9.99 14.76
N PRO A 11 -0.66 9.01 13.85
CA PRO A 11 -0.28 7.62 14.13
C PRO A 11 1.23 7.45 14.26
N VAL A 12 1.65 6.68 15.25
CA VAL A 12 3.07 6.42 15.49
C VAL A 12 3.68 5.66 14.33
N THR A 13 4.85 6.11 13.88
CA THR A 13 5.55 5.46 12.78
C THR A 13 7.06 5.68 12.88
N LYS A 14 7.82 4.69 12.43
CA LYS A 14 9.28 4.77 12.48
C LYS A 14 9.78 6.03 11.76
N VAL A 15 10.79 6.66 12.33
CA VAL A 15 11.36 7.88 11.74
C VAL A 15 12.86 7.72 11.52
N HIS A 16 13.32 8.08 10.32
CA HIS A 16 14.73 7.98 9.98
C HIS A 16 15.24 9.31 9.42
N GLY A 17 16.43 9.71 9.86
CA GLY A 17 17.01 10.95 9.39
C GLY A 17 17.79 11.68 10.47
N GLY A 18 17.30 12.85 10.85
CA GLY A 18 17.97 13.64 11.88
C GLY A 18 18.39 15.01 11.39
N ALA A 19 17.51 15.99 11.52
CA ALA A 19 17.80 17.35 11.09
C ALA A 19 16.90 18.35 11.80
N GLY A 20 17.15 19.63 11.55
CA GLY A 20 16.35 20.67 12.17
C GLY A 20 14.86 20.39 12.11
N SER A 21 14.28 20.57 10.94
CA SER A 21 12.85 20.34 10.75
C SER A 21 12.56 18.85 10.62
N ALA A 22 11.30 18.48 10.86
CA ALA A 22 10.89 17.08 10.77
C ALA A 22 9.42 16.97 10.39
N GLN A 23 9.11 16.06 9.47
CA GLN A 23 7.74 15.86 9.03
C GLN A 23 7.25 14.46 9.39
N ARG A 24 6.15 14.39 10.14
CA ARG A 24 5.59 13.12 10.56
C ARG A 24 4.35 12.78 9.73
N MET A 25 4.48 11.80 8.85
CA MET A 25 3.37 11.37 8.00
C MET A 25 3.69 10.05 7.32
N PRO A 26 2.64 9.28 7.00
CA PRO A 26 2.78 7.98 6.34
C PRO A 26 3.23 8.12 4.89
N LEU A 27 4.06 7.17 4.45
CA LEU A 27 4.57 7.18 3.08
C LEU A 27 3.86 6.12 2.23
N CYS A 28 3.20 6.58 1.17
CA CYS A 28 2.49 5.68 0.27
C CYS A 28 3.41 4.55 -0.20
N ASP A 29 3.12 3.34 0.24
CA ASP A 29 3.91 2.17 -0.13
C ASP A 29 3.69 1.82 -1.60
N LYS A 30 2.85 2.59 -2.27
CA LYS A 30 2.56 2.37 -3.68
C LYS A 30 3.43 3.25 -4.57
N CYS A 31 3.35 4.56 -4.36
CA CYS A 31 4.13 5.50 -5.13
C CYS A 31 5.24 6.13 -4.28
N GLY A 32 5.46 5.56 -3.10
CA GLY A 32 6.49 6.06 -2.22
C GLY A 32 6.55 7.57 -2.20
N SER A 33 5.38 8.21 -2.06
CA SER A 33 5.31 9.67 -2.04
C SER A 33 4.54 10.15 -0.80
N GLY A 34 5.14 11.07 -0.07
CA GLY A 34 4.50 11.60 1.13
C GLY A 34 3.01 11.76 0.97
N ILE A 35 2.27 11.51 2.04
CA ILE A 35 0.82 11.62 2.01
C ILE A 35 0.33 12.76 2.90
N VAL A 36 -0.32 13.75 2.29
CA VAL A 36 -0.84 14.89 3.01
C VAL A 36 -2.17 15.37 2.42
N GLY A 37 -3.21 15.31 3.24
CA GLY A 37 -4.52 15.73 2.78
C GLY A 37 -5.54 14.61 2.83
N ALA A 38 -5.25 13.52 2.14
CA ALA A 38 -6.14 12.37 2.10
C ALA A 38 -5.36 11.06 2.00
N VAL A 39 -5.69 10.12 2.88
CA VAL A 39 -5.02 8.82 2.89
C VAL A 39 -6.01 7.70 3.17
N VAL A 40 -5.62 6.48 2.82
CA VAL A 40 -6.47 5.31 3.03
C VAL A 40 -5.69 4.17 3.67
N LYS A 41 -5.88 4.00 4.98
CA LYS A 41 -5.20 2.94 5.71
C LYS A 41 -6.14 1.79 6.04
N ALA A 42 -5.82 0.60 5.55
CA ALA A 42 -6.66 -0.58 5.79
C ALA A 42 -6.44 -1.11 7.20
N ARG A 43 -5.37 -1.86 7.39
CA ARG A 43 -5.05 -2.43 8.69
C ARG A 43 -4.02 -1.59 9.43
N ASP A 44 -2.75 -1.72 9.03
CA ASP A 44 -1.67 -0.97 9.65
C ASP A 44 -0.95 -0.11 8.62
N LYS A 45 -1.06 -0.50 7.36
CA LYS A 45 -0.41 0.23 6.27
C LYS A 45 -1.29 1.38 5.79
N TYR A 46 -0.73 2.22 4.93
CA TYR A 46 -1.46 3.36 4.39
C TYR A 46 -1.28 3.47 2.88
N ARG A 47 -2.33 3.94 2.20
CA ARG A 47 -2.28 4.08 0.75
C ARG A 47 -3.12 5.28 0.29
N HIS A 48 -2.65 5.97 -0.73
CA HIS A 48 -3.37 7.12 -1.25
C HIS A 48 -4.79 6.75 -1.67
N PRO A 49 -5.65 7.76 -1.81
CA PRO A 49 -7.06 7.56 -2.20
C PRO A 49 -7.19 7.11 -3.65
N GLU A 50 -6.09 7.19 -4.40
CA GLU A 50 -6.08 6.79 -5.80
C GLU A 50 -5.15 5.62 -6.04
N CYS A 51 -4.16 5.46 -5.15
CA CYS A 51 -3.20 4.39 -5.25
C CYS A 51 -3.79 3.06 -4.79
N PHE A 52 -4.65 3.13 -3.77
CA PHE A 52 -5.29 1.95 -3.23
C PHE A 52 -5.98 1.15 -4.32
N VAL A 53 -5.34 0.07 -4.76
CA VAL A 53 -5.90 -0.78 -5.81
C VAL A 53 -5.31 -2.19 -5.75
N CYS A 54 -5.85 -3.08 -6.57
CA CYS A 54 -5.38 -4.46 -6.61
C CYS A 54 -3.99 -4.54 -7.23
N ALA A 55 -3.33 -5.68 -7.05
CA ALA A 55 -1.99 -5.89 -7.59
C ALA A 55 -2.03 -6.77 -8.83
N ASP A 56 -3.23 -7.21 -9.20
CA ASP A 56 -3.40 -8.06 -10.36
C ASP A 56 -4.22 -7.35 -11.44
N CYS A 57 -5.25 -6.64 -11.02
CA CYS A 57 -6.12 -5.92 -11.94
C CYS A 57 -6.06 -4.42 -11.67
N ASN A 58 -5.54 -4.04 -10.51
CA ASN A 58 -5.43 -2.64 -10.13
C ASN A 58 -6.81 -2.03 -9.90
N LEU A 59 -7.66 -2.77 -9.20
CA LEU A 59 -9.02 -2.30 -8.91
C LEU A 59 -9.06 -1.58 -7.56
N ASN A 60 -9.69 -0.41 -7.55
CA ASN A 60 -9.80 0.38 -6.32
C ASN A 60 -10.38 -0.45 -5.19
N LEU A 61 -9.51 -0.85 -4.26
CA LEU A 61 -9.92 -1.65 -3.12
C LEU A 61 -10.42 -0.77 -1.98
N LYS A 62 -10.69 0.49 -2.29
CA LYS A 62 -11.18 1.45 -1.29
C LYS A 62 -12.56 1.05 -0.80
N GLN A 63 -13.54 1.11 -1.69
CA GLN A 63 -14.92 0.75 -1.33
C GLN A 63 -15.08 -0.76 -1.25
N LYS A 64 -14.43 -1.48 -2.17
CA LYS A 64 -14.50 -2.93 -2.20
C LYS A 64 -13.66 -3.55 -1.08
N GLY A 65 -14.10 -4.70 -0.59
CA GLY A 65 -13.36 -5.37 0.48
C GLY A 65 -11.93 -5.66 0.10
N TYR A 66 -10.99 -4.96 0.73
CA TYR A 66 -9.57 -5.15 0.45
C TYR A 66 -9.09 -6.48 0.99
N PHE A 67 -7.90 -6.88 0.58
CA PHE A 67 -7.31 -8.15 1.02
C PHE A 67 -5.81 -8.00 1.23
N PHE A 68 -5.25 -8.88 2.06
CA PHE A 68 -3.82 -8.85 2.35
C PHE A 68 -3.18 -10.21 2.08
N VAL A 69 -2.49 -10.33 0.95
CA VAL A 69 -1.84 -11.57 0.58
C VAL A 69 -0.33 -11.39 0.46
N GLU A 70 0.40 -11.85 1.47
CA GLU A 70 1.86 -11.73 1.47
C GLU A 70 2.28 -10.27 1.49
N GLY A 71 1.54 -9.45 2.23
CA GLY A 71 1.85 -8.04 2.31
C GLY A 71 1.20 -7.22 1.21
N GLU A 72 1.04 -7.84 0.05
CA GLU A 72 0.42 -7.17 -1.10
C GLU A 72 -1.09 -7.18 -0.98
N LEU A 73 -1.74 -6.22 -1.63
CA LEU A 73 -3.19 -6.12 -1.61
C LEU A 73 -3.81 -6.79 -2.83
N TYR A 74 -5.11 -7.04 -2.77
CA TYR A 74 -5.82 -7.67 -3.87
C TYR A 74 -7.33 -7.52 -3.71
N CYS A 75 -8.07 -7.66 -4.81
CA CYS A 75 -9.52 -7.54 -4.79
C CYS A 75 -10.16 -8.83 -4.28
N GLU A 76 -11.45 -8.77 -3.99
CA GLU A 76 -12.17 -9.93 -3.50
C GLU A 76 -12.03 -11.12 -4.45
N THR A 77 -11.97 -10.82 -5.74
CA THR A 77 -11.82 -11.86 -6.76
C THR A 77 -10.45 -12.51 -6.67
N HIS A 78 -9.42 -11.78 -7.07
CA HIS A 78 -8.06 -12.29 -7.04
C HIS A 78 -7.69 -12.77 -5.63
N ALA A 79 -7.85 -11.88 -4.65
CA ALA A 79 -7.54 -12.20 -3.27
C ALA A 79 -8.10 -13.57 -2.88
N ARG A 80 -9.40 -13.75 -3.08
CA ARG A 80 -10.06 -15.01 -2.75
C ARG A 80 -9.27 -16.19 -3.32
N ALA A 81 -8.82 -16.05 -4.56
CA ALA A 81 -8.05 -17.10 -5.21
C ALA A 81 -6.75 -17.39 -4.47
N ARG A 82 -6.22 -16.37 -3.79
CA ARG A 82 -4.98 -16.50 -3.04
C ARG A 82 -5.26 -17.05 -1.64
N THR A 83 -5.97 -16.26 -0.84
CA THR A 83 -6.30 -16.66 0.52
C THR A 83 -7.19 -17.91 0.53
N SER A 84 -8.04 -18.02 -0.48
CA SER A 84 -8.95 -19.17 -0.57
C SER A 84 -9.77 -19.33 0.71
N GLY A 85 -10.21 -18.21 1.26
CA GLY A 85 -11.00 -18.25 2.48
C GLY A 85 -10.23 -17.72 3.68
N PRO A 86 -10.36 -16.40 3.93
CA PRO A 86 -9.69 -15.75 5.05
C PRO A 86 -10.27 -16.16 6.40
N SER A 87 -9.75 -17.26 6.94
CA SER A 87 -10.22 -17.76 8.23
C SER A 87 -9.82 -16.82 9.36
N SER A 88 -8.67 -16.16 9.19
CA SER A 88 -8.18 -15.23 10.20
C SER A 88 -8.97 -13.92 10.18
N GLY A 89 -9.22 -13.42 8.98
CA GLY A 89 -9.97 -12.18 8.85
C GLY A 89 -9.24 -11.15 7.98
N GLY A 1 32.41 45.90 -34.29
CA GLY A 1 31.35 46.46 -35.12
C GLY A 1 30.49 47.46 -34.37
N SER A 2 29.53 48.06 -35.07
CA SER A 2 28.64 49.04 -34.46
C SER A 2 27.18 48.62 -34.61
N SER A 3 26.53 48.37 -33.48
CA SER A 3 25.13 47.96 -33.48
C SER A 3 24.29 48.89 -32.60
N GLY A 4 22.98 48.68 -32.63
CA GLY A 4 22.08 49.50 -31.83
C GLY A 4 21.41 48.72 -30.72
N SER A 5 21.74 49.06 -29.47
CA SER A 5 21.17 48.37 -28.32
C SER A 5 21.10 49.30 -27.11
N SER A 6 19.89 49.63 -26.69
CA SER A 6 19.69 50.52 -25.55
C SER A 6 18.85 49.84 -24.48
N GLY A 7 18.90 50.39 -23.26
CA GLY A 7 18.14 49.82 -22.17
C GLY A 7 18.84 48.64 -21.52
N VAL A 8 18.79 48.58 -20.20
CA VAL A 8 19.42 47.49 -19.45
C VAL A 8 18.53 47.00 -18.32
N ARG A 9 18.12 45.74 -18.41
CA ARG A 9 17.26 45.14 -17.40
C ARG A 9 17.74 43.74 -17.03
N ALA A 10 17.60 43.39 -15.76
CA ALA A 10 18.02 42.07 -15.28
C ALA A 10 16.92 41.42 -14.45
N PRO A 11 16.88 40.08 -14.48
CA PRO A 11 15.88 39.30 -13.75
C PRO A 11 16.10 39.36 -12.24
N VAL A 12 15.05 39.09 -11.47
CA VAL A 12 15.13 39.11 -10.02
C VAL A 12 16.36 38.34 -9.53
N THR A 13 16.58 37.17 -10.12
CA THR A 13 17.72 36.33 -9.75
C THR A 13 17.91 36.30 -8.23
N LYS A 14 16.80 36.38 -7.50
CA LYS A 14 16.83 36.35 -6.04
C LYS A 14 16.93 34.92 -5.53
N VAL A 15 17.94 34.67 -4.69
CA VAL A 15 18.15 33.35 -4.13
C VAL A 15 16.89 32.84 -3.43
N HIS A 16 16.64 31.54 -3.56
CA HIS A 16 15.47 30.94 -2.94
C HIS A 16 15.79 29.55 -2.40
N GLY A 17 14.92 29.01 -1.56
CA GLY A 17 15.13 27.70 -0.99
C GLY A 17 14.69 27.60 0.46
N GLY A 18 15.45 26.86 1.26
CA GLY A 18 15.13 26.71 2.66
C GLY A 18 15.68 25.43 3.25
N ALA A 19 15.62 25.31 4.57
CA ALA A 19 16.12 24.14 5.27
C ALA A 19 15.20 22.94 5.05
N GLY A 20 15.78 21.81 4.66
CA GLY A 20 14.99 20.60 4.43
C GLY A 20 14.00 20.34 5.54
N SER A 21 12.72 20.44 5.22
CA SER A 21 11.66 20.21 6.20
C SER A 21 11.18 18.77 6.16
N ALA A 22 11.17 18.12 7.31
CA ALA A 22 10.74 16.74 7.42
C ALA A 22 9.47 16.61 8.26
N GLN A 23 8.51 15.85 7.76
CA GLN A 23 7.24 15.66 8.47
C GLN A 23 7.08 14.21 8.90
N ARG A 24 6.15 13.96 9.81
CA ARG A 24 5.89 12.62 10.32
C ARG A 24 4.71 11.98 9.58
N MET A 25 4.37 12.54 8.42
CA MET A 25 3.27 12.02 7.62
C MET A 25 3.62 10.65 7.04
N PRO A 26 2.58 9.84 6.78
CA PRO A 26 2.75 8.50 6.22
C PRO A 26 3.23 8.52 4.77
N LEU A 27 4.04 7.55 4.40
CA LEU A 27 4.57 7.46 3.05
C LEU A 27 3.84 6.38 2.25
N CYS A 28 3.21 6.77 1.15
CA CYS A 28 2.49 5.83 0.30
C CYS A 28 3.37 4.65 -0.08
N ASP A 29 2.94 3.46 0.32
CA ASP A 29 3.69 2.24 0.02
C ASP A 29 3.49 1.82 -1.43
N LYS A 30 2.71 2.61 -2.17
CA LYS A 30 2.43 2.32 -3.58
C LYS A 30 3.35 3.13 -4.48
N CYS A 31 3.31 4.46 -4.33
CA CYS A 31 4.13 5.34 -5.14
C CYS A 31 5.20 6.01 -4.28
N GLY A 32 5.43 5.47 -3.10
CA GLY A 32 6.43 6.02 -2.20
C GLY A 32 6.48 7.53 -2.26
N SER A 33 5.32 8.17 -2.20
CA SER A 33 5.24 9.62 -2.24
C SER A 33 4.52 10.17 -1.02
N GLY A 34 5.14 11.14 -0.36
CA GLY A 34 4.55 11.74 0.82
C GLY A 34 3.05 11.92 0.70
N ILE A 35 2.33 11.70 1.79
CA ILE A 35 0.88 11.84 1.80
C ILE A 35 0.44 12.99 2.68
N VAL A 36 -0.27 13.95 2.09
CA VAL A 36 -0.75 15.12 2.83
C VAL A 36 -2.09 15.60 2.29
N GLY A 37 -3.14 15.49 3.11
CA GLY A 37 -4.46 15.91 2.69
C GLY A 37 -5.47 14.79 2.76
N ALA A 38 -5.16 13.67 2.12
CA ALA A 38 -6.06 12.52 2.12
C ALA A 38 -5.28 11.22 2.01
N VAL A 39 -5.48 10.33 2.97
CA VAL A 39 -4.80 9.04 3.00
C VAL A 39 -5.77 7.90 3.22
N VAL A 40 -5.36 6.69 2.87
CA VAL A 40 -6.20 5.51 3.04
C VAL A 40 -5.42 4.36 3.67
N LYS A 41 -5.63 4.15 4.97
CA LYS A 41 -4.95 3.08 5.69
C LYS A 41 -5.92 1.96 6.04
N ALA A 42 -5.60 0.75 5.59
CA ALA A 42 -6.44 -0.42 5.86
C ALA A 42 -6.20 -0.95 7.27
N ARG A 43 -5.13 -1.70 7.43
CA ARG A 43 -4.79 -2.27 8.74
C ARG A 43 -3.74 -1.42 9.45
N ASP A 44 -2.47 -1.61 9.07
CA ASP A 44 -1.38 -0.87 9.67
C ASP A 44 -0.66 -0.02 8.63
N LYS A 45 -0.78 -0.41 7.37
CA LYS A 45 -0.16 0.31 6.27
C LYS A 45 -1.03 1.46 5.79
N TYR A 46 -0.48 2.33 4.95
CA TYR A 46 -1.21 3.47 4.42
C TYR A 46 -1.08 3.55 2.91
N ARG A 47 -2.12 4.03 2.25
CA ARG A 47 -2.12 4.16 0.80
C ARG A 47 -2.95 5.37 0.36
N HIS A 48 -2.50 6.03 -0.70
CA HIS A 48 -3.19 7.20 -1.22
C HIS A 48 -4.65 6.86 -1.55
N PRO A 49 -5.48 7.91 -1.69
CA PRO A 49 -6.91 7.75 -2.01
C PRO A 49 -7.13 7.26 -3.43
N GLU A 50 -6.07 7.27 -4.23
CA GLU A 50 -6.15 6.82 -5.61
C GLU A 50 -5.26 5.61 -5.86
N CYS A 51 -4.20 5.51 -5.06
CA CYS A 51 -3.26 4.39 -5.18
C CYS A 51 -3.88 3.10 -4.71
N PHE A 52 -4.75 3.20 -3.70
CA PHE A 52 -5.42 2.03 -3.14
C PHE A 52 -6.08 1.20 -4.24
N VAL A 53 -5.45 0.10 -4.62
CA VAL A 53 -5.97 -0.77 -5.67
C VAL A 53 -5.34 -2.15 -5.59
N CYS A 54 -5.85 -3.07 -6.41
CA CYS A 54 -5.33 -4.43 -6.45
C CYS A 54 -3.91 -4.47 -6.98
N ALA A 55 -3.25 -5.62 -6.84
CA ALA A 55 -1.89 -5.79 -7.31
C ALA A 55 -1.85 -6.62 -8.59
N ASP A 56 -2.97 -7.26 -8.91
CA ASP A 56 -3.06 -8.09 -10.10
C ASP A 56 -3.82 -7.37 -11.21
N CYS A 57 -4.90 -6.69 -10.85
CA CYS A 57 -5.71 -5.95 -11.80
C CYS A 57 -5.66 -4.45 -11.53
N ASN A 58 -5.23 -4.09 -10.32
CA ASN A 58 -5.14 -2.68 -9.93
C ASN A 58 -6.52 -2.05 -9.88
N LEU A 59 -7.47 -2.75 -9.29
CA LEU A 59 -8.84 -2.25 -9.16
C LEU A 59 -9.03 -1.51 -7.85
N ASN A 60 -9.84 -0.46 -7.87
CA ASN A 60 -10.12 0.33 -6.68
C ASN A 60 -10.64 -0.55 -5.54
N LEU A 61 -9.90 -0.58 -4.44
CA LEU A 61 -10.29 -1.38 -3.28
C LEU A 61 -10.95 -0.52 -2.22
N LYS A 62 -10.60 0.77 -2.20
CA LYS A 62 -11.17 1.70 -1.23
C LYS A 62 -12.61 1.34 -0.91
N GLN A 63 -13.49 1.47 -1.90
CA GLN A 63 -14.90 1.15 -1.72
C GLN A 63 -15.11 -0.35 -1.63
N LYS A 64 -14.46 -1.10 -2.51
CA LYS A 64 -14.58 -2.55 -2.52
C LYS A 64 -13.93 -3.17 -1.29
N GLY A 65 -14.01 -4.48 -1.18
CA GLY A 65 -13.42 -5.16 -0.04
C GLY A 65 -11.93 -5.44 -0.23
N TYR A 66 -11.11 -4.70 0.50
CA TYR A 66 -9.66 -4.86 0.41
C TYR A 66 -9.21 -6.17 1.07
N PHE A 67 -8.03 -6.65 0.68
CA PHE A 67 -7.50 -7.89 1.23
C PHE A 67 -6.00 -7.76 1.51
N PHE A 68 -5.42 -8.78 2.13
CA PHE A 68 -4.01 -8.77 2.46
C PHE A 68 -3.40 -10.16 2.29
N VAL A 69 -2.69 -10.36 1.18
CA VAL A 69 -2.06 -11.64 0.90
C VAL A 69 -0.56 -11.48 0.68
N GLU A 70 0.23 -11.98 1.61
CA GLU A 70 1.68 -11.89 1.51
C GLU A 70 2.14 -10.44 1.52
N GLY A 71 1.61 -9.67 2.46
CA GLY A 71 1.97 -8.26 2.56
C GLY A 71 1.56 -7.47 1.33
N GLU A 72 0.62 -8.02 0.57
CA GLU A 72 0.14 -7.36 -0.65
C GLU A 72 -1.38 -7.25 -0.64
N LEU A 73 -1.90 -6.24 -1.33
CA LEU A 73 -3.34 -6.03 -1.41
C LEU A 73 -3.93 -6.72 -2.64
N TYR A 74 -5.21 -7.04 -2.57
CA TYR A 74 -5.89 -7.70 -3.68
C TYR A 74 -7.40 -7.50 -3.59
N CYS A 75 -8.07 -7.63 -4.73
CA CYS A 75 -9.52 -7.46 -4.80
C CYS A 75 -10.24 -8.72 -4.33
N GLU A 76 -11.49 -8.57 -3.90
CA GLU A 76 -12.28 -9.70 -3.43
C GLU A 76 -12.14 -10.88 -4.38
N THR A 77 -12.09 -10.60 -5.68
CA THR A 77 -11.96 -11.64 -6.69
C THR A 77 -10.63 -12.37 -6.55
N HIS A 78 -9.54 -11.69 -6.87
CA HIS A 78 -8.22 -12.28 -6.79
C HIS A 78 -7.93 -12.77 -5.38
N ALA A 79 -8.04 -11.87 -4.41
CA ALA A 79 -7.79 -12.21 -3.01
C ALA A 79 -8.44 -13.54 -2.65
N ARG A 80 -9.73 -13.66 -2.93
CA ARG A 80 -10.47 -14.88 -2.63
C ARG A 80 -9.78 -16.10 -3.23
N ALA A 81 -9.28 -15.94 -4.46
CA ALA A 81 -8.59 -17.03 -5.14
C ALA A 81 -7.30 -17.40 -4.42
N ARG A 82 -6.62 -16.40 -3.87
CA ARG A 82 -5.38 -16.62 -3.15
C ARG A 82 -5.64 -17.20 -1.77
N THR A 83 -6.31 -16.43 -0.92
CA THR A 83 -6.62 -16.87 0.43
C THR A 83 -7.85 -17.78 0.45
N SER A 84 -8.20 -18.31 -0.72
CA SER A 84 -9.35 -19.20 -0.85
C SER A 84 -9.55 -20.00 0.43
N GLY A 85 -8.45 -20.44 1.04
CA GLY A 85 -8.53 -21.20 2.26
C GLY A 85 -9.66 -20.74 3.17
N PRO A 86 -9.33 -19.79 4.07
CA PRO A 86 -10.31 -19.23 5.01
C PRO A 86 -11.36 -18.37 4.32
N SER A 87 -12.44 -19.01 3.87
CA SER A 87 -13.51 -18.30 3.19
C SER A 87 -14.85 -19.02 3.39
N SER A 88 -15.68 -18.50 4.28
CA SER A 88 -16.98 -19.09 4.56
C SER A 88 -18.03 -18.58 3.57
N GLY A 89 -18.02 -17.27 3.34
CA GLY A 89 -18.98 -16.68 2.43
C GLY A 89 -18.36 -15.58 1.58
N GLY A 1 -1.11 29.99 46.62
CA GLY A 1 -2.22 29.25 46.05
C GLY A 1 -2.37 29.48 44.57
N SER A 2 -2.32 28.41 43.78
CA SER A 2 -2.44 28.50 42.33
C SER A 2 -2.66 27.12 41.71
N SER A 3 -3.16 27.10 40.48
CA SER A 3 -3.43 25.86 39.78
C SER A 3 -2.87 25.91 38.36
N GLY A 4 -2.44 24.75 37.86
CA GLY A 4 -1.90 24.68 36.52
C GLY A 4 -0.87 23.57 36.38
N SER A 5 -0.62 23.16 35.14
CA SER A 5 0.34 22.10 34.87
C SER A 5 1.75 22.67 34.74
N SER A 6 1.92 23.66 33.88
CA SER A 6 3.21 24.29 33.66
C SER A 6 4.21 23.28 33.09
N GLY A 7 3.75 22.47 32.14
CA GLY A 7 4.61 21.48 31.53
C GLY A 7 5.16 20.49 32.54
N VAL A 8 5.22 19.22 32.15
CA VAL A 8 5.73 18.17 33.02
C VAL A 8 7.21 17.94 32.82
N ARG A 9 7.65 18.05 31.56
CA ARG A 9 9.06 17.86 31.22
C ARG A 9 9.56 19.00 30.34
N ALA A 10 10.88 19.16 30.29
CA ALA A 10 11.49 20.21 29.49
C ALA A 10 12.87 19.80 28.99
N PRO A 11 12.95 19.39 27.72
CA PRO A 11 14.21 18.96 27.10
C PRO A 11 15.18 20.12 26.90
N VAL A 12 16.33 19.83 26.29
CA VAL A 12 17.34 20.84 26.03
C VAL A 12 17.68 20.91 24.55
N THR A 13 17.35 22.03 23.92
CA THR A 13 17.62 22.22 22.51
C THR A 13 17.52 23.70 22.13
N LYS A 14 18.03 24.03 20.95
CA LYS A 14 18.00 25.41 20.46
C LYS A 14 16.57 25.93 20.38
N VAL A 15 16.42 27.25 20.42
CA VAL A 15 15.10 27.88 20.35
C VAL A 15 14.32 27.36 19.14
N HIS A 16 13.00 27.28 19.30
CA HIS A 16 12.13 26.81 18.23
C HIS A 16 10.68 27.26 18.46
N GLY A 17 9.84 27.01 17.47
CA GLY A 17 8.44 27.39 17.59
C GLY A 17 7.50 26.25 17.27
N GLY A 18 7.29 26.00 15.99
CA GLY A 18 6.41 24.93 15.56
C GLY A 18 5.05 25.44 15.13
N ALA A 19 4.89 25.69 13.84
CA ALA A 19 3.64 26.19 13.30
C ALA A 19 3.34 25.56 11.94
N GLY A 20 2.17 25.87 11.39
CA GLY A 20 1.79 25.34 10.10
C GLY A 20 1.20 23.94 10.20
N SER A 21 1.38 23.14 9.16
CA SER A 21 0.86 21.78 9.14
C SER A 21 1.85 20.80 9.76
N ALA A 22 1.33 19.73 10.33
CA ALA A 22 2.17 18.71 10.96
C ALA A 22 3.20 18.16 9.97
N GLN A 23 4.38 17.84 10.48
CA GLN A 23 5.44 17.31 9.63
C GLN A 23 5.33 15.79 9.51
N ARG A 24 5.15 15.12 10.64
CA ARG A 24 5.02 13.67 10.66
C ARG A 24 3.85 13.21 9.80
N MET A 25 4.16 12.69 8.62
CA MET A 25 3.13 12.21 7.69
C MET A 25 3.48 10.83 7.16
N PRO A 26 2.45 10.01 6.92
CA PRO A 26 2.62 8.65 6.40
C PRO A 26 3.10 8.63 4.96
N LEU A 27 3.96 7.67 4.63
CA LEU A 27 4.49 7.54 3.28
C LEU A 27 3.75 6.46 2.50
N CYS A 28 3.17 6.84 1.36
CA CYS A 28 2.44 5.90 0.53
C CYS A 28 3.29 4.67 0.23
N ASP A 29 2.68 3.49 0.36
CA ASP A 29 3.38 2.24 0.10
C ASP A 29 3.23 1.83 -1.36
N LYS A 30 2.54 2.66 -2.14
CA LYS A 30 2.33 2.38 -3.55
C LYS A 30 3.33 3.14 -4.41
N CYS A 31 3.29 4.46 -4.35
CA CYS A 31 4.20 5.30 -5.11
C CYS A 31 5.30 5.87 -4.22
N GLY A 32 5.17 5.65 -2.92
CA GLY A 32 6.16 6.15 -1.98
C GLY A 32 6.29 7.65 -2.02
N SER A 33 5.16 8.34 -2.04
CA SER A 33 5.16 9.80 -2.09
C SER A 33 4.41 10.38 -0.88
N GLY A 34 5.11 11.22 -0.12
CA GLY A 34 4.50 11.83 1.06
C GLY A 34 3.01 12.03 0.90
N ILE A 35 2.25 11.69 1.93
CA ILE A 35 0.81 11.83 1.91
C ILE A 35 0.35 13.00 2.78
N VAL A 36 -0.32 13.97 2.17
CA VAL A 36 -0.81 15.14 2.89
C VAL A 36 -2.17 15.58 2.34
N GLY A 37 -3.20 15.46 3.17
CA GLY A 37 -4.53 15.86 2.76
C GLY A 37 -5.50 14.69 2.75
N ALA A 38 -5.15 13.63 2.03
CA ALA A 38 -6.00 12.46 1.93
C ALA A 38 -5.17 11.18 1.90
N VAL A 39 -5.56 10.20 2.71
CA VAL A 39 -4.85 8.93 2.77
C VAL A 39 -5.81 7.77 3.00
N VAL A 40 -5.36 6.56 2.67
CA VAL A 40 -6.18 5.36 2.84
C VAL A 40 -5.40 4.24 3.50
N LYS A 41 -5.62 4.05 4.79
CA LYS A 41 -4.94 3.01 5.55
C LYS A 41 -5.90 1.88 5.92
N ALA A 42 -5.54 0.66 5.53
CA ALA A 42 -6.37 -0.51 5.82
C ALA A 42 -6.11 -1.01 7.24
N ARG A 43 -5.03 -1.77 7.40
CA ARG A 43 -4.67 -2.33 8.70
C ARG A 43 -3.62 -1.46 9.39
N ASP A 44 -2.36 -1.65 9.00
CA ASP A 44 -1.27 -0.89 9.59
C ASP A 44 -0.56 -0.05 8.52
N LYS A 45 -0.73 -0.44 7.26
CA LYS A 45 -0.11 0.27 6.15
C LYS A 45 -1.01 1.40 5.66
N TYR A 46 -0.46 2.28 4.84
CA TYR A 46 -1.21 3.41 4.30
C TYR A 46 -1.06 3.49 2.78
N ARG A 47 -2.10 3.99 2.12
CA ARG A 47 -2.09 4.13 0.67
C ARG A 47 -2.91 5.34 0.23
N HIS A 48 -2.42 6.03 -0.81
CA HIS A 48 -3.11 7.21 -1.32
C HIS A 48 -4.54 6.87 -1.72
N PRO A 49 -5.37 7.92 -1.87
CA PRO A 49 -6.78 7.76 -2.24
C PRO A 49 -6.95 7.28 -3.67
N GLU A 50 -5.87 7.31 -4.43
CA GLU A 50 -5.89 6.88 -5.83
C GLU A 50 -4.98 5.68 -6.05
N CYS A 51 -3.97 5.55 -5.19
CA CYS A 51 -3.02 4.44 -5.29
C CYS A 51 -3.65 3.14 -4.83
N PHE A 52 -4.55 3.22 -3.85
CA PHE A 52 -5.23 2.06 -3.32
C PHE A 52 -5.88 1.25 -4.43
N VAL A 53 -5.24 0.14 -4.81
CA VAL A 53 -5.76 -0.71 -5.87
C VAL A 53 -5.16 -2.11 -5.79
N CYS A 54 -5.71 -3.03 -6.58
CA CYS A 54 -5.24 -4.41 -6.59
C CYS A 54 -3.81 -4.49 -7.13
N ALA A 55 -3.19 -5.64 -6.97
CA ALA A 55 -1.82 -5.85 -7.45
C ALA A 55 -1.80 -6.73 -8.69
N ASP A 56 -2.96 -7.25 -9.06
CA ASP A 56 -3.07 -8.10 -10.24
C ASP A 56 -3.85 -7.40 -11.35
N CYS A 57 -4.91 -6.69 -10.96
CA CYS A 57 -5.74 -5.97 -11.93
C CYS A 57 -5.70 -4.47 -11.65
N ASN A 58 -5.22 -4.10 -10.47
CA ASN A 58 -5.13 -2.70 -10.09
C ASN A 58 -6.53 -2.08 -9.93
N LEU A 59 -7.41 -2.80 -9.25
CA LEU A 59 -8.76 -2.34 -9.03
C LEU A 59 -8.88 -1.56 -7.72
N ASN A 60 -9.57 -0.43 -7.77
CA ASN A 60 -9.75 0.40 -6.59
C ASN A 60 -10.32 -0.41 -5.43
N LEU A 61 -9.49 -0.63 -4.41
CA LEU A 61 -9.91 -1.40 -3.24
C LEU A 61 -10.42 -0.48 -2.14
N LYS A 62 -10.64 0.79 -2.49
CA LYS A 62 -11.13 1.77 -1.54
C LYS A 62 -12.51 1.39 -1.02
N GLN A 63 -13.50 1.42 -1.90
CA GLN A 63 -14.87 1.06 -1.53
C GLN A 63 -15.03 -0.44 -1.40
N LYS A 64 -14.44 -1.18 -2.34
CA LYS A 64 -14.52 -2.63 -2.33
C LYS A 64 -13.69 -3.21 -1.19
N GLY A 65 -14.21 -4.28 -0.58
CA GLY A 65 -13.50 -4.91 0.53
C GLY A 65 -12.08 -5.30 0.17
N TYR A 66 -11.12 -4.55 0.71
CA TYR A 66 -9.71 -4.81 0.44
C TYR A 66 -9.28 -6.15 1.05
N PHE A 67 -8.08 -6.59 0.68
CA PHE A 67 -7.55 -7.85 1.19
C PHE A 67 -6.04 -7.75 1.45
N PHE A 68 -5.49 -8.76 2.10
CA PHE A 68 -4.06 -8.78 2.41
C PHE A 68 -3.50 -10.19 2.28
N VAL A 69 -2.82 -10.45 1.17
CA VAL A 69 -2.22 -11.76 0.92
C VAL A 69 -0.72 -11.64 0.68
N GLU A 70 0.07 -12.21 1.58
CA GLU A 70 1.52 -12.18 1.45
C GLU A 70 2.03 -10.74 1.42
N GLY A 71 1.54 -9.92 2.35
CA GLY A 71 1.95 -8.54 2.42
C GLY A 71 1.59 -7.77 1.16
N GLU A 72 0.46 -8.11 0.56
CA GLU A 72 0.01 -7.45 -0.65
C GLU A 72 -1.52 -7.32 -0.67
N LEU A 73 -2.00 -6.28 -1.34
CA LEU A 73 -3.44 -6.04 -1.43
C LEU A 73 -4.02 -6.71 -2.67
N TYR A 74 -5.32 -7.04 -2.62
CA TYR A 74 -5.99 -7.68 -3.74
C TYR A 74 -7.50 -7.47 -3.66
N CYS A 75 -8.15 -7.54 -4.82
CA CYS A 75 -9.60 -7.35 -4.89
C CYS A 75 -10.33 -8.61 -4.45
N GLU A 76 -11.55 -8.44 -3.94
CA GLU A 76 -12.35 -9.56 -3.48
C GLU A 76 -12.21 -10.74 -4.43
N THR A 77 -12.20 -10.45 -5.74
CA THR A 77 -12.06 -11.50 -6.75
C THR A 77 -10.76 -12.25 -6.60
N HIS A 78 -9.64 -11.57 -6.90
CA HIS A 78 -8.33 -12.18 -6.79
C HIS A 78 -8.07 -12.68 -5.38
N ALA A 79 -8.19 -11.78 -4.41
CA ALA A 79 -7.97 -12.13 -3.01
C ALA A 79 -8.64 -13.46 -2.67
N ARG A 80 -9.94 -13.55 -2.93
CA ARG A 80 -10.70 -14.76 -2.64
C ARG A 80 -9.98 -15.99 -3.20
N ALA A 81 -9.45 -15.86 -4.42
CA ALA A 81 -8.75 -16.96 -5.06
C ALA A 81 -7.50 -17.35 -4.27
N ARG A 82 -6.78 -16.36 -3.77
CA ARG A 82 -5.57 -16.60 -2.99
C ARG A 82 -5.92 -17.16 -1.62
N THR A 83 -6.67 -16.39 -0.84
CA THR A 83 -7.07 -16.80 0.50
C THR A 83 -8.26 -17.75 0.45
N SER A 84 -8.52 -18.30 -0.72
CA SER A 84 -9.64 -19.23 -0.91
C SER A 84 -9.86 -20.07 0.34
N GLY A 85 -8.76 -20.55 0.93
CA GLY A 85 -8.86 -21.36 2.13
C GLY A 85 -8.41 -20.62 3.37
N PRO A 86 -9.30 -19.77 3.92
CA PRO A 86 -9.01 -18.98 5.12
C PRO A 86 -8.92 -19.84 6.37
N SER A 87 -7.69 -20.25 6.71
CA SER A 87 -7.46 -21.08 7.89
C SER A 87 -8.44 -20.72 9.00
N SER A 88 -8.58 -19.43 9.26
CA SER A 88 -9.48 -18.95 10.31
C SER A 88 -10.94 -19.14 9.90
N GLY A 89 -11.78 -19.46 10.88
CA GLY A 89 -13.19 -19.67 10.60
C GLY A 89 -13.45 -20.95 9.85
N GLY A 1 28.58 15.41 -50.20
CA GLY A 1 27.76 14.92 -49.10
C GLY A 1 28.59 14.58 -47.88
N SER A 2 28.09 14.95 -46.71
CA SER A 2 28.78 14.69 -45.46
C SER A 2 27.79 14.42 -44.33
N SER A 3 28.23 13.65 -43.33
CA SER A 3 27.39 13.32 -42.19
C SER A 3 28.22 12.76 -41.04
N GLY A 4 27.69 12.88 -39.83
CA GLY A 4 28.39 12.38 -38.66
C GLY A 4 27.46 11.83 -37.60
N SER A 5 28.02 11.14 -36.63
CA SER A 5 27.22 10.55 -35.55
C SER A 5 28.03 10.47 -34.26
N SER A 6 27.63 11.27 -33.28
CA SER A 6 28.32 11.29 -31.98
C SER A 6 27.43 10.71 -30.89
N GLY A 7 27.98 10.64 -29.68
CA GLY A 7 27.22 10.11 -28.56
C GLY A 7 27.94 10.30 -27.23
N VAL A 8 27.56 11.35 -26.51
CA VAL A 8 28.17 11.63 -25.21
C VAL A 8 27.12 12.09 -24.21
N ARG A 9 26.83 11.23 -23.23
CA ARG A 9 25.85 11.54 -22.21
C ARG A 9 26.41 11.29 -20.81
N ALA A 10 25.75 11.82 -19.80
CA ALA A 10 26.19 11.65 -18.42
C ALA A 10 24.99 11.61 -17.46
N PRO A 11 25.15 10.87 -16.36
CA PRO A 11 24.10 10.72 -15.35
C PRO A 11 23.86 12.01 -14.57
N VAL A 12 22.78 12.04 -13.80
CA VAL A 12 22.45 13.21 -13.00
C VAL A 12 21.78 12.81 -11.69
N THR A 13 21.79 13.72 -10.72
CA THR A 13 21.19 13.47 -9.41
C THR A 13 20.22 14.57 -9.03
N LYS A 14 18.93 14.22 -8.94
CA LYS A 14 17.91 15.19 -8.57
C LYS A 14 17.76 15.28 -7.05
N VAL A 15 18.15 16.42 -6.49
CA VAL A 15 18.05 16.64 -5.06
C VAL A 15 16.85 17.51 -4.70
N HIS A 16 16.17 17.16 -3.62
CA HIS A 16 15.00 17.91 -3.18
C HIS A 16 15.30 19.40 -3.11
N GLY A 17 16.25 19.77 -2.23
CA GLY A 17 16.62 21.16 -2.09
C GLY A 17 17.28 21.44 -0.76
N GLY A 18 16.47 21.63 0.28
CA GLY A 18 17.00 21.91 1.60
C GLY A 18 15.91 22.09 2.64
N ALA A 19 15.15 21.04 2.89
CA ALA A 19 14.07 21.09 3.87
C ALA A 19 14.54 20.58 5.23
N GLY A 20 14.67 21.50 6.19
CA GLY A 20 15.10 21.12 7.51
C GLY A 20 14.06 20.31 8.27
N SER A 21 13.03 20.99 8.77
CA SER A 21 11.97 20.34 9.51
C SER A 21 10.68 20.32 8.71
N ALA A 22 10.06 19.15 8.62
CA ALA A 22 8.81 18.98 7.88
C ALA A 22 7.73 18.35 8.76
N GLN A 23 6.53 18.23 8.21
CA GLN A 23 5.41 17.64 8.93
C GLN A 23 5.46 16.12 8.87
N ARG A 24 5.02 15.47 9.94
CA ARG A 24 5.02 14.01 10.01
C ARG A 24 3.83 13.44 9.26
N MET A 25 4.11 12.59 8.28
CA MET A 25 3.06 11.97 7.48
C MET A 25 3.52 10.61 6.96
N PRO A 26 2.56 9.71 6.70
CA PRO A 26 2.83 8.36 6.19
C PRO A 26 3.33 8.38 4.75
N LEU A 27 4.16 7.41 4.40
CA LEU A 27 4.71 7.32 3.06
C LEU A 27 3.98 6.25 2.25
N CYS A 28 3.33 6.66 1.17
CA CYS A 28 2.59 5.74 0.31
C CYS A 28 3.48 4.57 -0.11
N ASP A 29 3.00 3.35 0.16
CA ASP A 29 3.75 2.15 -0.19
C ASP A 29 3.53 1.78 -1.65
N LYS A 30 2.76 2.60 -2.35
CA LYS A 30 2.47 2.36 -3.76
C LYS A 30 3.39 3.19 -4.65
N CYS A 31 3.41 4.50 -4.43
CA CYS A 31 4.25 5.40 -5.21
C CYS A 31 5.29 6.08 -4.31
N GLY A 32 5.50 5.51 -3.13
CA GLY A 32 6.47 6.08 -2.21
C GLY A 32 6.52 7.59 -2.27
N SER A 33 5.35 8.22 -2.21
CA SER A 33 5.26 9.68 -2.27
C SER A 33 4.55 10.23 -1.03
N GLY A 34 5.23 11.11 -0.31
CA GLY A 34 4.66 11.69 0.89
C GLY A 34 3.17 11.90 0.78
N ILE A 35 2.44 11.57 1.84
CA ILE A 35 1.00 11.70 1.85
C ILE A 35 0.57 12.87 2.74
N VAL A 36 -0.22 13.78 2.17
CA VAL A 36 -0.71 14.95 2.91
C VAL A 36 -1.99 15.48 2.32
N GLY A 37 -3.08 15.42 3.10
CA GLY A 37 -4.36 15.90 2.63
C GLY A 37 -5.40 14.81 2.59
N ALA A 38 -5.05 13.68 1.98
CA ALA A 38 -5.98 12.56 1.88
C ALA A 38 -5.22 11.24 1.78
N VAL A 39 -5.53 10.32 2.69
CA VAL A 39 -4.87 9.02 2.72
C VAL A 39 -5.88 7.91 2.99
N VAL A 40 -5.49 6.67 2.68
CA VAL A 40 -6.35 5.52 2.89
C VAL A 40 -5.59 4.37 3.54
N LYS A 41 -5.79 4.20 4.84
CA LYS A 41 -5.12 3.14 5.59
C LYS A 41 -6.10 2.02 5.94
N ALA A 42 -5.75 0.80 5.55
CA ALA A 42 -6.60 -0.36 5.82
C ALA A 42 -6.42 -0.85 7.25
N ARG A 43 -5.34 -1.61 7.48
CA ARG A 43 -5.05 -2.14 8.80
C ARG A 43 -3.98 -1.30 9.50
N ASP A 44 -2.73 -1.52 9.12
CA ASP A 44 -1.61 -0.78 9.71
C ASP A 44 -0.88 0.04 8.65
N LYS A 45 -0.98 -0.39 7.40
CA LYS A 45 -0.33 0.31 6.30
C LYS A 45 -1.20 1.45 5.79
N TYR A 46 -0.62 2.32 4.98
CA TYR A 46 -1.34 3.46 4.42
C TYR A 46 -1.16 3.54 2.92
N ARG A 47 -2.20 3.99 2.22
CA ARG A 47 -2.16 4.11 0.77
C ARG A 47 -2.99 5.31 0.29
N HIS A 48 -2.50 5.98 -0.74
CA HIS A 48 -3.20 7.15 -1.29
C HIS A 48 -4.63 6.79 -1.67
N PRO A 49 -5.47 7.81 -1.84
CA PRO A 49 -6.88 7.63 -2.19
C PRO A 49 -7.05 7.14 -3.63
N GLU A 50 -5.97 7.16 -4.39
CA GLU A 50 -6.00 6.71 -5.77
C GLU A 50 -5.07 5.50 -5.98
N CYS A 51 -4.07 5.38 -5.12
CA CYS A 51 -3.12 4.29 -5.21
C CYS A 51 -3.75 2.99 -4.70
N PHE A 52 -4.56 3.10 -3.66
CA PHE A 52 -5.22 1.94 -3.08
C PHE A 52 -5.96 1.14 -4.15
N VAL A 53 -5.35 0.03 -4.57
CA VAL A 53 -5.94 -0.83 -5.59
C VAL A 53 -5.31 -2.22 -5.57
N CYS A 54 -5.85 -3.11 -6.39
CA CYS A 54 -5.34 -4.47 -6.47
C CYS A 54 -3.96 -4.49 -7.10
N ALA A 55 -3.29 -5.65 -7.02
CA ALA A 55 -1.96 -5.81 -7.59
C ALA A 55 -1.99 -6.64 -8.85
N ASP A 56 -3.15 -7.23 -9.14
CA ASP A 56 -3.31 -8.06 -10.33
C ASP A 56 -4.16 -7.34 -11.37
N CYS A 57 -5.19 -6.64 -10.91
CA CYS A 57 -6.07 -5.90 -11.81
C CYS A 57 -6.02 -4.40 -11.53
N ASN A 58 -5.48 -4.05 -10.37
CA ASN A 58 -5.36 -2.64 -9.98
C ASN A 58 -6.75 -2.02 -9.82
N LEU A 59 -7.67 -2.78 -9.24
CA LEU A 59 -9.03 -2.29 -9.03
C LEU A 59 -9.15 -1.53 -7.71
N ASN A 60 -10.06 -0.58 -7.66
CA ASN A 60 -10.27 0.22 -6.46
C ASN A 60 -10.77 -0.65 -5.31
N LEU A 61 -9.96 -0.73 -4.25
CA LEU A 61 -10.31 -1.52 -3.07
C LEU A 61 -10.83 -0.63 -1.95
N LYS A 62 -10.67 0.67 -2.12
CA LYS A 62 -11.12 1.63 -1.11
C LYS A 62 -12.41 1.16 -0.44
N GLN A 63 -13.50 1.16 -1.19
CA GLN A 63 -14.79 0.72 -0.67
C GLN A 63 -14.93 -0.79 -0.75
N LYS A 64 -14.48 -1.36 -1.86
CA LYS A 64 -14.54 -2.81 -2.06
C LYS A 64 -13.72 -3.54 -1.00
N GLY A 65 -14.24 -4.69 -0.54
CA GLY A 65 -13.54 -5.47 0.46
C GLY A 65 -12.09 -5.70 0.11
N TYR A 66 -11.19 -5.04 0.83
CA TYR A 66 -9.76 -5.18 0.58
C TYR A 66 -9.22 -6.47 1.21
N PHE A 67 -8.07 -6.91 0.73
CA PHE A 67 -7.44 -8.12 1.23
C PHE A 67 -5.94 -7.94 1.41
N PHE A 68 -5.35 -8.73 2.29
CA PHE A 68 -3.91 -8.65 2.56
C PHE A 68 -3.25 -10.01 2.38
N VAL A 69 -2.59 -10.20 1.25
CA VAL A 69 -1.90 -11.46 0.96
C VAL A 69 -0.40 -11.25 0.77
N GLU A 70 0.38 -11.70 1.75
CA GLU A 70 1.82 -11.56 1.69
C GLU A 70 2.23 -10.08 1.68
N GLY A 71 1.49 -9.26 2.44
CA GLY A 71 1.78 -7.85 2.50
C GLY A 71 1.13 -7.07 1.38
N GLU A 72 1.00 -7.71 0.22
CA GLU A 72 0.38 -7.07 -0.94
C GLU A 72 -1.15 -7.10 -0.83
N LEU A 73 -1.80 -6.13 -1.46
CA LEU A 73 -3.25 -6.04 -1.45
C LEU A 73 -3.85 -6.76 -2.65
N TYR A 74 -5.14 -7.05 -2.57
CA TYR A 74 -5.84 -7.74 -3.64
C TYR A 74 -7.36 -7.60 -3.50
N CYS A 75 -8.06 -7.71 -4.62
CA CYS A 75 -9.52 -7.59 -4.61
C CYS A 75 -10.17 -8.90 -4.17
N GLU A 76 -11.35 -8.80 -3.58
CA GLU A 76 -12.08 -9.97 -3.11
C GLU A 76 -11.94 -11.13 -4.10
N THR A 77 -12.00 -10.80 -5.39
CA THR A 77 -11.88 -11.82 -6.43
C THR A 77 -10.51 -12.50 -6.38
N HIS A 78 -9.48 -11.77 -6.76
CA HIS A 78 -8.12 -12.31 -6.76
C HIS A 78 -7.73 -12.79 -5.37
N ALA A 79 -7.82 -11.90 -4.39
CA ALA A 79 -7.49 -12.24 -3.01
C ALA A 79 -8.06 -13.59 -2.62
N ARG A 80 -9.38 -13.72 -2.74
CA ARG A 80 -10.07 -14.96 -2.40
C ARG A 80 -9.31 -16.17 -2.95
N ALA A 81 -8.80 -16.03 -4.17
CA ALA A 81 -8.06 -17.11 -4.81
C ALA A 81 -6.69 -17.31 -4.15
N ARG A 82 -6.11 -16.22 -3.67
CA ARG A 82 -4.82 -16.27 -3.01
C ARG A 82 -4.93 -16.86 -1.61
N THR A 83 -5.67 -16.16 -0.74
CA THR A 83 -5.88 -16.62 0.63
C THR A 83 -6.41 -18.04 0.67
N SER A 84 -7.15 -18.42 -0.37
CA SER A 84 -7.72 -19.76 -0.44
C SER A 84 -8.46 -20.11 0.84
N GLY A 85 -9.04 -19.10 1.48
CA GLY A 85 -9.76 -19.33 2.72
C GLY A 85 -11.25 -19.45 2.50
N PRO A 86 -11.89 -18.34 2.09
CA PRO A 86 -13.33 -18.30 1.84
C PRO A 86 -13.72 -19.09 0.60
N SER A 87 -14.42 -20.21 0.81
CA SER A 87 -14.86 -21.05 -0.30
C SER A 87 -15.27 -20.21 -1.49
N SER A 88 -16.26 -19.35 -1.30
CA SER A 88 -16.75 -18.49 -2.38
C SER A 88 -15.62 -17.65 -2.95
N GLY A 89 -15.14 -18.05 -4.12
CA GLY A 89 -14.05 -17.33 -4.77
C GLY A 89 -13.03 -18.26 -5.40
N GLY A 1 69.27 -17.82 11.12
CA GLY A 1 67.83 -17.76 10.94
C GLY A 1 67.28 -16.37 11.16
N SER A 2 65.98 -16.28 11.43
CA SER A 2 65.33 -15.00 11.66
C SER A 2 64.09 -15.17 12.54
N SER A 3 63.85 -14.18 13.41
CA SER A 3 62.71 -14.22 14.32
C SER A 3 61.60 -13.32 13.82
N GLY A 4 60.42 -13.45 14.42
CA GLY A 4 59.28 -12.63 14.03
C GLY A 4 58.15 -12.69 15.03
N SER A 5 57.09 -11.94 14.78
CA SER A 5 55.94 -11.90 15.66
C SER A 5 54.68 -11.46 14.91
N SER A 6 53.52 -11.86 15.42
CA SER A 6 52.25 -11.50 14.80
C SER A 6 51.12 -11.48 15.83
N GLY A 7 50.02 -10.84 15.47
CA GLY A 7 48.89 -10.76 16.38
C GLY A 7 47.57 -11.01 15.68
N VAL A 8 46.46 -10.72 16.37
CA VAL A 8 45.14 -10.90 15.81
C VAL A 8 44.17 -9.82 16.29
N ARG A 9 43.62 -9.06 15.35
CA ARG A 9 42.69 -8.00 15.68
C ARG A 9 41.50 -8.00 14.72
N ALA A 10 40.44 -7.27 15.09
CA ALA A 10 39.26 -7.19 14.26
C ALA A 10 38.59 -5.82 14.40
N PRO A 11 38.67 -5.03 13.32
CA PRO A 11 38.09 -3.68 13.29
C PRO A 11 36.56 -3.71 13.27
N VAL A 12 35.94 -2.76 13.96
CA VAL A 12 34.49 -2.67 14.01
C VAL A 12 33.96 -1.57 13.10
N THR A 13 32.87 -1.86 12.40
CA THR A 13 32.27 -0.90 11.49
C THR A 13 30.75 -1.03 11.47
N LYS A 14 30.06 0.01 11.93
CA LYS A 14 28.60 0.01 11.95
C LYS A 14 28.05 1.40 11.72
N VAL A 15 26.93 1.49 11.01
CA VAL A 15 26.30 2.78 10.73
C VAL A 15 24.80 2.61 10.52
N HIS A 16 24.02 3.39 11.26
CA HIS A 16 22.56 3.33 11.14
C HIS A 16 21.95 4.70 11.36
N GLY A 17 21.03 5.09 10.47
CA GLY A 17 20.39 6.39 10.57
C GLY A 17 19.32 6.59 9.52
N GLY A 18 18.13 6.99 9.95
CA GLY A 18 17.04 7.21 9.02
C GLY A 18 15.68 6.90 9.63
N ALA A 19 14.94 7.95 9.97
CA ALA A 19 13.62 7.78 10.56
C ALA A 19 12.68 8.90 10.13
N GLY A 20 11.41 8.80 10.53
CA GLY A 20 10.43 9.80 10.16
C GLY A 20 10.42 10.96 11.14
N SER A 21 11.60 11.41 11.55
CA SER A 21 11.72 12.52 12.48
C SER A 21 11.07 13.79 11.91
N ALA A 22 11.40 14.09 10.66
CA ALA A 22 10.85 15.27 9.99
C ALA A 22 9.51 14.95 9.34
N GLN A 23 9.44 13.79 8.68
CA GLN A 23 8.22 13.38 8.01
C GLN A 23 7.11 13.06 9.02
N ARG A 24 6.17 13.98 9.17
CA ARG A 24 5.06 13.80 10.10
C ARG A 24 3.87 13.15 9.42
N MET A 25 4.09 12.65 8.20
CA MET A 25 3.03 11.99 7.43
C MET A 25 3.50 10.65 6.90
N PRO A 26 2.55 9.73 6.67
CA PRO A 26 2.83 8.40 6.16
C PRO A 26 3.30 8.41 4.71
N LEU A 27 4.12 7.44 4.35
CA LEU A 27 4.64 7.34 2.98
C LEU A 27 3.90 6.27 2.19
N CYS A 28 3.22 6.67 1.14
CA CYS A 28 2.48 5.75 0.28
C CYS A 28 3.37 4.59 -0.15
N ASP A 29 2.97 3.37 0.21
CA ASP A 29 3.72 2.17 -0.15
C ASP A 29 3.48 1.81 -1.61
N LYS A 30 2.69 2.61 -2.30
CA LYS A 30 2.38 2.37 -3.71
C LYS A 30 3.26 3.22 -4.61
N CYS A 31 3.25 4.53 -4.39
CA CYS A 31 4.05 5.45 -5.18
C CYS A 31 5.14 6.10 -4.33
N GLY A 32 5.38 5.53 -3.15
CA GLY A 32 6.39 6.06 -2.26
C GLY A 32 6.44 7.58 -2.28
N SER A 33 5.28 8.21 -2.22
CA SER A 33 5.20 9.66 -2.24
C SER A 33 4.49 10.19 -0.99
N GLY A 34 5.10 11.18 -0.35
CA GLY A 34 4.52 11.75 0.85
C GLY A 34 3.01 11.89 0.75
N ILE A 35 2.32 11.62 1.87
CA ILE A 35 0.87 11.72 1.90
C ILE A 35 0.41 12.85 2.79
N VAL A 36 -0.43 13.74 2.25
CA VAL A 36 -0.94 14.87 3.00
C VAL A 36 -2.28 15.34 2.44
N GLY A 37 -3.31 15.36 3.29
CA GLY A 37 -4.62 15.79 2.87
C GLY A 37 -5.63 14.66 2.88
N ALA A 38 -5.25 13.52 2.30
CA ALA A 38 -6.14 12.37 2.24
C ALA A 38 -5.34 11.07 2.10
N VAL A 39 -5.59 10.13 3.00
CA VAL A 39 -4.90 8.85 2.98
C VAL A 39 -5.86 7.70 3.25
N VAL A 40 -5.45 6.49 2.90
CA VAL A 40 -6.27 5.30 3.09
C VAL A 40 -5.46 4.17 3.72
N LYS A 41 -5.64 3.98 5.03
CA LYS A 41 -4.93 2.93 5.75
C LYS A 41 -5.87 1.79 6.11
N ALA A 42 -5.52 0.58 5.68
CA ALA A 42 -6.33 -0.59 5.97
C ALA A 42 -6.08 -1.11 7.38
N ARG A 43 -5.00 -1.87 7.54
CA ARG A 43 -4.66 -2.43 8.84
C ARG A 43 -3.60 -1.58 9.53
N ASP A 44 -2.35 -1.73 9.10
CA ASP A 44 -1.24 -0.97 9.67
C ASP A 44 -0.56 -0.11 8.60
N LYS A 45 -0.69 -0.52 7.35
CA LYS A 45 -0.09 0.20 6.24
C LYS A 45 -1.01 1.33 5.78
N TYR A 46 -0.46 2.24 4.98
CA TYR A 46 -1.23 3.37 4.46
C TYR A 46 -1.10 3.46 2.94
N ARG A 47 -2.17 3.91 2.28
CA ARG A 47 -2.18 4.05 0.84
C ARG A 47 -3.04 5.24 0.41
N HIS A 48 -2.59 5.93 -0.63
CA HIS A 48 -3.33 7.09 -1.15
C HIS A 48 -4.76 6.72 -1.48
N PRO A 49 -5.62 7.75 -1.60
CA PRO A 49 -7.04 7.56 -1.92
C PRO A 49 -7.26 7.08 -3.35
N GLU A 50 -6.20 7.11 -4.15
CA GLU A 50 -6.26 6.68 -5.54
C GLU A 50 -5.35 5.49 -5.78
N CYS A 51 -4.29 5.39 -4.99
CA CYS A 51 -3.32 4.30 -5.13
C CYS A 51 -3.93 2.98 -4.65
N PHE A 52 -4.78 3.07 -3.63
CA PHE A 52 -5.42 1.87 -3.08
C PHE A 52 -6.10 1.07 -4.18
N VAL A 53 -5.46 -0.02 -4.60
CA VAL A 53 -6.00 -0.87 -5.65
C VAL A 53 -5.34 -2.25 -5.63
N CYS A 54 -5.83 -3.14 -6.48
CA CYS A 54 -5.29 -4.50 -6.56
C CYS A 54 -3.88 -4.48 -7.17
N ALA A 55 -3.20 -5.62 -7.07
CA ALA A 55 -1.85 -5.75 -7.61
C ALA A 55 -1.85 -6.57 -8.90
N ASP A 56 -2.99 -7.19 -9.20
CA ASP A 56 -3.12 -8.01 -10.39
C ASP A 56 -3.97 -7.31 -11.45
N CYS A 57 -5.02 -6.64 -11.00
CA CYS A 57 -5.92 -5.92 -11.91
C CYS A 57 -5.91 -4.42 -11.60
N ASN A 58 -5.40 -4.07 -10.43
CA ASN A 58 -5.34 -2.67 -10.02
C ASN A 58 -6.74 -2.08 -9.89
N LEU A 59 -7.64 -2.85 -9.29
CA LEU A 59 -9.02 -2.41 -9.10
C LEU A 59 -9.17 -1.67 -7.78
N ASN A 60 -10.07 -0.68 -7.75
CA ASN A 60 -10.32 0.10 -6.55
C ASN A 60 -10.79 -0.80 -5.41
N LEU A 61 -10.03 -0.78 -4.31
CA LEU A 61 -10.36 -1.59 -3.15
C LEU A 61 -10.94 -0.73 -2.03
N LYS A 62 -10.63 0.56 -2.07
CA LYS A 62 -11.12 1.50 -1.07
C LYS A 62 -12.54 1.15 -0.64
N GLN A 63 -13.49 1.31 -1.56
CA GLN A 63 -14.89 1.02 -1.29
C GLN A 63 -15.13 -0.49 -1.26
N LYS A 64 -14.50 -1.20 -2.20
CA LYS A 64 -14.65 -2.65 -2.28
C LYS A 64 -13.92 -3.33 -1.13
N GLY A 65 -14.00 -4.66 -1.10
CA GLY A 65 -13.34 -5.42 -0.05
C GLY A 65 -11.86 -5.61 -0.31
N TYR A 66 -11.02 -5.05 0.56
CA TYR A 66 -9.58 -5.16 0.42
C TYR A 66 -9.07 -6.46 1.03
N PHE A 67 -7.85 -6.85 0.64
CA PHE A 67 -7.25 -8.09 1.16
C PHE A 67 -5.75 -7.91 1.35
N PHE A 68 -5.17 -8.78 2.17
CA PHE A 68 -3.73 -8.71 2.45
C PHE A 68 -3.09 -10.08 2.26
N VAL A 69 -2.40 -10.25 1.12
CA VAL A 69 -1.73 -11.52 0.83
C VAL A 69 -0.23 -11.33 0.72
N GLU A 70 0.50 -11.74 1.76
CA GLU A 70 1.94 -11.62 1.79
C GLU A 70 2.36 -10.16 1.69
N GLY A 71 1.66 -9.29 2.42
CA GLY A 71 1.97 -7.88 2.41
C GLY A 71 1.32 -7.15 1.26
N GLU A 72 1.20 -7.83 0.11
CA GLU A 72 0.58 -7.23 -1.06
C GLU A 72 -0.94 -7.22 -0.94
N LEU A 73 -1.58 -6.30 -1.65
CA LEU A 73 -3.03 -6.18 -1.61
C LEU A 73 -3.66 -6.86 -2.82
N TYR A 74 -4.96 -7.14 -2.74
CA TYR A 74 -5.67 -7.78 -3.82
C TYR A 74 -7.18 -7.62 -3.66
N CYS A 75 -7.91 -7.73 -4.76
CA CYS A 75 -9.36 -7.59 -4.75
C CYS A 75 -10.02 -8.87 -4.26
N GLU A 76 -11.28 -8.76 -3.85
CA GLU A 76 -12.03 -9.91 -3.35
C GLU A 76 -11.88 -11.11 -4.30
N THR A 77 -11.89 -10.83 -5.61
CA THR A 77 -11.75 -11.87 -6.60
C THR A 77 -10.38 -12.54 -6.52
N HIS A 78 -9.34 -11.81 -6.89
CA HIS A 78 -7.98 -12.34 -6.86
C HIS A 78 -7.63 -12.82 -5.46
N ALA A 79 -7.74 -11.92 -4.48
CA ALA A 79 -7.43 -12.26 -3.10
C ALA A 79 -8.02 -13.62 -2.71
N ARG A 80 -9.32 -13.76 -2.90
CA ARG A 80 -10.01 -15.00 -2.57
C ARG A 80 -9.27 -16.20 -3.17
N ALA A 81 -8.81 -16.05 -4.39
CA ALA A 81 -8.08 -17.13 -5.07
C ALA A 81 -6.76 -17.41 -4.37
N ARG A 82 -6.19 -16.39 -3.75
CA ARG A 82 -4.92 -16.52 -3.05
C ARG A 82 -5.13 -17.09 -1.65
N THR A 83 -5.91 -16.37 -0.84
CA THR A 83 -6.19 -16.80 0.53
C THR A 83 -7.07 -18.04 0.54
N SER A 84 -7.97 -18.13 -0.43
CA SER A 84 -8.88 -19.27 -0.53
C SER A 84 -9.39 -19.67 0.85
N GLY A 85 -9.54 -18.68 1.73
CA GLY A 85 -10.02 -18.96 3.07
C GLY A 85 -11.43 -18.44 3.29
N PRO A 86 -11.58 -17.11 3.39
CA PRO A 86 -12.88 -16.47 3.60
C PRO A 86 -13.79 -16.58 2.38
N SER A 87 -13.61 -17.66 1.61
CA SER A 87 -14.41 -17.88 0.41
C SER A 87 -14.68 -19.37 0.21
N SER A 88 -15.70 -19.68 -0.59
CA SER A 88 -16.06 -21.06 -0.86
C SER A 88 -14.84 -21.88 -1.28
N GLY A 89 -14.17 -21.42 -2.33
CA GLY A 89 -12.99 -22.12 -2.81
C GLY A 89 -11.72 -21.33 -2.59
N GLY A 1 8.79 -24.53 -13.81
CA GLY A 1 10.18 -24.51 -13.35
C GLY A 1 10.85 -23.19 -13.62
N SER A 2 11.68 -22.75 -12.68
CA SER A 2 12.39 -21.48 -12.82
C SER A 2 13.61 -21.44 -11.92
N SER A 3 14.53 -20.52 -12.21
CA SER A 3 15.75 -20.37 -11.41
C SER A 3 16.13 -18.91 -11.27
N GLY A 4 16.84 -18.60 -10.19
CA GLY A 4 17.27 -17.23 -9.95
C GLY A 4 18.33 -17.13 -8.87
N SER A 5 18.60 -15.90 -8.43
CA SER A 5 19.62 -15.67 -7.40
C SER A 5 19.42 -14.31 -6.75
N SER A 6 20.13 -14.08 -5.65
CA SER A 6 20.03 -12.83 -4.92
C SER A 6 21.34 -12.50 -4.22
N GLY A 7 21.66 -11.22 -4.12
CA GLY A 7 22.89 -10.79 -3.48
C GLY A 7 22.70 -9.54 -2.64
N VAL A 8 23.37 -9.50 -1.48
CA VAL A 8 23.27 -8.35 -0.59
C VAL A 8 24.61 -8.05 0.06
N ARG A 9 25.20 -6.91 -0.30
CA ARG A 9 26.48 -6.50 0.27
C ARG A 9 26.61 -4.98 0.27
N ALA A 10 27.16 -4.45 1.36
CA ALA A 10 27.34 -3.01 1.50
C ALA A 10 28.73 -2.68 2.04
N PRO A 11 29.53 -1.95 1.25
CA PRO A 11 30.88 -1.56 1.63
C PRO A 11 30.89 -0.52 2.75
N VAL A 12 32.08 -0.20 3.25
CA VAL A 12 32.23 0.78 4.32
C VAL A 12 32.70 2.12 3.77
N THR A 13 31.89 3.15 3.95
CA THR A 13 32.23 4.49 3.49
C THR A 13 31.33 5.55 4.12
N LYS A 14 31.82 6.78 4.16
CA LYS A 14 31.06 7.88 4.73
C LYS A 14 30.35 8.68 3.65
N VAL A 15 29.34 9.46 4.05
CA VAL A 15 28.58 10.27 3.11
C VAL A 15 28.29 11.65 3.70
N HIS A 16 27.90 12.59 2.84
CA HIS A 16 27.58 13.95 3.27
C HIS A 16 26.26 14.41 2.67
N GLY A 17 25.53 15.22 3.43
CA GLY A 17 24.25 15.73 2.96
C GLY A 17 23.08 14.87 3.42
N GLY A 18 21.89 15.46 3.43
CA GLY A 18 20.71 14.72 3.86
C GLY A 18 19.48 15.61 3.93
N ALA A 19 18.33 15.04 3.58
CA ALA A 19 17.07 15.78 3.61
C ALA A 19 15.90 14.86 3.93
N GLY A 20 15.30 15.04 5.10
CA GLY A 20 14.18 14.23 5.50
C GLY A 20 13.03 15.05 6.07
N SER A 21 12.77 14.88 7.36
CA SER A 21 11.69 15.60 8.02
C SER A 21 10.34 15.24 7.41
N ALA A 22 10.14 13.95 7.16
CA ALA A 22 8.89 13.46 6.59
C ALA A 22 8.16 12.55 7.57
N GLN A 23 8.53 12.63 8.84
CA GLN A 23 7.90 11.82 9.87
C GLN A 23 6.60 12.45 10.35
N ARG A 24 6.09 13.40 9.57
CA ARG A 24 4.84 14.07 9.91
C ARG A 24 3.67 13.50 9.12
N MET A 25 3.93 12.44 8.37
CA MET A 25 2.89 11.80 7.57
C MET A 25 3.38 10.45 7.04
N PRO A 26 2.43 9.54 6.78
CA PRO A 26 2.73 8.20 6.26
C PRO A 26 3.24 8.23 4.82
N LEU A 27 4.08 7.27 4.47
CA LEU A 27 4.64 7.19 3.12
C LEU A 27 3.91 6.12 2.30
N CYS A 28 3.27 6.55 1.23
CA CYS A 28 2.54 5.64 0.35
C CYS A 28 3.44 4.48 -0.08
N ASP A 29 2.95 3.26 0.12
CA ASP A 29 3.71 2.06 -0.25
C ASP A 29 3.53 1.74 -1.72
N LYS A 30 2.78 2.59 -2.42
CA LYS A 30 2.54 2.41 -3.85
C LYS A 30 3.48 3.28 -4.68
N CYS A 31 3.46 4.58 -4.43
CA CYS A 31 4.31 5.52 -5.15
C CYS A 31 5.37 6.11 -4.23
N GLY A 32 5.54 5.51 -3.06
CA GLY A 32 6.52 6.00 -2.10
C GLY A 32 6.63 7.50 -2.11
N SER A 33 5.49 8.18 -2.00
CA SER A 33 5.46 9.63 -2.00
C SER A 33 4.70 10.17 -0.79
N GLY A 34 5.34 11.04 -0.03
CA GLY A 34 4.72 11.60 1.15
C GLY A 34 3.23 11.78 0.98
N ILE A 35 2.47 11.49 2.03
CA ILE A 35 1.02 11.63 2.00
C ILE A 35 0.55 12.79 2.87
N VAL A 36 -0.29 13.65 2.29
CA VAL A 36 -0.82 14.80 3.02
C VAL A 36 -2.13 15.28 2.41
N GLY A 37 -3.16 15.40 3.24
CA GLY A 37 -4.46 15.84 2.77
C GLY A 37 -5.49 14.74 2.77
N ALA A 38 -5.14 13.61 2.16
CA ALA A 38 -6.05 12.46 2.10
C ALA A 38 -5.28 11.16 1.97
N VAL A 39 -5.56 10.22 2.87
CA VAL A 39 -4.89 8.93 2.86
C VAL A 39 -5.88 7.79 3.07
N VAL A 40 -5.47 6.58 2.75
CA VAL A 40 -6.32 5.41 2.90
C VAL A 40 -5.56 4.25 3.53
N LYS A 41 -5.78 4.03 4.83
CA LYS A 41 -5.12 2.96 5.55
C LYS A 41 -6.10 1.84 5.88
N ALA A 42 -5.77 0.62 5.46
CA ALA A 42 -6.61 -0.54 5.71
C ALA A 42 -6.41 -1.08 7.12
N ARG A 43 -5.35 -1.84 7.31
CA ARG A 43 -5.04 -2.43 8.62
C ARG A 43 -4.00 -1.59 9.35
N ASP A 44 -2.74 -1.75 8.95
CA ASP A 44 -1.64 -1.03 9.57
C ASP A 44 -0.91 -0.16 8.53
N LYS A 45 -1.01 -0.57 7.27
CA LYS A 45 -0.35 0.16 6.18
C LYS A 45 -1.24 1.31 5.70
N TYR A 46 -0.65 2.22 4.93
CA TYR A 46 -1.38 3.35 4.40
C TYR A 46 -1.21 3.46 2.89
N ARG A 47 -2.25 3.95 2.21
CA ARG A 47 -2.21 4.10 0.76
C ARG A 47 -3.03 5.31 0.32
N HIS A 48 -2.54 6.00 -0.71
CA HIS A 48 -3.23 7.18 -1.22
C HIS A 48 -4.67 6.86 -1.61
N PRO A 49 -5.49 7.90 -1.75
CA PRO A 49 -6.90 7.74 -2.12
C PRO A 49 -7.08 7.28 -3.55
N GLU A 50 -5.99 7.29 -4.31
CA GLU A 50 -6.02 6.85 -5.71
C GLU A 50 -5.14 5.64 -5.93
N CYS A 51 -4.08 5.53 -5.12
CA CYS A 51 -3.15 4.41 -5.24
C CYS A 51 -3.80 3.12 -4.76
N PHE A 52 -4.67 3.22 -3.77
CA PHE A 52 -5.36 2.05 -3.22
C PHE A 52 -6.03 1.25 -4.33
N VAL A 53 -5.39 0.14 -4.71
CA VAL A 53 -5.93 -0.72 -5.77
C VAL A 53 -5.32 -2.11 -5.70
N CYS A 54 -5.83 -3.02 -6.53
CA CYS A 54 -5.34 -4.38 -6.56
C CYS A 54 -3.92 -4.45 -7.12
N ALA A 55 -3.29 -5.60 -6.99
CA ALA A 55 -1.92 -5.79 -7.49
C ALA A 55 -1.91 -6.63 -8.76
N ASP A 56 -3.06 -7.21 -9.10
CA ASP A 56 -3.18 -8.04 -10.28
C ASP A 56 -3.98 -7.32 -11.37
N CYS A 57 -5.02 -6.62 -10.96
CA CYS A 57 -5.88 -5.88 -11.89
C CYS A 57 -5.82 -4.38 -11.60
N ASN A 58 -5.30 -4.02 -10.43
CA ASN A 58 -5.20 -2.63 -10.04
C ASN A 58 -6.58 -1.98 -9.96
N LEU A 59 -7.53 -2.69 -9.35
CA LEU A 59 -8.88 -2.19 -9.20
C LEU A 59 -9.05 -1.45 -7.88
N ASN A 60 -9.84 -0.38 -7.92
CA ASN A 60 -10.09 0.43 -6.72
C ASN A 60 -10.63 -0.44 -5.59
N LEU A 61 -9.91 -0.43 -4.46
CA LEU A 61 -10.32 -1.22 -3.30
C LEU A 61 -10.94 -0.33 -2.24
N LYS A 62 -10.63 0.97 -2.29
CA LYS A 62 -11.16 1.92 -1.33
C LYS A 62 -12.60 1.58 -0.96
N GLN A 63 -13.49 1.72 -1.91
CA GLN A 63 -14.91 1.42 -1.69
C GLN A 63 -15.14 -0.09 -1.62
N LYS A 64 -14.48 -0.82 -2.51
CA LYS A 64 -14.62 -2.27 -2.56
C LYS A 64 -13.95 -2.92 -1.35
N GLY A 65 -14.03 -4.24 -1.27
CA GLY A 65 -13.42 -4.96 -0.16
C GLY A 65 -11.94 -5.22 -0.39
N TYR A 66 -11.11 -4.66 0.49
CA TYR A 66 -9.66 -4.84 0.38
C TYR A 66 -9.22 -6.15 1.03
N PHE A 67 -8.08 -6.65 0.60
CA PHE A 67 -7.55 -7.90 1.13
C PHE A 67 -6.04 -7.80 1.35
N PHE A 68 -5.51 -8.67 2.21
CA PHE A 68 -4.09 -8.68 2.52
C PHE A 68 -3.51 -10.08 2.38
N VAL A 69 -2.82 -10.31 1.27
CA VAL A 69 -2.21 -11.61 1.02
C VAL A 69 -0.70 -11.50 0.87
N GLU A 70 0.03 -11.94 1.89
CA GLU A 70 1.49 -11.88 1.88
C GLU A 70 1.97 -10.43 1.81
N GLY A 71 1.29 -9.55 2.53
CA GLY A 71 1.67 -8.15 2.55
C GLY A 71 1.06 -7.38 1.39
N GLU A 72 0.91 -8.06 0.25
CA GLU A 72 0.34 -7.42 -0.93
C GLU A 72 -1.18 -7.36 -0.83
N LEU A 73 -1.77 -6.38 -1.51
CA LEU A 73 -3.23 -6.21 -1.50
C LEU A 73 -3.86 -6.84 -2.74
N TYR A 74 -5.16 -7.08 -2.67
CA TYR A 74 -5.89 -7.69 -3.78
C TYR A 74 -7.39 -7.43 -3.67
N CYS A 75 -8.10 -7.58 -4.78
CA CYS A 75 -9.53 -7.37 -4.80
C CYS A 75 -10.28 -8.62 -4.35
N GLU A 76 -11.53 -8.44 -3.95
CA GLU A 76 -12.35 -9.56 -3.48
C GLU A 76 -12.22 -10.75 -4.42
N THR A 77 -12.17 -10.48 -5.72
CA THR A 77 -12.04 -11.54 -6.72
C THR A 77 -10.71 -12.27 -6.58
N HIS A 78 -9.63 -11.58 -6.91
CA HIS A 78 -8.30 -12.18 -6.82
C HIS A 78 -8.02 -12.67 -5.40
N ALA A 79 -8.12 -11.76 -4.43
CA ALA A 79 -7.89 -12.10 -3.04
C ALA A 79 -8.54 -13.43 -2.68
N ARG A 80 -9.84 -13.53 -2.93
CA ARG A 80 -10.59 -14.75 -2.63
C ARG A 80 -9.85 -15.98 -3.14
N ALA A 81 -9.30 -15.87 -4.35
CA ALA A 81 -8.57 -16.98 -4.95
C ALA A 81 -7.32 -17.30 -4.15
N ARG A 82 -6.65 -16.27 -3.66
CA ARG A 82 -5.43 -16.45 -2.88
C ARG A 82 -5.75 -16.98 -1.49
N THR A 83 -6.50 -16.20 -0.72
CA THR A 83 -6.87 -16.60 0.63
C THR A 83 -8.08 -17.54 0.62
N SER A 84 -8.36 -18.12 -0.54
CA SER A 84 -9.48 -19.03 -0.69
C SER A 84 -9.68 -19.86 0.58
N GLY A 85 -8.58 -20.38 1.11
CA GLY A 85 -8.65 -21.18 2.33
C GLY A 85 -7.99 -20.51 3.50
N PRO A 86 -8.75 -19.64 4.18
CA PRO A 86 -8.25 -18.90 5.36
C PRO A 86 -8.04 -19.82 6.56
N SER A 87 -6.96 -19.58 7.29
CA SER A 87 -6.63 -20.38 8.47
C SER A 87 -7.75 -20.30 9.50
N SER A 88 -7.74 -21.22 10.46
CA SER A 88 -8.75 -21.24 11.51
C SER A 88 -8.77 -19.91 12.27
N GLY A 89 -7.59 -19.42 12.62
CA GLY A 89 -7.51 -18.16 13.34
C GLY A 89 -8.04 -18.27 14.76
N GLY A 1 -2.22 -42.55 16.60
CA GLY A 1 -2.60 -41.36 17.34
C GLY A 1 -1.45 -40.37 17.46
N SER A 2 -0.90 -39.97 16.34
CA SER A 2 0.21 -39.02 16.33
C SER A 2 0.06 -38.02 15.18
N SER A 3 0.72 -36.87 15.32
CA SER A 3 0.66 -35.83 14.30
C SER A 3 1.95 -35.02 14.26
N GLY A 4 2.17 -34.32 13.15
CA GLY A 4 3.38 -33.53 13.01
C GLY A 4 3.14 -32.27 12.21
N SER A 5 4.22 -31.55 11.91
CA SER A 5 4.12 -30.30 11.15
C SER A 5 4.40 -30.55 9.66
N SER A 6 3.37 -30.39 8.84
CA SER A 6 3.51 -30.60 7.40
C SER A 6 3.58 -29.27 6.67
N GLY A 7 4.62 -29.10 5.85
CA GLY A 7 4.78 -27.87 5.10
C GLY A 7 6.04 -27.88 4.26
N VAL A 8 6.86 -26.85 4.43
CA VAL A 8 8.11 -26.73 3.68
C VAL A 8 9.12 -25.87 4.43
N ARG A 9 10.39 -26.25 4.32
CA ARG A 9 11.46 -25.52 4.99
C ARG A 9 12.39 -24.85 3.97
N ALA A 10 12.27 -23.54 3.85
CA ALA A 10 13.09 -22.78 2.92
C ALA A 10 13.79 -21.61 3.62
N PRO A 11 15.07 -21.42 3.29
CA PRO A 11 15.88 -20.35 3.87
C PRO A 11 15.46 -18.97 3.39
N VAL A 12 15.77 -17.95 4.17
CA VAL A 12 15.41 -16.57 3.82
C VAL A 12 16.65 -15.69 3.72
N THR A 13 16.67 -14.81 2.73
CA THR A 13 17.80 -13.91 2.52
C THR A 13 17.45 -12.49 2.96
N LYS A 14 18.49 -11.70 3.21
CA LYS A 14 18.31 -10.31 3.63
C LYS A 14 18.89 -9.34 2.62
N VAL A 15 18.05 -8.45 2.11
CA VAL A 15 18.48 -7.46 1.12
C VAL A 15 18.11 -6.05 1.55
N HIS A 16 18.94 -5.09 1.16
CA HIS A 16 18.69 -3.69 1.51
C HIS A 16 18.51 -2.84 0.26
N GLY A 17 17.49 -1.97 0.28
CA GLY A 17 17.22 -1.12 -0.86
C GLY A 17 16.13 -0.10 -0.57
N GLY A 18 16.04 0.91 -1.43
CA GLY A 18 15.03 1.94 -1.24
C GLY A 18 15.61 3.20 -0.61
N ALA A 19 14.94 4.33 -0.84
CA ALA A 19 15.39 5.60 -0.28
C ALA A 19 14.22 6.58 -0.13
N GLY A 20 14.03 7.07 1.09
CA GLY A 20 12.94 8.00 1.34
C GLY A 20 12.58 8.08 2.82
N SER A 21 12.17 9.26 3.26
CA SER A 21 11.79 9.46 4.66
C SER A 21 10.52 10.29 4.76
N ALA A 22 9.68 9.96 5.75
CA ALA A 22 8.43 10.68 5.96
C ALA A 22 8.63 11.85 6.91
N GLN A 23 7.90 12.94 6.64
CA GLN A 23 8.00 14.14 7.47
C GLN A 23 6.63 14.52 8.02
N ARG A 24 6.40 14.21 9.29
CA ARG A 24 5.13 14.52 9.94
C ARG A 24 3.95 14.03 9.10
N MET A 25 4.16 12.92 8.40
CA MET A 25 3.12 12.34 7.56
C MET A 25 3.56 10.99 7.01
N PRO A 26 2.58 10.11 6.74
CA PRO A 26 2.83 8.76 6.21
C PRO A 26 3.33 8.81 4.77
N LEU A 27 4.06 7.76 4.37
CA LEU A 27 4.60 7.68 3.01
C LEU A 27 3.90 6.57 2.23
N CYS A 28 3.24 6.96 1.14
CA CYS A 28 2.53 6.00 0.31
C CYS A 28 3.45 4.86 -0.11
N ASP A 29 3.03 3.64 0.22
CA ASP A 29 3.81 2.45 -0.11
C ASP A 29 3.61 2.07 -1.58
N LYS A 30 2.81 2.85 -2.29
CA LYS A 30 2.53 2.58 -3.70
C LYS A 30 3.43 3.42 -4.60
N CYS A 31 3.39 4.74 -4.40
CA CYS A 31 4.21 5.66 -5.18
C CYS A 31 5.26 6.33 -4.31
N GLY A 32 5.48 5.79 -3.13
CA GLY A 32 6.47 6.34 -2.23
C GLY A 32 6.48 7.86 -2.25
N SER A 33 5.30 8.46 -2.21
CA SER A 33 5.17 9.92 -2.23
C SER A 33 4.49 10.42 -0.96
N GLY A 34 5.06 11.45 -0.35
CA GLY A 34 4.49 12.01 0.86
C GLY A 34 2.98 12.12 0.80
N ILE A 35 2.33 11.78 1.90
CA ILE A 35 0.86 11.83 1.96
C ILE A 35 0.41 12.92 2.93
N VAL A 36 -0.40 13.86 2.42
CA VAL A 36 -0.91 14.95 3.23
C VAL A 36 -2.22 15.48 2.67
N GLY A 37 -3.29 15.36 3.45
CA GLY A 37 -4.58 15.84 3.01
C GLY A 37 -5.61 14.72 2.91
N ALA A 38 -5.21 13.61 2.32
CA ALA A 38 -6.10 12.46 2.15
C ALA A 38 -5.31 11.17 2.00
N VAL A 39 -5.58 10.20 2.86
CA VAL A 39 -4.90 8.92 2.82
C VAL A 39 -5.88 7.77 3.06
N VAL A 40 -5.42 6.55 2.77
CA VAL A 40 -6.26 5.37 2.96
C VAL A 40 -5.46 4.23 3.58
N LYS A 41 -5.64 4.02 4.88
CA LYS A 41 -4.93 2.96 5.59
C LYS A 41 -5.88 1.83 5.95
N ALA A 42 -5.52 0.61 5.56
CA ALA A 42 -6.34 -0.56 5.85
C ALA A 42 -6.08 -1.08 7.27
N ARG A 43 -4.98 -1.80 7.44
CA ARG A 43 -4.62 -2.36 8.73
C ARG A 43 -3.57 -1.49 9.43
N ASP A 44 -2.31 -1.66 9.03
CA ASP A 44 -1.22 -0.89 9.61
C ASP A 44 -0.53 -0.04 8.55
N LYS A 45 -0.66 -0.45 7.30
CA LYS A 45 -0.06 0.28 6.19
C LYS A 45 -0.95 1.41 5.72
N TYR A 46 -0.40 2.30 4.90
CA TYR A 46 -1.14 3.43 4.38
C TYR A 46 -1.03 3.52 2.86
N ARG A 47 -2.07 4.00 2.21
CA ARG A 47 -2.09 4.15 0.76
C ARG A 47 -2.92 5.35 0.33
N HIS A 48 -2.46 6.05 -0.71
CA HIS A 48 -3.16 7.22 -1.22
C HIS A 48 -4.61 6.88 -1.54
N PRO A 49 -5.45 7.92 -1.67
CA PRO A 49 -6.87 7.75 -1.98
C PRO A 49 -7.10 7.28 -3.42
N GLU A 50 -6.04 7.30 -4.22
CA GLU A 50 -6.13 6.87 -5.61
C GLU A 50 -5.21 5.68 -5.86
N CYS A 51 -4.14 5.59 -5.10
CA CYS A 51 -3.18 4.50 -5.23
C CYS A 51 -3.80 3.17 -4.78
N PHE A 52 -4.70 3.25 -3.81
CA PHE A 52 -5.37 2.06 -3.29
C PHE A 52 -5.99 1.25 -4.42
N VAL A 53 -5.32 0.16 -4.80
CA VAL A 53 -5.82 -0.70 -5.87
C VAL A 53 -5.21 -2.09 -5.76
N CYS A 54 -5.71 -3.01 -6.60
CA CYS A 54 -5.22 -4.39 -6.60
C CYS A 54 -3.79 -4.45 -7.12
N ALA A 55 -3.17 -5.61 -6.95
CA ALA A 55 -1.79 -5.81 -7.40
C ALA A 55 -1.75 -6.67 -8.66
N ASP A 56 -2.90 -7.20 -9.05
CA ASP A 56 -2.99 -8.04 -10.24
C ASP A 56 -3.79 -7.34 -11.34
N CYS A 57 -4.85 -6.65 -10.95
CA CYS A 57 -5.70 -5.94 -11.91
C CYS A 57 -5.68 -4.44 -11.63
N ASN A 58 -5.18 -4.06 -10.46
CA ASN A 58 -5.10 -2.65 -10.08
C ASN A 58 -6.50 -2.07 -9.92
N LEU A 59 -7.38 -2.80 -9.24
CA LEU A 59 -8.75 -2.34 -9.02
C LEU A 59 -8.86 -1.58 -7.70
N ASN A 60 -9.49 -0.41 -7.75
CA ASN A 60 -9.67 0.41 -6.56
C ASN A 60 -10.31 -0.39 -5.43
N LEU A 61 -9.51 -0.74 -4.43
CA LEU A 61 -9.99 -1.51 -3.30
C LEU A 61 -10.49 -0.59 -2.18
N LYS A 62 -10.71 0.67 -2.53
CA LYS A 62 -11.19 1.66 -1.57
C LYS A 62 -12.62 1.34 -1.13
N GLN A 63 -13.56 1.42 -2.08
CA GLN A 63 -14.96 1.15 -1.79
C GLN A 63 -15.19 -0.36 -1.62
N LYS A 64 -14.54 -1.15 -2.47
CA LYS A 64 -14.68 -2.60 -2.41
C LYS A 64 -13.95 -3.17 -1.21
N GLY A 65 -14.16 -4.45 -0.94
CA GLY A 65 -13.51 -5.10 0.18
C GLY A 65 -12.06 -5.43 -0.10
N TYR A 66 -11.16 -4.68 0.52
CA TYR A 66 -9.73 -4.90 0.34
C TYR A 66 -9.28 -6.20 1.00
N PHE A 67 -8.10 -6.67 0.63
CA PHE A 67 -7.56 -7.90 1.20
C PHE A 67 -6.06 -7.78 1.44
N PHE A 68 -5.50 -8.74 2.17
CA PHE A 68 -4.07 -8.73 2.48
C PHE A 68 -3.49 -10.14 2.38
N VAL A 69 -2.80 -10.41 1.28
CA VAL A 69 -2.19 -11.71 1.07
C VAL A 69 -0.68 -11.59 0.90
N GLU A 70 0.06 -12.58 1.40
CA GLU A 70 1.51 -12.59 1.32
C GLU A 70 2.06 -11.17 1.38
N GLY A 71 1.41 -10.32 2.18
CA GLY A 71 1.85 -8.94 2.33
C GLY A 71 1.56 -8.12 1.09
N GLU A 72 0.38 -8.29 0.52
CA GLU A 72 -0.02 -7.55 -0.68
C GLU A 72 -1.53 -7.39 -0.74
N LEU A 73 -1.98 -6.27 -1.33
CA LEU A 73 -3.40 -6.00 -1.45
C LEU A 73 -3.98 -6.67 -2.69
N TYR A 74 -5.26 -7.02 -2.64
CA TYR A 74 -5.93 -7.67 -3.75
C TYR A 74 -7.44 -7.45 -3.68
N CYS A 75 -8.10 -7.58 -4.83
CA CYS A 75 -9.54 -7.40 -4.90
C CYS A 75 -10.27 -8.65 -4.44
N GLU A 76 -11.53 -8.48 -4.03
CA GLU A 76 -12.34 -9.60 -3.56
C GLU A 76 -12.19 -10.81 -4.49
N THR A 77 -12.08 -10.54 -5.78
CA THR A 77 -11.94 -11.60 -6.77
C THR A 77 -10.60 -12.33 -6.61
N HIS A 78 -9.52 -11.64 -6.94
CA HIS A 78 -8.19 -12.22 -6.82
C HIS A 78 -7.92 -12.69 -5.40
N ALA A 79 -8.05 -11.77 -4.44
CA ALA A 79 -7.82 -12.11 -3.04
C ALA A 79 -8.46 -13.44 -2.68
N ARG A 80 -9.75 -13.59 -2.98
CA ARG A 80 -10.47 -14.81 -2.69
C ARG A 80 -9.71 -16.02 -3.19
N ALA A 81 -9.11 -15.89 -4.37
CA ALA A 81 -8.35 -16.99 -4.96
C ALA A 81 -7.14 -17.35 -4.10
N ARG A 82 -6.50 -16.34 -3.54
CA ARG A 82 -5.33 -16.55 -2.70
C ARG A 82 -5.74 -17.11 -1.34
N THR A 83 -6.59 -16.37 -0.63
CA THR A 83 -7.05 -16.79 0.69
C THR A 83 -8.21 -17.79 0.57
N SER A 84 -8.35 -18.37 -0.62
CA SER A 84 -9.41 -19.34 -0.86
C SER A 84 -9.42 -20.43 0.20
N GLY A 85 -10.35 -20.33 1.15
CA GLY A 85 -10.44 -21.30 2.22
C GLY A 85 -9.63 -20.91 3.44
N PRO A 86 -10.04 -19.80 4.08
CA PRO A 86 -9.36 -19.29 5.28
C PRO A 86 -9.58 -20.19 6.49
N SER A 87 -8.98 -19.80 7.62
CA SER A 87 -9.12 -20.58 8.84
C SER A 87 -10.53 -21.13 9.00
N SER A 88 -11.50 -20.22 9.07
CA SER A 88 -12.90 -20.63 9.23
C SER A 88 -13.46 -21.16 7.91
N GLY A 89 -14.52 -21.95 8.00
CA GLY A 89 -15.13 -22.50 6.80
C GLY A 89 -15.28 -21.48 5.70
N GLY A 1 9.92 -6.02 -51.38
CA GLY A 1 10.37 -5.14 -50.32
C GLY A 1 11.00 -5.90 -49.16
N SER A 2 12.30 -5.70 -48.96
CA SER A 2 13.01 -6.38 -47.89
C SER A 2 14.22 -5.56 -47.45
N SER A 3 14.79 -5.92 -46.29
CA SER A 3 15.96 -5.22 -45.77
C SER A 3 15.70 -3.72 -45.69
N GLY A 4 14.50 -3.36 -45.26
CA GLY A 4 14.14 -1.95 -45.15
C GLY A 4 13.78 -1.55 -43.74
N SER A 5 14.77 -1.13 -42.96
CA SER A 5 14.55 -0.73 -41.58
C SER A 5 15.37 0.51 -41.24
N SER A 6 14.74 1.46 -40.57
CA SER A 6 15.41 2.70 -40.18
C SER A 6 15.35 2.90 -38.67
N GLY A 7 16.30 3.67 -38.14
CA GLY A 7 16.34 3.92 -36.71
C GLY A 7 16.53 5.40 -36.39
N VAL A 8 16.16 5.79 -35.18
CA VAL A 8 16.29 7.18 -34.75
C VAL A 8 16.60 7.26 -33.25
N ARG A 9 17.67 7.98 -32.92
CA ARG A 9 18.08 8.14 -31.53
C ARG A 9 17.32 9.30 -30.88
N ALA A 10 16.82 9.07 -29.68
CA ALA A 10 16.08 10.09 -28.95
C ALA A 10 16.76 10.42 -27.62
N PRO A 11 16.43 11.58 -27.06
CA PRO A 11 16.99 12.04 -25.79
C PRO A 11 16.50 11.21 -24.60
N VAL A 12 17.26 11.23 -23.51
CA VAL A 12 16.89 10.48 -22.32
C VAL A 12 17.14 11.31 -21.06
N THR A 13 16.19 11.26 -20.12
CA THR A 13 16.31 12.00 -18.88
C THR A 13 17.27 11.32 -17.92
N LYS A 14 18.31 12.07 -17.52
CA LYS A 14 19.32 11.54 -16.60
C LYS A 14 19.22 12.22 -15.24
N VAL A 15 18.73 13.46 -15.24
CA VAL A 15 18.58 14.21 -14.00
C VAL A 15 17.58 13.54 -13.06
N HIS A 16 17.87 13.59 -11.77
CA HIS A 16 16.98 12.99 -10.77
C HIS A 16 17.29 13.53 -9.37
N GLY A 17 16.45 13.17 -8.40
CA GLY A 17 16.65 13.63 -7.04
C GLY A 17 15.36 14.04 -6.38
N GLY A 18 15.38 14.14 -5.05
CA GLY A 18 14.19 14.51 -4.31
C GLY A 18 14.42 14.54 -2.81
N ALA A 19 15.09 15.58 -2.33
CA ALA A 19 15.37 15.72 -0.91
C ALA A 19 14.52 16.82 -0.28
N GLY A 20 13.54 16.41 0.52
CA GLY A 20 12.66 17.37 1.17
C GLY A 20 11.31 16.78 1.51
N SER A 21 11.27 15.98 2.58
CA SER A 21 10.03 15.35 3.01
C SER A 21 10.08 15.03 4.51
N ALA A 22 9.23 15.70 5.28
CA ALA A 22 9.17 15.48 6.72
C ALA A 22 8.54 14.14 7.05
N GLN A 23 8.50 13.80 8.34
CA GLN A 23 7.92 12.55 8.79
C GLN A 23 6.63 12.79 9.55
N ARG A 24 6.06 13.97 9.37
CA ARG A 24 4.81 14.33 10.05
C ARG A 24 3.60 13.77 9.30
N MET A 25 3.87 12.83 8.39
CA MET A 25 2.80 12.22 7.62
C MET A 25 3.23 10.86 7.08
N PRO A 26 2.25 9.98 6.84
CA PRO A 26 2.51 8.63 6.31
C PRO A 26 2.99 8.65 4.87
N LEU A 27 3.91 7.74 4.55
CA LEU A 27 4.46 7.65 3.20
C LEU A 27 3.80 6.52 2.42
N CYS A 28 3.22 6.85 1.28
CA CYS A 28 2.55 5.87 0.44
C CYS A 28 3.47 4.68 0.16
N ASP A 29 2.87 3.57 -0.26
CA ASP A 29 3.65 2.37 -0.56
C ASP A 29 3.64 2.09 -2.06
N LYS A 30 2.56 2.51 -2.74
CA LYS A 30 2.44 2.30 -4.17
C LYS A 30 3.45 3.16 -4.94
N CYS A 31 3.45 4.45 -4.66
CA CYS A 31 4.36 5.38 -5.31
C CYS A 31 5.43 5.88 -4.34
N GLY A 32 5.07 5.95 -3.07
CA GLY A 32 6.00 6.41 -2.06
C GLY A 32 6.12 7.92 -2.02
N SER A 33 5.00 8.60 -2.22
CA SER A 33 4.97 10.06 -2.22
C SER A 33 4.27 10.59 -0.97
N GLY A 34 4.99 11.39 -0.19
CA GLY A 34 4.42 11.95 1.02
C GLY A 34 2.92 12.14 0.92
N ILE A 35 2.20 11.63 1.92
CA ILE A 35 0.74 11.75 1.94
C ILE A 35 0.29 12.82 2.93
N VAL A 36 -0.44 13.81 2.42
CA VAL A 36 -0.94 14.88 3.26
C VAL A 36 -2.25 15.46 2.70
N GLY A 37 -3.33 15.25 3.44
CA GLY A 37 -4.63 15.74 3.00
C GLY A 37 -5.63 14.63 2.78
N ALA A 38 -5.17 13.53 2.20
CA ALA A 38 -6.04 12.39 1.93
C ALA A 38 -5.23 11.10 1.80
N VAL A 39 -5.52 10.14 2.67
CA VAL A 39 -4.82 8.86 2.65
C VAL A 39 -5.78 7.70 2.91
N VAL A 40 -5.32 6.49 2.64
CA VAL A 40 -6.14 5.30 2.84
C VAL A 40 -5.35 4.20 3.54
N LYS A 41 -5.60 4.04 4.84
CA LYS A 41 -4.92 3.03 5.64
C LYS A 41 -5.88 1.91 6.03
N ALA A 42 -5.55 0.68 5.62
CA ALA A 42 -6.37 -0.48 5.92
C ALA A 42 -6.14 -0.96 7.36
N ARG A 43 -5.05 -1.70 7.56
CA ARG A 43 -4.72 -2.22 8.88
C ARG A 43 -3.68 -1.33 9.56
N ASP A 44 -2.41 -1.53 9.19
CA ASP A 44 -1.32 -0.74 9.76
C ASP A 44 -0.62 0.07 8.69
N LYS A 45 -0.76 -0.36 7.43
CA LYS A 45 -0.13 0.34 6.32
C LYS A 45 -1.03 1.45 5.79
N TYR A 46 -0.48 2.32 4.95
CA TYR A 46 -1.23 3.43 4.38
C TYR A 46 -1.05 3.48 2.87
N ARG A 47 -2.08 3.96 2.17
CA ARG A 47 -2.04 4.06 0.72
C ARG A 47 -2.86 5.25 0.24
N HIS A 48 -2.37 5.92 -0.81
CA HIS A 48 -3.05 7.08 -1.36
C HIS A 48 -4.48 6.75 -1.74
N PRO A 49 -5.32 7.78 -1.90
CA PRO A 49 -6.72 7.61 -2.28
C PRO A 49 -6.89 7.12 -3.71
N GLU A 50 -5.80 7.13 -4.47
CA GLU A 50 -5.82 6.69 -5.86
C GLU A 50 -4.91 5.48 -6.06
N CYS A 51 -3.89 5.36 -5.22
CA CYS A 51 -2.95 4.26 -5.32
C CYS A 51 -3.59 2.96 -4.84
N PHE A 52 -4.44 3.06 -3.82
CA PHE A 52 -5.12 1.90 -3.26
C PHE A 52 -5.83 1.11 -4.36
N VAL A 53 -5.22 0.00 -4.76
CA VAL A 53 -5.78 -0.85 -5.81
C VAL A 53 -5.19 -2.26 -5.75
N CYS A 54 -5.75 -3.15 -6.56
CA CYS A 54 -5.27 -4.53 -6.61
C CYS A 54 -3.87 -4.60 -7.22
N ALA A 55 -3.24 -5.77 -7.10
CA ALA A 55 -1.91 -5.97 -7.65
C ALA A 55 -1.95 -6.80 -8.92
N ASP A 56 -3.14 -7.28 -9.27
CA ASP A 56 -3.32 -8.10 -10.47
C ASP A 56 -4.18 -7.37 -11.49
N CYS A 57 -5.22 -6.69 -11.01
CA CYS A 57 -6.11 -5.95 -11.89
C CYS A 57 -6.08 -4.47 -11.58
N ASN A 58 -5.47 -4.11 -10.46
CA ASN A 58 -5.36 -2.72 -10.04
C ASN A 58 -6.75 -2.13 -9.79
N LEU A 59 -7.59 -2.87 -9.09
CA LEU A 59 -8.94 -2.42 -8.78
C LEU A 59 -8.97 -1.67 -7.46
N ASN A 60 -9.63 -0.51 -7.45
CA ASN A 60 -9.73 0.30 -6.25
C ASN A 60 -10.30 -0.52 -5.09
N LEU A 61 -9.44 -0.88 -4.14
CA LEU A 61 -9.85 -1.66 -2.99
C LEU A 61 -10.33 -0.75 -1.85
N LYS A 62 -10.59 0.51 -2.18
CA LYS A 62 -11.05 1.48 -1.20
C LYS A 62 -12.42 1.10 -0.65
N GLN A 63 -13.42 1.14 -1.50
CA GLN A 63 -14.79 0.81 -1.11
C GLN A 63 -14.96 -0.71 -0.99
N LYS A 64 -14.38 -1.43 -1.96
CA LYS A 64 -14.47 -2.88 -1.97
C LYS A 64 -13.64 -3.49 -0.83
N GLY A 65 -14.15 -4.57 -0.25
CA GLY A 65 -13.43 -5.23 0.83
C GLY A 65 -12.00 -5.58 0.46
N TYR A 66 -11.05 -4.76 0.91
CA TYR A 66 -9.65 -4.99 0.61
C TYR A 66 -9.17 -6.31 1.22
N PHE A 67 -7.95 -6.71 0.86
CA PHE A 67 -7.38 -7.95 1.36
C PHE A 67 -5.89 -7.78 1.67
N PHE A 68 -5.28 -8.84 2.18
CA PHE A 68 -3.86 -8.81 2.52
C PHE A 68 -3.24 -10.20 2.38
N VAL A 69 -2.52 -10.40 1.28
CA VAL A 69 -1.86 -11.69 1.02
C VAL A 69 -0.38 -11.50 0.71
N GLU A 70 0.47 -11.92 1.63
CA GLU A 70 1.91 -11.80 1.45
C GLU A 70 2.33 -10.33 1.46
N GLY A 71 1.66 -9.53 2.27
CA GLY A 71 1.98 -8.12 2.36
C GLY A 71 1.36 -7.31 1.23
N GLU A 72 1.04 -7.99 0.13
CA GLU A 72 0.44 -7.33 -1.03
C GLU A 72 -1.09 -7.31 -0.91
N LEU A 73 -1.71 -6.32 -1.55
CA LEU A 73 -3.16 -6.18 -1.52
C LEU A 73 -3.79 -6.85 -2.74
N TYR A 74 -5.10 -7.11 -2.65
CA TYR A 74 -5.81 -7.74 -3.75
C TYR A 74 -7.32 -7.55 -3.58
N CYS A 75 -8.05 -7.69 -4.69
CA CYS A 75 -9.50 -7.53 -4.67
C CYS A 75 -10.19 -8.82 -4.18
N GLU A 76 -11.42 -8.68 -3.71
CA GLU A 76 -12.17 -9.82 -3.21
C GLU A 76 -12.09 -11.00 -4.19
N THR A 77 -12.04 -10.68 -5.47
CA THR A 77 -11.96 -11.71 -6.51
C THR A 77 -10.63 -12.46 -6.44
N HIS A 78 -9.55 -11.79 -6.83
CA HIS A 78 -8.23 -12.39 -6.79
C HIS A 78 -7.87 -12.88 -5.40
N ALA A 79 -7.87 -11.97 -4.43
CA ALA A 79 -7.56 -12.31 -3.05
C ALA A 79 -8.18 -13.65 -2.67
N ARG A 80 -9.49 -13.77 -2.84
CA ARG A 80 -10.20 -15.00 -2.51
C ARG A 80 -9.47 -16.21 -3.08
N ALA A 81 -8.93 -16.05 -4.28
CA ALA A 81 -8.21 -17.14 -4.94
C ALA A 81 -6.84 -17.35 -4.31
N ARG A 82 -6.32 -16.31 -3.66
CA ARG A 82 -5.02 -16.37 -3.03
C ARG A 82 -5.11 -17.08 -1.67
N THR A 83 -5.82 -16.46 -0.74
CA THR A 83 -5.99 -17.04 0.59
C THR A 83 -6.71 -18.38 0.53
N SER A 84 -7.65 -18.50 -0.40
CA SER A 84 -8.41 -19.74 -0.56
C SER A 84 -9.07 -20.14 0.76
N GLY A 85 -9.44 -19.14 1.55
CA GLY A 85 -10.08 -19.41 2.83
C GLY A 85 -11.58 -19.13 2.79
N PRO A 86 -11.94 -17.84 2.74
CA PRO A 86 -13.34 -17.41 2.71
C PRO A 86 -14.02 -17.76 1.39
N SER A 87 -13.31 -18.48 0.53
CA SER A 87 -13.84 -18.88 -0.77
C SER A 87 -12.96 -19.93 -1.42
N SER A 88 -13.51 -20.63 -2.41
CA SER A 88 -12.77 -21.67 -3.12
C SER A 88 -13.23 -21.78 -4.57
N GLY A 89 -12.28 -21.83 -5.49
CA GLY A 89 -12.61 -21.93 -6.90
C GLY A 89 -11.52 -21.40 -7.79
#